data_8VYJ
#
_entry.id   8VYJ
#
_cell.length_a   1.00
_cell.length_b   1.00
_cell.length_c   1.00
_cell.angle_alpha   90.00
_cell.angle_beta   90.00
_cell.angle_gamma   90.00
#
_symmetry.space_group_name_H-M   'P 1'
#
loop_
_entity.id
_entity.type
_entity.pdbx_description
1 polymer 'Sodium channel protein type 5 subunit alpha'
2 branched 2-acetamido-2-deoxy-beta-D-glucopyranose-(1-4)-2-acetamido-2-deoxy-beta-D-glucopyranose-(1-4)-2-acetamido-2-deoxy-beta-D-glucopyranose-(1-4)-2-acetamido-2-deoxy-beta-D-glucopyranose-(1-4)-2-acetamido-2-deoxy-beta-D-glucopyranose
3 branched 2-acetamido-2-deoxy-beta-D-glucopyranose-(1-4)-2-acetamido-2-deoxy-beta-D-glucopyranose
4 non-polymer '[(2~{R})-1-[2-azanylethoxy(oxidanyl)phosphoryl]oxy-3-hexadecanoyloxy-propan-2-yl] (~{Z})-octadec-9-enoate'
5 non-polymer 'CHOLESTEROL HEMISUCCINATE'
6 non-polymer 2-acetamido-2-deoxy-beta-D-glucopyranose
#
_entity_poly.entity_id   1
_entity_poly.type   'polypeptide(L)'
_entity_poly.pdbx_seq_one_letter_code
;MANFLLPRGTSSFRRFTRESLAAIEKRMAEKQARGSTTLQESREGLPEEEAPRPQLDLQASKKLPDLYGNPPQELIGEPL
EDLDPFYSTQKTFIVLNKGKTIFRFSATNALYVLSPFHPIRRAAVKILVHSLFNMLIMCTILTNCVFMAQHDPPPWTKYV
EYTFTAIYTFESLVKILARGFCLHAFTFLRDPWNWLDFSVIIMAYTTEFVDLGNVSALRTFRVLRALKTISVISGLKTIV
GALIQSVKKLADVMVLTVFCLSVFALIGLQLFMGNLRHKCVRNFTALNGTNGSVEADGLVWESLDLYLSDPENYLLKNGT
SDVLLCGNSSDAGTCPEGYRCLKAGENPDHGYTSFDSFAWAFLALFRLMTQDCWERLYQQTLRSAGKIYMIFFMLVIFLG
SFYLVNLILAVVAMAYEEQNQATIAETEEKEKRFQEAMEMLKKEHEALTIRGVDTVSRSSLEMSPLAPVNSHERRSKRRK
RMSSGTEECGEDRLPKSDSEDGPRAMNHLSLTRGLSRTSMKPRSSRGSIFTFRRRDLGSEADFADDENSTAGESESHHTS
LLVPWPLRRTSAQGQPSPGTSAPGHALHGKKNSTVDCNGVVSLLGAGDPEATSPGSHLLRPVMLEHPPDTTTPSEEPGGP
QMLTSQAPCVDGFEEPGARQRALSAVSVLTSALEELEESRHKCPPCWNRLAQRYLIWECCPLWMSIKQGVKLVVMDPFTD
LTITMCIVLNTLFMALEHYNMTSEFEEMLQVGNLVFTGIFTAEMTFKIIALDPYYYFQQGWNIFDSIIVILSLMELGLSR
MSNLSVLRSFRLLRVFKLAKSWPTLNTLIKIIGNSVGALGNLTLVLAIIVFIFAVVGMQLFGKNYSELRDSDSGLLPRWH
MMDFFHAFLIIFRILCGEWIETMWDCMEVSGQSLCLLVFLLVMVIGNLVVLNLFLALLLSSFSADNLTAPDEDREMNNLQ
LALARIQRGLRFVKRTTWDFCCGLLRQRPQKPAALAAQGQLPSCIATPYSPPPPETEKVPPTRKETRFEEGEQPGQGTPG
DPEPVCVPIAVAESDTDDQEEDEENSLGTEEESSKQQESQPVSGGPEAPPDSRTWSQVSATASSEAEASASQADWRQQWK
AEPQAPGCGETPEDSCSEGSTADMTNTAELLEQIPDLGQDVKDPEDCFTEGCVRRCPCCAVDTTQAPGKVWWRLRKTCYH
IVEHSWFETFIIFMILLSSGALAFEDIYLEERKTIKVLLEYADKMFTYVFVLEMLLKWVAYGFKKYFTNAWCWLDFLIVD
VSLVSLVANTLGFAEMGPIKSLRTLRALRPLRALSRFEGMRVVVNALVGAIPSIMNVLLVCLIFWLIFSIMGVNLFAGKF
GRCINQTEGDLPLNYTIVNNKSQCESLNLTGELYWTKVKVNFDNVGAGYLALLQVATFKGWMDIMYAAVDSRGYEEQPQW
EYNLYMYIYFVIFIIFGSFFTLNLFIGVIIDNFNQQKKKLGGQDIFMTEEQKKYYNAMKKLGSKKPQKPIPRPLNKYQGF
IFDIVTKQAFDVTIMFLICLNMVTMMVETDDQSPEKINILAKINLLFVAIFTGECIVKLAALRHYYFTNSWNIFDFVVVI
LSIVGTVLSDIIQKYFFSPTLFRVIRLARIGRILRLIRGAKGIRTLLFALMMSLPALFNIGLLLFLVMFIYSIFGMANFA
YVKWEAGIDDMFNFQTFANSMLCLFQITTSAGWDGLLSPILNTGPPYCDPTLPNSNGSRGDCGSPAVGILFFTTYIIISF
LIVVNMYIAIILENFSVATEESTEPLSEDDFDMFYEIWEKFDPEATQFIEYSVLSDFADALSEPLRIAKPNQISLINMDL
PMVSGDRIHCMDILFAFTKRVLGESGEMDALKIQMEEKFMAANPSKISYEPITTTLRRKHEEVSAMVIQRAFRRHLLQRS
LKHASFLFRQQAGSGLSEEDAPEREGLIAYVMSENFSRPLGPPSSSSISSTSFPPSYDSVTRATSDNLQVRGSDYSHSED
LADFPPSPDRDRESIV
;
_entity_poly.pdbx_strand_id   A
#
loop_
_chem_comp.id
_chem_comp.type
_chem_comp.name
_chem_comp.formula
6OU non-polymer '[(2~{R})-1-[2-azanylethoxy(oxidanyl)phosphoryl]oxy-3-hexadecanoyloxy-propan-2-yl] (~{Z})-octadec-9-enoate' 'C39 H76 N O8 P'
NAG D-saccharide, beta linking 2-acetamido-2-deoxy-beta-D-glucopyranose 'C8 H15 N O6'
Y01 non-polymer 'CHOLESTEROL HEMISUCCINATE' 'C31 H50 O4'
#
# COMPACT_ATOMS: atom_id res chain seq x y z
N SER A 12 -27.17 26.27 43.94
CA SER A 12 -27.34 27.69 43.64
C SER A 12 -28.70 28.19 44.12
N PHE A 13 -29.66 28.25 43.19
CA PHE A 13 -31.01 28.69 43.51
C PHE A 13 -32.00 27.96 42.62
N ARG A 14 -33.25 27.89 43.09
CA ARG A 14 -34.29 27.23 42.30
C ARG A 14 -34.57 27.98 41.00
N ARG A 15 -34.65 29.31 41.07
CA ARG A 15 -34.88 30.13 39.89
C ARG A 15 -34.11 31.44 40.01
N PHE A 16 -33.85 32.05 38.87
CA PHE A 16 -33.05 33.26 38.82
C PHE A 16 -33.83 34.46 39.39
N THR A 17 -33.07 35.44 39.86
CA THR A 17 -33.62 36.70 40.36
C THR A 17 -33.04 37.86 39.55
N ARG A 18 -33.78 38.96 39.51
CA ARG A 18 -33.35 40.11 38.72
C ARG A 18 -32.05 40.71 39.25
N GLU A 19 -31.88 40.78 40.57
CA GLU A 19 -30.71 41.39 41.18
C GLU A 19 -29.52 40.43 41.28
N SER A 20 -29.68 39.18 40.85
CA SER A 20 -28.58 38.22 40.96
C SER A 20 -27.39 38.63 40.10
N LEU A 21 -27.63 39.09 38.87
CA LEU A 21 -26.56 39.42 37.94
C LEU A 21 -26.09 40.86 38.06
N ALA A 22 -26.76 41.69 38.87
CA ALA A 22 -26.39 43.10 38.98
C ALA A 22 -25.02 43.27 39.60
N ALA A 23 -24.69 42.42 40.58
CA ALA A 23 -23.42 42.56 41.29
C ALA A 23 -22.22 42.40 40.35
N ILE A 24 -22.35 41.58 39.32
CA ILE A 24 -21.29 41.42 38.33
C ILE A 24 -21.48 42.34 37.13
N GLU A 25 -22.71 42.75 36.83
CA GLU A 25 -22.93 43.68 35.72
C GLU A 25 -22.41 45.07 36.05
N LYS A 26 -22.45 45.46 37.33
CA LYS A 26 -21.93 46.76 37.73
C LYS A 26 -20.41 46.80 37.80
N ARG A 27 -19.74 45.65 37.63
CA ARG A 27 -18.29 45.59 37.73
C ARG A 27 -17.62 45.12 36.45
N MET A 28 -18.31 44.38 35.58
CA MET A 28 -17.68 43.89 34.35
C MET A 28 -17.27 45.04 33.44
N ALA A 29 -18.12 46.06 33.32
CA ALA A 29 -17.84 47.16 32.40
C ALA A 29 -16.68 48.02 32.85
N GLU A 30 -16.27 47.94 34.11
CA GLU A 30 -15.20 48.76 34.66
C GLU A 30 -13.89 47.99 34.80
N LYS A 31 -13.78 46.82 34.16
CA LYS A 31 -12.54 46.05 34.23
C LYS A 31 -11.38 46.79 33.56
N GLN A 32 -11.64 47.50 32.46
CA GLN A 32 -10.57 48.17 31.73
C GLN A 32 -9.92 49.27 32.56
N ALA A 33 -10.66 49.86 33.51
CA ALA A 33 -10.15 50.96 34.30
C ALA A 33 -10.03 50.62 35.78
N ARG A 34 -11.09 50.12 36.40
CA ARG A 34 -11.12 49.85 37.83
C ARG A 34 -10.87 48.38 38.17
N GLY A 35 -11.41 47.46 37.37
CA GLY A 35 -11.26 46.05 37.68
C GLY A 35 -9.83 45.58 37.63
N SER A 36 -9.06 46.05 36.64
CA SER A 36 -7.67 45.65 36.49
C SER A 36 -6.73 46.62 37.19
N THR A 37 -6.90 47.92 36.95
CA THR A 37 -6.04 48.93 37.57
C THR A 37 -6.84 49.83 38.50
N GLU A 49 0.88 37.15 33.92
CA GLU A 49 0.22 35.90 34.31
C GLU A 49 -1.19 35.83 33.74
N GLU A 50 -1.30 35.32 32.52
CA GLU A 50 -2.59 35.16 31.86
C GLU A 50 -2.93 33.69 31.66
N ALA A 51 -2.06 32.92 31.01
CA ALA A 51 -2.19 31.48 30.82
C ALA A 51 -3.55 31.10 30.23
N PRO A 52 -3.78 31.35 28.94
CA PRO A 52 -5.05 30.93 28.32
C PRO A 52 -5.20 29.42 28.38
N ARG A 53 -6.24 28.98 29.08
CA ARG A 53 -6.46 27.56 29.35
C ARG A 53 -7.92 27.20 29.17
N PRO A 54 -8.27 25.92 29.04
CA PRO A 54 -9.69 25.54 28.99
C PRO A 54 -10.46 25.84 30.26
N GLN A 55 -9.80 26.34 31.31
CA GLN A 55 -10.43 26.74 32.57
C GLN A 55 -11.17 25.56 33.21
N LEU A 56 -10.39 24.57 33.60
CA LEU A 56 -10.86 23.41 34.36
C LEU A 56 -11.96 22.66 33.61
N ASP A 57 -11.74 22.47 32.32
CA ASP A 57 -12.62 21.66 31.46
C ASP A 57 -14.02 22.28 31.49
N LEU A 58 -15.07 21.51 31.72
CA LEU A 58 -16.45 22.00 31.82
C LEU A 58 -16.88 22.69 30.52
N GLN A 59 -16.90 21.90 29.45
CA GLN A 59 -17.40 22.32 28.16
C GLN A 59 -18.74 21.65 27.89
N ALA A 60 -19.28 21.88 26.69
CA ALA A 60 -20.59 21.38 26.34
C ALA A 60 -20.51 19.92 25.90
N SER A 61 -21.68 19.26 25.89
CA SER A 61 -21.83 17.89 25.42
C SER A 61 -20.94 16.92 26.18
N LYS A 62 -20.94 17.07 27.51
CA LYS A 62 -20.15 16.19 28.37
C LYS A 62 -20.89 15.97 29.68
N LYS A 63 -20.56 14.86 30.35
CA LYS A 63 -21.12 14.57 31.66
C LYS A 63 -20.40 15.34 32.75
N LEU A 64 -19.09 15.06 32.90
CA LEU A 64 -18.22 15.76 33.84
C LEU A 64 -18.77 15.83 35.27
N PRO A 65 -18.93 14.67 35.95
CA PRO A 65 -19.17 14.72 37.40
C PRO A 65 -17.88 14.94 38.18
N ASP A 66 -17.72 16.13 38.74
CA ASP A 66 -16.48 16.47 39.43
C ASP A 66 -16.69 17.15 40.77
N LEU A 67 -17.69 18.03 40.89
CA LEU A 67 -17.88 18.80 42.10
C LEU A 67 -18.84 18.11 43.07
N TYR A 68 -20.07 17.84 42.63
CA TYR A 68 -21.09 17.22 43.46
C TYR A 68 -21.14 15.71 43.27
N GLY A 69 -21.36 15.25 42.03
CA GLY A 69 -21.45 13.85 41.74
C GLY A 69 -22.79 13.22 42.05
N ASN A 70 -23.76 13.98 42.53
CA ASN A 70 -25.09 13.48 42.85
C ASN A 70 -26.14 14.22 42.04
N PRO A 71 -27.00 13.52 41.32
CA PRO A 71 -28.02 14.19 40.51
C PRO A 71 -29.00 14.96 41.38
N PRO A 72 -29.47 16.12 40.91
CA PRO A 72 -30.46 16.87 41.68
C PRO A 72 -31.83 16.18 41.64
N GLN A 73 -32.75 16.73 42.43
CA GLN A 73 -34.09 16.15 42.52
C GLN A 73 -34.96 16.59 41.34
N GLU A 74 -35.16 17.90 41.19
CA GLU A 74 -36.00 18.43 40.12
C GLU A 74 -35.42 19.73 39.58
N LEU A 75 -34.10 19.77 39.39
CA LEU A 75 -33.41 20.96 38.89
C LEU A 75 -33.08 20.85 37.41
N ILE A 76 -33.97 20.23 36.63
CA ILE A 76 -33.74 19.97 35.21
C ILE A 76 -34.49 21.02 34.40
N GLY A 77 -33.80 21.61 33.42
CA GLY A 77 -34.43 22.59 32.55
C GLY A 77 -34.50 23.98 33.11
N GLU A 78 -33.51 24.40 33.89
CA GLU A 78 -33.48 25.74 34.46
C GLU A 78 -32.12 26.37 34.25
N PRO A 79 -32.05 27.69 34.12
CA PRO A 79 -30.74 28.35 34.07
C PRO A 79 -30.04 28.29 35.41
N LEU A 80 -28.72 28.34 35.37
CA LEU A 80 -27.88 28.27 36.55
C LEU A 80 -27.01 29.52 36.66
N GLU A 81 -26.48 29.75 37.87
CA GLU A 81 -25.68 30.93 38.18
C GLU A 81 -24.28 30.91 37.58
N ASP A 82 -23.97 29.95 36.72
CA ASP A 82 -22.66 29.86 36.06
C ASP A 82 -21.53 29.72 37.08
N LEU A 83 -21.55 28.59 37.79
CA LEU A 83 -20.44 28.26 38.68
C LEU A 83 -19.25 27.82 37.85
N ASP A 84 -18.36 28.75 37.52
CA ASP A 84 -17.25 28.50 36.62
C ASP A 84 -16.21 29.58 36.84
N PRO A 85 -14.96 29.34 36.42
CA PRO A 85 -13.96 30.40 36.47
C PRO A 85 -14.38 31.59 35.61
N PHE A 86 -13.96 32.78 36.04
CA PHE A 86 -14.44 34.02 35.43
C PHE A 86 -14.03 34.16 33.96
N TYR A 87 -13.06 33.37 33.51
CA TYR A 87 -12.61 33.49 32.12
C TYR A 87 -13.73 33.18 31.14
N SER A 88 -14.68 32.33 31.52
CA SER A 88 -15.77 31.90 30.65
C SER A 88 -17.11 32.01 31.38
N THR A 89 -17.33 33.13 32.06
CA THR A 89 -18.62 33.38 32.71
C THR A 89 -19.35 34.56 32.07
N GLN A 90 -18.74 35.75 32.04
CA GLN A 90 -19.35 36.94 31.49
C GLN A 90 -20.80 37.08 31.93
N LYS A 91 -21.73 36.98 30.99
CA LYS A 91 -23.16 36.95 31.28
C LYS A 91 -23.79 35.62 30.88
N THR A 92 -23.00 34.64 30.48
CA THR A 92 -23.53 33.36 30.04
C THR A 92 -24.00 32.53 31.23
N PHE A 93 -24.90 31.58 30.95
CA PHE A 93 -25.39 30.65 31.95
C PHE A 93 -25.46 29.25 31.35
N ILE A 94 -25.36 28.25 32.22
CA ILE A 94 -25.33 26.85 31.81
C ILE A 94 -26.61 26.16 32.24
N VAL A 95 -27.21 25.41 31.32
CA VAL A 95 -28.41 24.64 31.58
C VAL A 95 -28.09 23.16 31.35
N LEU A 96 -28.65 22.31 32.21
CA LEU A 96 -28.45 20.87 32.16
C LEU A 96 -29.77 20.17 31.90
N ASN A 97 -29.70 19.03 31.22
CA ASN A 97 -30.85 18.20 30.95
C ASN A 97 -30.87 17.01 31.92
N LYS A 98 -31.76 16.06 31.67
CA LYS A 98 -31.75 14.82 32.45
C LYS A 98 -30.44 14.07 32.28
N GLY A 99 -29.77 14.26 31.15
CA GLY A 99 -28.45 13.69 30.89
C GLY A 99 -27.30 14.56 31.35
N LYS A 100 -27.58 15.64 32.08
CA LYS A 100 -26.54 16.53 32.60
C LYS A 100 -25.64 17.08 31.50
N THR A 101 -26.24 17.42 30.36
CA THR A 101 -25.50 18.01 29.26
C THR A 101 -25.36 19.51 29.48
N ILE A 102 -24.12 19.99 29.44
CA ILE A 102 -23.84 21.41 29.65
C ILE A 102 -24.23 22.18 28.39
N PHE A 103 -25.10 23.16 28.53
CA PHE A 103 -25.51 24.02 27.42
C PHE A 103 -25.32 25.47 27.84
N ARG A 104 -24.41 26.17 27.17
CA ARG A 104 -24.05 27.54 27.51
C ARG A 104 -24.84 28.52 26.66
N PHE A 105 -25.30 29.61 27.28
CA PHE A 105 -26.08 30.62 26.59
C PHE A 105 -25.72 31.99 27.16
N SER A 106 -25.14 32.85 26.32
CA SER A 106 -24.80 34.20 26.74
C SER A 106 -26.06 35.05 26.81
N ALA A 107 -26.25 35.75 27.93
CA ALA A 107 -27.44 36.54 28.19
C ALA A 107 -27.13 38.02 27.98
N THR A 108 -27.61 38.58 26.88
CA THR A 108 -27.45 39.99 26.58
C THR A 108 -28.74 40.54 25.99
N ASN A 109 -28.85 41.86 25.98
CA ASN A 109 -30.03 42.51 25.41
C ASN A 109 -30.11 42.25 23.91
N ALA A 110 -31.32 41.96 23.43
CA ALA A 110 -31.56 41.64 22.04
C ALA A 110 -32.49 42.66 21.38
N LEU A 111 -32.40 43.92 21.83
CA LEU A 111 -33.23 45.01 21.33
C LEU A 111 -34.71 44.69 21.48
N TYR A 112 -35.56 45.47 20.80
CA TYR A 112 -37.02 45.29 20.82
C TYR A 112 -37.48 45.37 22.29
N VAL A 113 -38.42 44.52 22.71
CA VAL A 113 -38.85 44.44 24.10
C VAL A 113 -38.33 43.16 24.76
N LEU A 114 -37.56 42.35 24.03
CA LEU A 114 -37.06 41.10 24.55
C LEU A 114 -36.14 41.32 25.74
N SER A 115 -36.18 40.38 26.69
CA SER A 115 -35.35 40.39 27.87
C SER A 115 -34.81 38.98 28.10
N PRO A 116 -33.62 38.86 28.69
CA PRO A 116 -33.11 37.53 29.04
C PRO A 116 -34.00 36.79 30.03
N PHE A 117 -34.82 37.50 30.81
CA PHE A 117 -35.79 36.89 31.70
C PHE A 117 -37.18 37.18 31.14
N HIS A 118 -37.61 36.33 30.20
CA HIS A 118 -38.93 36.47 29.58
C HIS A 118 -39.33 35.12 29.02
N PRO A 119 -40.59 34.70 29.17
CA PRO A 119 -40.96 33.32 28.85
C PRO A 119 -40.67 32.92 27.43
N ILE A 120 -40.63 33.88 26.49
CA ILE A 120 -40.30 33.55 25.11
C ILE A 120 -38.89 33.01 24.98
N ARG A 121 -38.04 33.24 25.99
CA ARG A 121 -36.71 32.63 26.01
C ARG A 121 -36.64 31.40 26.89
N ARG A 122 -37.41 31.36 27.98
CA ARG A 122 -37.47 30.16 28.80
C ARG A 122 -37.97 28.97 28.00
N ALA A 123 -39.01 29.18 27.20
CA ALA A 123 -39.54 28.10 26.38
C ALA A 123 -38.51 27.61 25.36
N ALA A 124 -37.85 28.56 24.68
CA ALA A 124 -36.87 28.16 23.68
C ALA A 124 -35.73 27.38 24.31
N VAL A 125 -35.25 27.83 25.47
CA VAL A 125 -34.18 27.11 26.16
C VAL A 125 -34.64 25.72 26.56
N LYS A 126 -35.88 25.60 27.07
CA LYS A 126 -36.34 24.30 27.53
C LYS A 126 -36.51 23.33 26.36
N ILE A 127 -36.90 23.82 25.19
CA ILE A 127 -36.94 22.92 24.03
C ILE A 127 -35.53 22.57 23.58
N LEU A 128 -34.60 23.54 23.61
CA LEU A 128 -33.27 23.29 23.09
C LEU A 128 -32.51 22.29 23.94
N VAL A 129 -32.65 22.38 25.27
CA VAL A 129 -31.91 21.47 26.14
C VAL A 129 -32.43 20.04 26.01
N HIS A 130 -33.75 19.87 25.83
CA HIS A 130 -34.35 18.55 25.81
C HIS A 130 -33.88 17.75 24.60
N SER A 131 -33.74 16.44 24.79
CA SER A 131 -33.25 15.56 23.74
C SER A 131 -34.34 15.06 22.81
N LEU A 132 -35.62 15.20 23.19
CA LEU A 132 -36.70 14.63 22.40
C LEU A 132 -36.68 15.13 20.97
N PHE A 133 -36.66 16.45 20.79
CA PHE A 133 -36.66 16.99 19.43
C PHE A 133 -35.39 16.60 18.68
N ASN A 134 -34.30 16.30 19.41
CA ASN A 134 -33.14 15.70 18.76
C ASN A 134 -33.51 14.48 17.95
N MET A 135 -34.21 13.54 18.58
CA MET A 135 -34.72 12.38 17.86
C MET A 135 -35.50 12.81 16.64
N LEU A 136 -36.35 13.83 16.79
CA LEU A 136 -37.15 14.31 15.68
C LEU A 136 -36.28 14.63 14.47
N ILE A 137 -35.16 15.31 14.70
CA ILE A 137 -34.27 15.65 13.59
C ILE A 137 -33.76 14.39 12.92
N MET A 138 -33.33 13.42 13.73
CA MET A 138 -32.83 12.16 13.17
C MET A 138 -33.93 11.38 12.48
N CYS A 139 -35.19 11.67 12.81
CA CYS A 139 -36.29 11.02 12.12
C CYS A 139 -36.58 11.65 10.77
N THR A 140 -36.07 12.86 10.51
CA THR A 140 -36.39 13.54 9.27
C THR A 140 -35.35 13.30 8.18
N ILE A 141 -34.09 13.68 8.44
CA ILE A 141 -33.12 13.75 7.36
C ILE A 141 -32.90 12.38 6.72
N LEU A 142 -32.91 11.31 7.53
CA LEU A 142 -32.73 9.98 6.96
C LEU A 142 -33.83 9.67 5.95
N THR A 143 -35.08 10.02 6.26
CA THR A 143 -36.16 9.86 5.30
C THR A 143 -35.85 10.62 4.02
N ASN A 144 -35.33 11.84 4.16
CA ASN A 144 -34.93 12.61 2.98
C ASN A 144 -33.94 11.83 2.13
N CYS A 145 -32.99 11.15 2.78
CA CYS A 145 -31.97 10.40 2.05
C CYS A 145 -32.57 9.32 1.17
N VAL A 146 -33.80 8.90 1.44
CA VAL A 146 -34.46 7.98 0.54
C VAL A 146 -35.05 8.72 -0.65
N PHE A 147 -35.82 9.78 -0.38
CA PHE A 147 -36.50 10.50 -1.46
C PHE A 147 -35.51 11.13 -2.43
N MET A 148 -34.28 11.34 -1.99
CA MET A 148 -33.25 11.95 -2.81
C MET A 148 -32.57 10.94 -3.74
N ALA A 149 -32.77 9.64 -3.50
CA ALA A 149 -32.10 8.61 -4.28
C ALA A 149 -32.84 8.21 -5.54
N GLN A 150 -34.01 8.78 -5.79
CA GLN A 150 -34.78 8.43 -6.99
C GLN A 150 -34.39 9.35 -8.15
N HIS A 151 -34.36 8.76 -9.36
CA HIS A 151 -34.05 9.49 -10.57
C HIS A 151 -35.27 9.95 -11.34
N ASP A 152 -36.42 9.32 -11.13
CA ASP A 152 -37.67 9.69 -11.80
C ASP A 152 -38.73 9.88 -10.74
N PRO A 153 -38.69 10.99 -10.02
CA PRO A 153 -39.62 11.18 -8.90
C PRO A 153 -41.05 11.32 -9.42
N PRO A 154 -42.02 10.85 -8.66
CA PRO A 154 -43.42 11.04 -9.03
C PRO A 154 -43.80 12.51 -8.97
N PRO A 155 -44.81 12.94 -9.74
CA PRO A 155 -45.18 14.36 -9.75
C PRO A 155 -45.69 14.88 -8.42
N TRP A 156 -46.19 14.02 -7.53
CA TRP A 156 -46.79 14.48 -6.28
C TRP A 156 -45.78 14.65 -5.16
N THR A 157 -44.52 14.25 -5.37
CA THR A 157 -43.53 14.40 -4.31
C THR A 157 -43.24 15.87 -3.99
N LYS A 158 -43.56 16.77 -4.91
CA LYS A 158 -43.33 18.20 -4.70
C LYS A 158 -43.97 18.66 -3.40
N TYR A 159 -45.24 18.28 -3.18
CA TYR A 159 -45.92 18.62 -1.94
C TYR A 159 -45.11 18.20 -0.73
N VAL A 160 -44.62 16.95 -0.74
CA VAL A 160 -43.88 16.44 0.40
C VAL A 160 -42.68 17.33 0.69
N GLU A 161 -42.09 17.90 -0.37
CA GLU A 161 -40.93 18.77 -0.19
C GLU A 161 -41.23 19.88 0.81
N TYR A 162 -42.37 20.57 0.65
CA TYR A 162 -42.71 21.64 1.57
C TYR A 162 -42.64 21.16 3.01
N THR A 163 -43.21 19.98 3.28
CA THR A 163 -43.22 19.44 4.63
C THR A 163 -41.82 19.46 5.22
N PHE A 164 -40.83 18.98 4.45
CA PHE A 164 -39.46 18.93 4.96
C PHE A 164 -39.01 20.31 5.39
N THR A 165 -39.20 21.31 4.53
CA THR A 165 -38.84 22.67 4.89
C THR A 165 -39.57 23.10 6.15
N ALA A 166 -40.87 22.80 6.23
CA ALA A 166 -41.68 23.22 7.37
C ALA A 166 -41.14 22.68 8.69
N ILE A 167 -40.15 21.80 8.67
CA ILE A 167 -39.51 21.33 9.88
C ILE A 167 -38.18 22.04 10.11
N TYR A 168 -37.35 22.13 9.07
CA TYR A 168 -35.97 22.58 9.26
C TYR A 168 -35.93 23.99 9.83
N THR A 169 -36.68 24.90 9.23
CA THR A 169 -36.71 26.28 9.72
C THR A 169 -37.04 26.32 11.20
N PHE A 170 -37.96 25.45 11.64
CA PHE A 170 -38.33 25.42 13.06
C PHE A 170 -37.09 25.33 13.93
N GLU A 171 -36.21 24.38 13.63
CA GLU A 171 -35.00 24.23 14.42
C GLU A 171 -34.25 25.55 14.51
N SER A 172 -33.98 26.15 13.35
CA SER A 172 -33.21 27.38 13.35
C SER A 172 -33.88 28.41 14.26
N LEU A 173 -35.20 28.54 14.14
CA LEU A 173 -35.91 29.54 14.93
C LEU A 173 -35.58 29.38 16.41
N VAL A 174 -35.74 28.16 16.94
CA VAL A 174 -35.59 28.01 18.38
C VAL A 174 -34.18 28.40 18.80
N LYS A 175 -33.18 28.05 17.98
CA LYS A 175 -31.81 28.37 18.34
C LYS A 175 -31.62 29.87 18.45
N ILE A 176 -32.17 30.63 17.49
CA ILE A 176 -32.10 32.07 17.56
C ILE A 176 -32.68 32.56 18.88
N LEU A 177 -33.84 32.03 19.24
CA LEU A 177 -34.55 32.52 20.42
C LEU A 177 -33.75 32.26 21.69
N ALA A 178 -32.72 31.43 21.62
CA ALA A 178 -31.90 31.15 22.80
C ALA A 178 -30.66 32.02 22.88
N ARG A 179 -30.14 32.52 21.76
CA ARG A 179 -28.83 33.17 21.80
C ARG A 179 -28.71 34.47 21.02
N GLY A 180 -29.65 34.81 20.16
CA GLY A 180 -29.50 35.97 19.29
C GLY A 180 -28.89 35.59 17.94
N PHE A 181 -29.08 36.48 16.96
CA PHE A 181 -28.67 36.16 15.59
C PHE A 181 -27.18 36.42 15.37
N CYS A 182 -26.77 37.70 15.45
CA CYS A 182 -25.35 38.03 15.36
C CYS A 182 -24.99 39.20 16.26
N LEU A 183 -25.67 39.37 17.38
CA LEU A 183 -25.68 40.67 18.07
C LEU A 183 -24.39 40.90 18.86
N HIS A 184 -24.17 40.11 19.91
CA HIS A 184 -23.12 40.42 20.88
C HIS A 184 -22.03 39.36 20.93
N ALA A 185 -22.37 38.10 21.24
CA ALA A 185 -21.39 37.06 21.49
C ALA A 185 -22.14 35.74 21.69
N PHE A 186 -21.41 34.63 21.52
CA PHE A 186 -21.95 33.29 21.71
C PHE A 186 -23.26 33.08 20.93
N THR A 187 -23.38 33.77 19.80
CA THR A 187 -24.63 33.77 19.05
C THR A 187 -24.75 32.49 18.23
N PHE A 188 -25.87 32.38 17.52
CA PHE A 188 -26.12 31.22 16.67
C PHE A 188 -25.12 31.11 15.54
N LEU A 189 -24.53 32.23 15.12
CA LEU A 189 -23.59 32.25 14.00
C LEU A 189 -22.13 32.26 14.44
N ARG A 190 -21.84 31.78 15.65
CA ARG A 190 -20.45 31.69 16.09
C ARG A 190 -19.89 30.28 15.98
N ASP A 191 -20.73 29.26 15.97
CA ASP A 191 -20.28 27.88 15.81
C ASP A 191 -20.03 27.58 14.34
N PRO A 192 -18.88 27.01 13.99
CA PRO A 192 -18.61 26.70 12.57
C PRO A 192 -19.64 25.76 11.95
N TRP A 193 -20.15 24.79 12.70
CA TRP A 193 -21.12 23.86 12.15
C TRP A 193 -22.50 24.50 11.94
N ASN A 194 -22.72 25.72 12.42
CA ASN A 194 -24.05 26.28 12.42
C ASN A 194 -24.44 26.81 11.04
N TRP A 195 -23.65 27.76 10.51
CA TRP A 195 -24.10 28.50 9.34
C TRP A 195 -24.32 27.61 8.13
N LEU A 196 -23.77 26.38 8.15
CA LEU A 196 -24.04 25.43 7.07
C LEU A 196 -25.54 25.26 6.84
N ASP A 197 -26.32 25.16 7.91
CA ASP A 197 -27.76 24.98 7.74
C ASP A 197 -28.41 26.24 7.19
N PHE A 198 -27.81 27.41 7.44
CA PHE A 198 -28.40 28.67 7.03
C PHE A 198 -28.69 28.67 5.53
N SER A 199 -27.69 28.29 4.73
CA SER A 199 -27.87 28.26 3.28
C SER A 199 -28.98 27.28 2.90
N VAL A 200 -29.08 26.16 3.62
CA VAL A 200 -30.13 25.20 3.33
C VAL A 200 -31.50 25.85 3.49
N ILE A 201 -31.62 26.80 4.42
CA ILE A 201 -32.88 27.52 4.55
C ILE A 201 -33.12 28.43 3.36
N ILE A 202 -32.06 29.08 2.86
CA ILE A 202 -32.21 30.10 1.82
C ILE A 202 -32.97 29.53 0.62
N MET A 203 -32.40 28.52 -0.02
CA MET A 203 -33.06 27.92 -1.17
C MET A 203 -34.43 27.36 -0.78
N ALA A 204 -34.57 26.87 0.45
CA ALA A 204 -35.85 26.31 0.88
C ALA A 204 -36.97 27.33 0.80
N TYR A 205 -36.63 28.62 0.78
CA TYR A 205 -37.61 29.68 0.59
C TYR A 205 -37.37 30.47 -0.69
N THR A 206 -36.27 30.20 -1.41
CA THR A 206 -35.96 30.97 -2.61
C THR A 206 -36.72 30.44 -3.83
N THR A 207 -36.43 29.20 -4.22
CA THR A 207 -36.94 28.67 -5.48
C THR A 207 -38.46 28.66 -5.56
N GLU A 208 -39.14 28.67 -4.41
CA GLU A 208 -40.60 28.71 -4.42
C GLU A 208 -41.11 30.00 -5.04
N PHE A 209 -40.50 31.13 -4.71
CA PHE A 209 -41.01 32.44 -5.13
C PHE A 209 -39.99 33.23 -5.94
N VAL A 210 -39.36 32.60 -6.92
CA VAL A 210 -38.47 33.29 -7.85
C VAL A 210 -38.49 32.55 -9.18
N ASP A 211 -38.42 33.30 -10.28
CA ASP A 211 -38.23 32.69 -11.59
C ASP A 211 -36.84 32.05 -11.66
N LEU A 212 -36.80 30.75 -11.89
CA LEU A 212 -35.54 30.01 -11.88
C LEU A 212 -34.62 30.51 -13.00
N GLY A 213 -33.33 30.52 -12.72
CA GLY A 213 -32.36 31.00 -13.70
C GLY A 213 -32.33 30.15 -14.95
N ASN A 214 -31.76 30.72 -16.01
CA ASN A 214 -31.72 30.04 -17.30
C ASN A 214 -30.93 28.75 -17.23
N VAL A 215 -29.81 28.75 -16.51
CA VAL A 215 -28.98 27.57 -16.38
C VAL A 215 -29.63 26.61 -15.38
N SER A 216 -29.85 25.38 -15.80
CA SER A 216 -30.48 24.37 -14.95
C SER A 216 -29.39 23.54 -14.26
N ALA A 217 -29.79 22.41 -13.67
CA ALA A 217 -28.91 21.46 -13.01
C ALA A 217 -28.21 22.03 -11.78
N LEU A 218 -28.75 23.10 -11.20
CA LEU A 218 -28.24 23.64 -9.96
C LEU A 218 -28.91 23.02 -8.74
N ARG A 219 -29.92 22.19 -8.95
CA ARG A 219 -30.69 21.57 -7.88
C ARG A 219 -29.94 20.43 -7.19
N THR A 220 -28.68 20.21 -7.52
CA THR A 220 -27.86 19.20 -6.88
C THR A 220 -27.20 19.69 -5.61
N PHE A 221 -27.43 20.95 -5.23
CA PHE A 221 -26.88 21.45 -3.97
C PHE A 221 -27.53 20.76 -2.78
N ARG A 222 -28.80 20.38 -2.92
CA ARG A 222 -29.55 19.78 -1.82
C ARG A 222 -28.78 18.62 -1.21
N VAL A 223 -28.11 17.81 -2.04
CA VAL A 223 -27.32 16.76 -1.43
C VAL A 223 -26.04 17.46 -1.00
N LEU A 224 -26.20 18.27 0.04
CA LEU A 224 -25.19 18.62 1.00
C LEU A 224 -25.73 18.55 2.42
N ARG A 225 -27.06 18.59 2.59
CA ARG A 225 -27.62 18.51 3.93
C ARG A 225 -27.35 17.16 4.58
N ALA A 226 -26.85 16.18 3.82
CA ALA A 226 -26.43 14.92 4.42
C ALA A 226 -25.34 15.15 5.46
N LEU A 227 -24.53 16.19 5.28
CA LEU A 227 -23.52 16.49 6.30
C LEU A 227 -24.16 16.77 7.65
N LYS A 228 -25.42 17.16 7.67
CA LYS A 228 -26.12 17.38 8.93
C LYS A 228 -26.14 16.12 9.81
N THR A 229 -25.82 14.96 9.23
CA THR A 229 -25.71 13.74 10.02
C THR A 229 -24.65 13.85 11.13
N ILE A 230 -23.71 14.80 11.01
CA ILE A 230 -22.68 14.99 12.03
C ILE A 230 -23.34 15.53 13.31
N SER A 231 -24.64 15.79 13.27
CA SER A 231 -25.38 16.16 14.46
C SER A 231 -25.91 14.95 15.24
N VAL A 232 -25.50 13.73 14.86
CA VAL A 232 -25.97 12.55 15.59
C VAL A 232 -25.36 12.50 16.99
N ILE A 233 -24.03 12.58 17.07
CA ILE A 233 -23.32 12.48 18.35
C ILE A 233 -21.97 13.18 18.22
N SER A 234 -21.39 13.51 19.38
CA SER A 234 -20.11 14.20 19.40
C SER A 234 -18.97 13.34 18.87
N GLY A 235 -19.14 12.02 18.87
CA GLY A 235 -18.12 11.15 18.33
C GLY A 235 -17.78 11.47 16.88
N LEU A 236 -18.82 11.75 16.08
CA LEU A 236 -18.57 12.13 14.69
C LEU A 236 -17.74 13.39 14.61
N LYS A 237 -18.05 14.38 15.45
CA LYS A 237 -17.30 15.64 15.42
C LYS A 237 -15.84 15.42 15.80
N THR A 238 -15.58 14.65 16.86
CA THR A 238 -14.19 14.47 17.28
C THR A 238 -13.41 13.62 16.28
N ILE A 239 -14.07 12.63 15.67
CA ILE A 239 -13.36 11.82 14.67
C ILE A 239 -13.08 12.64 13.41
N VAL A 240 -14.00 13.51 13.01
CA VAL A 240 -13.74 14.38 11.86
C VAL A 240 -12.58 15.32 12.17
N GLY A 241 -12.55 15.85 13.40
CA GLY A 241 -11.41 16.66 13.80
C GLY A 241 -10.11 15.89 13.76
N ALA A 242 -10.12 14.65 14.22
CA ALA A 242 -8.93 13.82 14.16
C ALA A 242 -8.48 13.59 12.73
N LEU A 243 -9.43 13.32 11.82
CA LEU A 243 -9.07 13.11 10.43
C LEU A 243 -8.47 14.37 9.82
N ILE A 244 -9.05 15.53 10.10
CA ILE A 244 -8.53 16.76 9.52
C ILE A 244 -7.21 17.18 10.19
N GLN A 245 -6.93 16.67 11.38
CA GLN A 245 -5.66 16.99 12.04
C GLN A 245 -4.57 16.00 11.64
N SER A 246 -4.43 15.77 10.34
CA SER A 246 -3.30 15.02 9.80
C SER A 246 -2.66 15.66 8.57
N VAL A 247 -3.42 16.42 7.78
CA VAL A 247 -2.87 17.04 6.59
C VAL A 247 -1.84 18.11 6.96
N LYS A 248 -2.06 18.80 8.08
CA LYS A 248 -1.09 19.81 8.52
C LYS A 248 0.25 19.17 8.81
N LYS A 249 0.26 18.01 9.48
CA LYS A 249 1.50 17.27 9.66
C LYS A 249 2.06 16.82 8.31
N LEU A 250 1.18 16.34 7.43
CA LEU A 250 1.62 15.84 6.12
C LEU A 250 2.03 17.03 5.26
N ALA A 251 3.31 17.38 5.30
CA ALA A 251 3.80 18.56 4.62
C ALA A 251 5.13 18.27 3.94
N ASP A 252 5.29 18.83 2.74
CA ASP A 252 6.50 18.77 1.92
C ASP A 252 6.66 17.39 1.29
N VAL A 253 5.89 16.40 1.74
CA VAL A 253 5.88 15.12 1.05
C VAL A 253 5.16 15.25 -0.29
N MET A 254 4.06 16.01 -0.31
CA MET A 254 3.41 16.33 -1.58
C MET A 254 4.31 17.19 -2.47
N VAL A 255 5.11 18.07 -1.86
CA VAL A 255 6.05 18.88 -2.64
C VAL A 255 7.06 17.98 -3.33
N LEU A 256 7.62 17.02 -2.59
CA LEU A 256 8.56 16.08 -3.18
C LEU A 256 7.90 15.23 -4.26
N THR A 257 6.66 14.81 -4.03
CA THR A 257 5.95 14.02 -5.03
C THR A 257 5.74 14.82 -6.31
N VAL A 258 5.33 16.08 -6.19
CA VAL A 258 5.13 16.93 -7.36
C VAL A 258 6.45 17.14 -8.09
N PHE A 259 7.53 17.37 -7.35
CA PHE A 259 8.84 17.57 -7.97
C PHE A 259 9.26 16.34 -8.77
N CYS A 260 9.13 15.14 -8.16
CA CYS A 260 9.51 13.92 -8.86
C CYS A 260 8.63 13.68 -10.09
N LEU A 261 7.33 13.90 -9.96
CA LEU A 261 6.44 13.71 -11.11
C LEU A 261 6.79 14.66 -12.24
N SER A 262 7.07 15.93 -11.91
CA SER A 262 7.44 16.89 -12.94
C SER A 262 8.74 16.51 -13.64
N VAL A 263 9.74 16.07 -12.87
CA VAL A 263 11.03 15.75 -13.48
C VAL A 263 10.89 14.50 -14.37
N PHE A 264 10.12 13.51 -13.92
CA PHE A 264 9.93 12.32 -14.74
C PHE A 264 9.13 12.63 -16.00
N ALA A 265 8.13 13.50 -15.90
CA ALA A 265 7.39 13.91 -17.10
C ALA A 265 8.27 14.67 -18.07
N LEU A 266 9.17 15.51 -17.55
CA LEU A 266 10.10 16.23 -18.41
C LEU A 266 11.03 15.27 -19.14
N ILE A 267 11.51 14.23 -18.44
CA ILE A 267 12.33 13.23 -19.11
C ILE A 267 11.52 12.49 -20.18
N GLY A 268 10.29 12.10 -19.84
CA GLY A 268 9.49 11.32 -20.76
C GLY A 268 9.08 12.08 -22.01
N LEU A 269 8.85 13.39 -21.89
CA LEU A 269 8.49 14.19 -23.05
C LEU A 269 9.61 14.21 -24.08
N GLN A 270 10.85 14.27 -23.63
CA GLN A 270 12.01 14.43 -24.51
C GLN A 270 12.33 13.17 -25.31
N LEU A 271 11.70 12.04 -25.00
CA LEU A 271 12.05 10.76 -25.60
C LEU A 271 10.97 10.23 -26.53
N PHE A 272 9.74 10.09 -26.05
CA PHE A 272 8.66 9.49 -26.82
C PHE A 272 7.71 10.54 -27.38
N MET A 273 8.25 11.68 -27.81
CA MET A 273 7.42 12.72 -28.38
C MET A 273 6.95 12.33 -29.77
N GLY A 274 5.64 12.30 -29.97
CA GLY A 274 5.08 11.95 -31.27
C GLY A 274 5.30 10.53 -31.69
N ASN A 275 5.53 9.62 -30.73
CA ASN A 275 5.80 8.22 -31.03
C ASN A 275 4.58 7.34 -30.86
N LEU A 276 3.41 7.92 -30.66
CA LEU A 276 2.18 7.15 -30.45
C LEU A 276 1.26 7.21 -31.67
N ARG A 277 1.68 7.85 -32.75
CA ARG A 277 0.88 7.94 -33.97
C ARG A 277 1.33 6.99 -35.06
N HIS A 278 2.41 6.24 -34.84
CA HIS A 278 2.95 5.37 -35.87
C HIS A 278 1.97 4.25 -36.20
N LYS A 279 1.68 4.06 -37.48
CA LYS A 279 0.91 2.91 -37.92
C LYS A 279 1.17 2.72 -39.41
N CYS A 280 0.94 1.50 -39.89
CA CYS A 280 1.23 1.19 -41.28
C CYS A 280 -0.03 1.21 -42.14
N VAL A 281 0.11 1.81 -43.32
CA VAL A 281 -0.96 1.93 -44.29
C VAL A 281 -0.58 1.13 -45.53
N ARG A 282 -1.59 0.84 -46.35
CA ARG A 282 -1.36 0.09 -47.57
C ARG A 282 -0.51 0.91 -48.54
N ASN A 283 0.14 0.19 -49.45
CA ASN A 283 1.23 0.77 -50.23
C ASN A 283 0.74 1.89 -51.12
N PHE A 284 1.57 2.90 -51.27
CA PHE A 284 1.28 4.09 -52.04
C PHE A 284 1.45 3.80 -53.54
N THR A 285 1.40 4.85 -54.34
CA THR A 285 1.79 4.82 -55.74
C THR A 285 2.03 6.26 -56.17
N ALA A 286 2.95 6.45 -57.10
CA ALA A 286 3.36 7.79 -57.52
C ALA A 286 2.20 8.55 -58.17
N LEU A 287 2.45 9.83 -58.51
CA LEU A 287 1.40 10.66 -59.09
C LEU A 287 0.88 10.09 -60.40
N ASN A 288 1.73 9.39 -61.16
CA ASN A 288 1.38 8.84 -62.46
C ASN A 288 0.86 9.92 -63.39
N GLY A 289 1.55 11.07 -63.41
CA GLY A 289 1.10 12.22 -64.17
C GLY A 289 0.04 13.00 -63.42
N THR A 290 -0.48 14.02 -64.10
CA THR A 290 -1.52 14.91 -63.56
C THR A 290 -1.02 15.62 -62.30
N ASN A 291 -1.90 16.38 -61.67
CA ASN A 291 -1.59 17.10 -60.43
C ASN A 291 -2.54 16.67 -59.31
N GLY A 292 -1.97 16.35 -58.16
CA GLY A 292 -2.74 15.91 -57.02
C GLY A 292 -3.62 14.70 -57.28
N SER A 293 -3.02 13.53 -57.47
CA SER A 293 -3.79 12.32 -57.75
C SER A 293 -2.97 11.10 -57.32
N VAL A 294 -3.32 10.53 -56.18
CA VAL A 294 -2.66 9.33 -55.66
C VAL A 294 -3.47 8.11 -56.08
N GLU A 295 -2.84 7.21 -56.84
CA GLU A 295 -3.50 6.00 -57.32
C GLU A 295 -3.27 4.85 -56.37
N ALA A 296 -4.27 3.97 -56.27
CA ALA A 296 -4.13 2.76 -55.48
C ALA A 296 -5.22 1.78 -55.89
N ASP A 297 -4.82 0.63 -56.45
CA ASP A 297 -5.74 -0.44 -56.83
C ASP A 297 -6.94 0.07 -57.63
N GLY A 298 -6.66 0.96 -58.58
CA GLY A 298 -7.70 1.46 -59.47
C GLY A 298 -8.54 2.59 -58.94
N LEU A 299 -8.34 3.02 -57.69
CA LEU A 299 -9.06 4.15 -57.14
C LEU A 299 -8.09 5.27 -56.81
N VAL A 300 -8.50 6.51 -57.10
CA VAL A 300 -7.65 7.68 -57.01
C VAL A 300 -8.14 8.57 -55.88
N TRP A 301 -7.21 9.07 -55.08
CA TRP A 301 -7.49 10.02 -54.02
C TRP A 301 -6.89 11.38 -54.36
N GLU A 302 -7.47 12.42 -53.78
CA GLU A 302 -7.15 13.78 -54.20
C GLU A 302 -5.74 14.20 -53.80
N SER A 303 -5.35 13.95 -52.56
CA SER A 303 -4.05 14.40 -52.08
C SER A 303 -3.59 13.50 -50.94
N LEU A 304 -2.47 13.86 -50.31
CA LEU A 304 -1.90 13.02 -49.26
C LEU A 304 -2.67 13.14 -47.96
N ASP A 305 -3.16 14.35 -47.64
CA ASP A 305 -3.91 14.56 -46.41
C ASP A 305 -5.18 13.73 -46.39
N LEU A 306 -5.90 13.69 -47.52
CA LEU A 306 -7.12 12.90 -47.59
C LEU A 306 -6.85 11.42 -47.82
N TYR A 307 -5.60 11.03 -48.07
CA TYR A 307 -5.27 9.62 -48.19
C TYR A 307 -4.82 9.02 -46.86
N LEU A 308 -4.10 9.78 -46.05
CA LEU A 308 -3.56 9.27 -44.80
C LEU A 308 -4.53 9.43 -43.63
N SER A 309 -5.74 9.95 -43.88
CA SER A 309 -6.72 10.13 -42.83
C SER A 309 -7.93 9.22 -42.96
N ASP A 310 -8.06 8.48 -44.04
CA ASP A 310 -9.20 7.57 -44.21
C ASP A 310 -9.01 6.35 -43.32
N PRO A 311 -9.96 6.02 -42.45
CA PRO A 311 -9.79 4.88 -41.55
C PRO A 311 -9.68 3.55 -42.26
N GLU A 312 -10.18 3.44 -43.49
CA GLU A 312 -10.14 2.16 -44.20
C GLU A 312 -8.74 1.77 -44.60
N ASN A 313 -7.80 2.71 -44.62
CA ASN A 313 -6.46 2.48 -45.14
C ASN A 313 -5.49 1.98 -44.07
N TYR A 314 -5.98 1.61 -42.90
CA TYR A 314 -5.14 1.15 -41.80
C TYR A 314 -5.23 -0.37 -41.68
N LEU A 315 -4.64 -0.91 -40.62
CA LEU A 315 -4.68 -2.33 -40.33
C LEU A 315 -5.04 -2.55 -38.87
N LEU A 316 -5.63 -3.71 -38.59
CA LEU A 316 -6.07 -4.06 -37.25
C LEU A 316 -5.27 -5.25 -36.74
N LYS A 317 -4.84 -5.17 -35.48
CA LYS A 317 -4.18 -6.30 -34.86
C LYS A 317 -5.14 -7.47 -34.73
N ASN A 318 -4.64 -8.67 -34.99
CA ASN A 318 -5.50 -9.84 -35.05
C ASN A 318 -6.04 -10.19 -33.67
N GLY A 319 -7.33 -10.49 -33.60
CA GLY A 319 -7.98 -10.87 -32.36
C GLY A 319 -8.55 -9.74 -31.56
N THR A 320 -8.34 -8.50 -31.97
CA THR A 320 -8.81 -7.34 -31.21
C THR A 320 -9.21 -6.24 -32.17
N SER A 321 -10.06 -5.33 -31.69
CA SER A 321 -10.50 -4.18 -32.46
C SER A 321 -9.65 -2.99 -32.05
N ASP A 322 -8.45 -2.91 -32.62
CA ASP A 322 -7.50 -1.85 -32.30
C ASP A 322 -6.72 -1.52 -33.56
N VAL A 323 -5.62 -0.78 -33.41
CA VAL A 323 -4.77 -0.38 -34.51
C VAL A 323 -3.34 -0.77 -34.20
N LEU A 324 -2.66 -1.38 -35.16
CA LEU A 324 -1.28 -1.81 -34.99
C LEU A 324 -0.33 -0.62 -35.08
N LEU A 325 0.80 -0.73 -34.41
CA LEU A 325 1.83 0.29 -34.42
C LEU A 325 3.14 -0.30 -34.93
N CYS A 326 3.90 0.50 -35.68
CA CYS A 326 5.16 0.09 -36.26
C CYS A 326 6.33 0.73 -35.52
N GLY A 327 7.53 0.40 -35.98
CA GLY A 327 8.74 1.01 -35.47
C GLY A 327 9.88 0.85 -36.46
N ASN A 328 10.61 1.93 -36.73
CA ASN A 328 11.67 1.91 -37.72
C ASN A 328 12.97 1.32 -37.19
N SER A 329 13.12 1.18 -35.88
CA SER A 329 14.34 0.62 -35.34
C SER A 329 14.39 -0.89 -35.58
N SER A 330 15.57 -1.46 -35.38
CA SER A 330 15.77 -2.89 -35.62
C SER A 330 15.09 -3.77 -34.60
N ASP A 331 14.59 -3.22 -33.51
CA ASP A 331 13.99 -3.99 -32.42
C ASP A 331 12.65 -3.40 -32.01
N ALA A 332 11.79 -3.14 -33.00
CA ALA A 332 10.50 -2.53 -32.74
C ALA A 332 9.33 -3.19 -33.44
N GLY A 333 9.54 -4.26 -34.19
CA GLY A 333 8.46 -4.97 -34.84
C GLY A 333 8.06 -4.34 -36.17
N THR A 334 7.17 -5.03 -36.87
CA THR A 334 6.71 -4.59 -38.18
C THR A 334 5.35 -5.22 -38.46
N CYS A 335 4.86 -4.98 -39.67
CA CYS A 335 3.61 -5.53 -40.17
C CYS A 335 3.84 -6.15 -41.54
N PRO A 336 2.97 -7.08 -41.95
CA PRO A 336 3.28 -7.93 -43.11
C PRO A 336 3.46 -7.15 -44.41
N GLU A 337 3.86 -7.89 -45.44
CA GLU A 337 4.20 -7.31 -46.72
C GLU A 337 2.98 -6.66 -47.36
N GLY A 338 3.24 -5.59 -48.13
CA GLY A 338 2.19 -4.80 -48.71
C GLY A 338 1.78 -3.59 -47.88
N TYR A 339 2.50 -3.31 -46.80
CA TYR A 339 2.14 -2.23 -45.89
C TYR A 339 3.42 -1.51 -45.48
N ARG A 340 3.36 -0.18 -45.44
CA ARG A 340 4.48 0.65 -45.00
C ARG A 340 4.02 1.56 -43.87
N CYS A 341 4.86 1.73 -42.86
CA CYS A 341 4.43 2.41 -41.64
C CYS A 341 4.87 3.87 -41.65
N LEU A 342 3.93 4.76 -41.33
CA LEU A 342 4.13 6.18 -41.34
C LEU A 342 3.50 6.78 -40.08
N LYS A 343 3.74 8.08 -39.89
CA LYS A 343 3.19 8.83 -38.77
C LYS A 343 1.99 9.63 -39.26
N ALA A 344 0.79 9.12 -39.00
CA ALA A 344 -0.43 9.82 -39.36
C ALA A 344 -1.58 9.22 -38.54
N GLY A 345 -2.67 9.97 -38.46
CA GLY A 345 -3.84 9.54 -37.71
C GLY A 345 -3.91 10.13 -36.31
N GLU A 346 -4.89 9.65 -35.55
CA GLU A 346 -5.13 10.12 -34.20
C GLU A 346 -4.47 9.18 -33.20
N ASN A 347 -4.37 9.67 -31.96
CA ASN A 347 -3.70 8.92 -30.90
C ASN A 347 -4.59 7.77 -30.43
N PRO A 348 -3.99 6.74 -29.83
CA PRO A 348 -4.78 5.60 -29.36
C PRO A 348 -5.64 5.95 -28.16
N ASP A 349 -6.70 5.16 -27.98
CA ASP A 349 -7.63 5.29 -26.86
C ASP A 349 -8.27 6.68 -26.83
N HIS A 350 -8.93 7.01 -27.95
CA HIS A 350 -9.66 8.24 -28.14
C HIS A 350 -8.78 9.48 -28.04
N GLY A 351 -7.47 9.32 -28.01
CA GLY A 351 -6.55 10.45 -27.97
C GLY A 351 -6.29 11.03 -26.60
N TYR A 352 -6.66 10.32 -25.53
CA TYR A 352 -6.45 10.85 -24.18
C TYR A 352 -5.14 10.40 -23.56
N THR A 353 -4.41 9.49 -24.20
CA THR A 353 -3.11 9.02 -23.71
C THR A 353 -2.06 9.33 -24.77
N SER A 354 -1.06 10.11 -24.41
CA SER A 354 -0.05 10.54 -25.36
C SER A 354 1.12 11.14 -24.61
N PHE A 355 2.09 11.67 -25.36
CA PHE A 355 3.23 12.37 -24.79
C PHE A 355 3.49 13.69 -25.52
N ASP A 356 2.53 14.20 -26.30
CA ASP A 356 2.78 15.35 -27.14
C ASP A 356 3.05 16.60 -26.31
N SER A 357 2.27 16.83 -25.27
CA SER A 357 2.39 18.04 -24.46
C SER A 357 2.70 17.65 -23.02
N PHE A 358 2.81 18.66 -22.16
CA PHE A 358 3.20 18.42 -20.78
C PHE A 358 2.04 17.88 -19.95
N ALA A 359 0.82 18.38 -20.18
CA ALA A 359 -0.31 17.94 -19.37
C ALA A 359 -0.59 16.46 -19.55
N TRP A 360 -0.57 15.98 -20.79
CA TRP A 360 -0.81 14.56 -21.04
C TRP A 360 0.30 13.71 -20.44
N ALA A 361 1.54 14.17 -20.52
CA ALA A 361 2.65 13.44 -19.91
C ALA A 361 2.49 13.36 -18.40
N PHE A 362 2.06 14.45 -17.76
CA PHE A 362 1.81 14.44 -16.33
C PHE A 362 0.70 13.44 -15.98
N LEU A 363 -0.37 13.43 -16.76
CA LEU A 363 -1.45 12.49 -16.51
C LEU A 363 -0.99 11.05 -16.66
N ALA A 364 -0.19 10.76 -17.69
CA ALA A 364 0.31 9.41 -17.89
C ALA A 364 1.24 8.99 -16.76
N LEU A 365 2.09 9.90 -16.29
CA LEU A 365 2.98 9.55 -15.18
C LEU A 365 2.20 9.31 -13.89
N PHE A 366 1.16 10.11 -13.65
CA PHE A 366 0.32 9.86 -12.48
C PHE A 366 -0.39 8.52 -12.59
N ARG A 367 -0.84 8.16 -13.80
CA ARG A 367 -1.43 6.85 -14.01
C ARG A 367 -0.42 5.75 -13.70
N LEU A 368 0.84 5.96 -14.08
CA LEU A 368 1.89 4.99 -13.77
C LEU A 368 2.13 4.86 -12.27
N MET A 369 2.05 5.98 -11.54
CA MET A 369 2.25 5.92 -10.09
C MET A 369 1.18 5.06 -9.41
N THR A 370 -0.08 5.25 -9.78
CA THR A 370 -1.21 4.57 -9.14
C THR A 370 -1.23 3.07 -9.45
N GLN A 371 -0.50 2.63 -10.47
CA GLN A 371 -0.52 1.25 -10.94
C GLN A 371 -1.91 0.88 -11.46
N ASP A 372 -2.46 1.73 -12.32
CA ASP A 372 -3.65 1.39 -13.06
C ASP A 372 -3.23 0.51 -14.24
N CYS A 373 -4.10 0.32 -15.21
CA CYS A 373 -3.76 -0.60 -16.30
C CYS A 373 -2.61 0.00 -17.10
N TRP A 374 -1.39 -0.28 -16.64
CA TRP A 374 -0.18 0.26 -17.23
C TRP A 374 0.52 -0.70 -18.18
N GLU A 375 0.16 -1.98 -18.16
CA GLU A 375 0.76 -2.91 -19.12
C GLU A 375 0.40 -2.53 -20.54
N ARG A 376 -0.75 -1.89 -20.74
CA ARG A 376 -1.13 -1.43 -22.07
C ARG A 376 -0.17 -0.37 -22.58
N LEU A 377 0.07 0.66 -21.77
CA LEU A 377 1.02 1.70 -22.15
C LEU A 377 2.42 1.15 -22.26
N TYR A 378 2.80 0.24 -21.37
CA TYR A 378 4.09 -0.42 -21.43
C TYR A 378 4.29 -1.10 -22.79
N GLN A 379 3.33 -1.92 -23.19
CA GLN A 379 3.44 -2.63 -24.46
C GLN A 379 3.45 -1.67 -25.65
N GLN A 380 2.59 -0.64 -25.62
CA GLN A 380 2.52 0.29 -26.75
C GLN A 380 3.83 1.06 -26.90
N THR A 381 4.38 1.57 -25.80
CA THR A 381 5.64 2.31 -25.88
C THR A 381 6.78 1.39 -26.31
N LEU A 382 6.82 0.17 -25.78
CA LEU A 382 7.88 -0.76 -26.16
C LEU A 382 7.81 -1.09 -27.65
N ARG A 383 6.61 -1.31 -28.17
CA ARG A 383 6.47 -1.62 -29.58
C ARG A 383 6.84 -0.44 -30.47
N SER A 384 6.43 0.77 -30.08
CA SER A 384 6.65 1.93 -30.94
C SER A 384 8.11 2.36 -30.93
N ALA A 385 8.75 2.36 -29.76
CA ALA A 385 10.09 2.94 -29.64
C ALA A 385 11.21 1.90 -29.73
N GLY A 386 11.08 0.79 -29.02
CA GLY A 386 12.10 -0.25 -29.01
C GLY A 386 12.17 -0.94 -27.66
N LYS A 387 12.73 -2.15 -27.67
CA LYS A 387 12.83 -2.93 -26.43
C LYS A 387 13.81 -2.31 -25.45
N ILE A 388 14.90 -1.71 -25.95
CA ILE A 388 15.93 -1.18 -25.06
C ILE A 388 15.41 -0.09 -24.15
N TYR A 389 14.28 0.53 -24.51
CA TYR A 389 13.70 1.58 -23.67
C TYR A 389 13.02 1.04 -22.42
N MET A 390 12.88 -0.28 -22.31
CA MET A 390 12.28 -0.87 -21.11
C MET A 390 13.00 -0.44 -19.85
N ILE A 391 14.30 -0.16 -19.95
CA ILE A 391 15.09 0.27 -18.80
C ILE A 391 14.45 1.48 -18.15
N PHE A 392 13.92 2.40 -18.96
CA PHE A 392 13.29 3.60 -18.41
C PHE A 392 12.18 3.23 -17.43
N PHE A 393 11.34 2.26 -17.79
CA PHE A 393 10.29 1.83 -16.88
C PHE A 393 10.89 1.26 -15.60
N MET A 394 11.96 0.49 -15.70
CA MET A 394 12.62 -0.03 -14.51
C MET A 394 13.05 1.09 -13.58
N LEU A 395 13.26 2.29 -14.11
CA LEU A 395 13.70 3.40 -13.29
C LEU A 395 12.56 4.15 -12.63
N VAL A 396 11.33 4.01 -13.13
CA VAL A 396 10.25 4.81 -12.56
C VAL A 396 9.53 4.06 -11.44
N ILE A 397 9.25 2.77 -11.64
CA ILE A 397 8.50 2.01 -10.65
C ILE A 397 9.20 2.04 -9.30
N PHE A 398 10.49 1.70 -9.29
CA PHE A 398 11.24 1.69 -8.03
C PHE A 398 11.23 3.05 -7.35
N LEU A 399 11.07 4.12 -8.12
CA LEU A 399 11.01 5.45 -7.54
C LEU A 399 9.60 6.02 -7.48
N GLY A 400 8.62 5.37 -8.10
CA GLY A 400 7.28 5.91 -8.09
C GLY A 400 6.25 4.99 -7.48
N SER A 401 6.47 3.68 -7.60
CA SER A 401 5.48 2.72 -7.15
C SER A 401 5.62 2.38 -5.67
N PHE A 402 6.82 2.50 -5.12
CA PHE A 402 7.08 2.07 -3.75
C PHE A 402 7.44 3.21 -2.82
N TYR A 403 8.42 4.05 -3.16
CA TYR A 403 9.00 4.93 -2.16
C TYR A 403 8.07 6.08 -1.78
N LEU A 404 7.43 6.72 -2.76
CA LEU A 404 6.55 7.83 -2.43
C LEU A 404 5.34 7.35 -1.63
N VAL A 405 4.78 6.20 -2.02
CA VAL A 405 3.67 5.62 -1.27
C VAL A 405 4.11 5.30 0.15
N ASN A 406 5.32 4.77 0.32
CA ASN A 406 5.79 4.44 1.65
C ASN A 406 6.07 5.68 2.48
N LEU A 407 6.52 6.76 1.85
CA LEU A 407 6.69 8.02 2.59
C LEU A 407 5.36 8.50 3.12
N ILE A 408 4.33 8.49 2.27
CA ILE A 408 2.99 8.88 2.70
C ILE A 408 2.53 7.99 3.86
N LEU A 409 2.72 6.68 3.70
CA LEU A 409 2.27 5.71 4.70
C LEU A 409 2.96 5.97 6.04
N ALA A 410 4.27 6.12 6.03
CA ALA A 410 5.01 6.32 7.27
C ALA A 410 4.62 7.64 7.94
N VAL A 411 4.46 8.70 7.15
CA VAL A 411 4.10 9.99 7.74
C VAL A 411 2.73 9.90 8.41
N VAL A 412 1.75 9.30 7.73
CA VAL A 412 0.42 9.22 8.33
C VAL A 412 0.43 8.29 9.55
N ALA A 413 1.23 7.23 9.51
CA ALA A 413 1.32 6.34 10.67
C ALA A 413 1.91 7.06 11.87
N MET A 414 2.96 7.85 11.65
CA MET A 414 3.55 8.62 12.74
C MET A 414 2.56 9.62 13.30
N ALA A 415 1.81 10.29 12.42
CA ALA A 415 0.83 11.27 12.89
C ALA A 415 -0.25 10.61 13.74
N TYR A 416 -0.78 9.46 13.28
CA TYR A 416 -1.81 8.77 14.05
C TYR A 416 -1.27 8.27 15.38
N GLU A 417 -0.05 7.73 15.39
CA GLU A 417 0.53 7.25 16.63
C GLU A 417 0.73 8.39 17.62
N GLU A 418 1.20 9.55 17.14
CA GLU A 418 1.37 10.70 18.02
C GLU A 418 0.03 11.17 18.57
N GLN A 419 -1.00 11.20 17.73
CA GLN A 419 -2.31 11.63 18.21
C GLN A 419 -2.85 10.68 19.27
N ASN A 420 -2.71 9.36 19.06
CA ASN A 420 -3.16 8.39 20.06
C ASN A 420 -2.35 8.51 21.35
N GLN A 421 -1.04 8.72 21.22
CA GLN A 421 -0.19 8.89 22.40
C GLN A 421 -0.63 10.10 23.21
N ALA A 422 -0.91 11.22 22.53
CA ALA A 422 -1.40 12.40 23.23
C ALA A 422 -2.75 12.15 23.87
N THR A 423 -3.63 11.44 23.16
CA THR A 423 -4.97 11.15 23.69
C THR A 423 -4.88 10.33 24.98
N ILE A 424 -4.04 9.30 24.98
CA ILE A 424 -3.93 8.47 26.19
C ILE A 424 -3.17 9.21 27.29
N ALA A 425 -2.19 10.05 26.92
CA ALA A 425 -1.45 10.80 27.93
C ALA A 425 -2.34 11.83 28.61
N GLU A 426 -3.29 12.40 27.89
CA GLU A 426 -4.21 13.36 28.50
C GLU A 426 -4.98 12.73 29.65
N THR A 427 -5.60 11.57 29.41
CA THR A 427 -6.34 10.91 30.48
C THR A 427 -5.41 10.33 31.54
N GLU A 428 -4.20 9.92 31.17
CA GLU A 428 -3.24 9.46 32.17
C GLU A 428 -2.89 10.58 33.14
N GLU A 429 -2.67 11.79 32.63
CA GLU A 429 -2.39 12.93 33.50
C GLU A 429 -3.63 13.32 34.30
N LYS A 430 -4.81 13.26 33.67
CA LYS A 430 -6.04 13.65 34.36
C LYS A 430 -6.34 12.73 35.54
N GLU A 431 -6.15 11.43 35.35
CA GLU A 431 -6.50 10.46 36.40
C GLU A 431 -5.50 10.43 37.54
N LYS A 432 -4.33 11.06 37.39
CA LYS A 432 -3.32 11.07 38.45
C LYS A 432 -3.46 12.30 39.34
N ARG A 433 -3.36 13.50 38.75
CA ARG A 433 -3.43 14.80 39.44
C ARG A 433 -2.88 14.79 40.87
N HIS A 681 -31.10 1.64 38.36
CA HIS A 681 -30.77 0.23 38.51
C HIS A 681 -30.77 -0.49 37.16
N LYS A 682 -30.64 -1.81 37.19
CA LYS A 682 -30.63 -2.64 36.00
C LYS A 682 -31.80 -3.60 35.95
N CYS A 683 -32.88 -3.32 36.68
CA CYS A 683 -34.06 -4.16 36.74
C CYS A 683 -35.29 -3.31 36.47
N PRO A 684 -35.58 -3.03 35.19
CA PRO A 684 -36.78 -2.24 34.87
C PRO A 684 -38.07 -2.93 35.29
N PRO A 685 -38.35 -4.20 34.84
CA PRO A 685 -39.64 -4.78 35.20
C PRO A 685 -39.70 -5.25 36.65
N CYS A 686 -38.65 -5.92 37.11
CA CYS A 686 -38.57 -6.45 38.48
C CYS A 686 -39.79 -7.31 38.82
N TRP A 687 -40.18 -8.16 37.86
CA TRP A 687 -41.31 -9.05 38.06
C TRP A 687 -40.99 -10.51 37.79
N ASN A 688 -39.84 -10.81 37.19
CA ASN A 688 -39.46 -12.19 36.88
C ASN A 688 -38.74 -12.88 38.03
N ARG A 689 -38.34 -12.15 39.07
CA ARG A 689 -37.60 -12.75 40.17
C ARG A 689 -38.40 -13.85 40.86
N LEU A 690 -39.69 -13.62 41.09
CA LEU A 690 -40.54 -14.65 41.65
C LEU A 690 -40.56 -15.90 40.77
N ALA A 691 -40.46 -15.71 39.44
CA ALA A 691 -40.42 -16.85 38.54
C ALA A 691 -39.20 -17.73 38.81
N GLN A 692 -38.11 -17.14 39.31
CA GLN A 692 -36.94 -17.95 39.66
C GLN A 692 -37.25 -18.95 40.76
N ARG A 693 -38.26 -18.69 41.59
CA ARG A 693 -38.66 -19.68 42.58
C ARG A 693 -39.12 -20.97 41.93
N TYR A 694 -39.69 -20.88 40.73
CA TYR A 694 -40.05 -22.07 39.96
C TYR A 694 -38.88 -22.59 39.13
N LEU A 695 -37.81 -21.82 38.99
CA LEU A 695 -36.64 -22.20 38.21
C LEU A 695 -35.56 -22.77 39.12
N ILE A 696 -34.37 -22.98 38.56
CA ILE A 696 -33.20 -23.53 39.25
C ILE A 696 -33.51 -24.94 39.77
N TRP A 697 -34.46 -25.04 40.71
CA TRP A 697 -34.87 -26.33 41.25
C TRP A 697 -35.74 -27.07 40.24
N GLU A 698 -35.11 -27.47 39.15
CA GLU A 698 -35.76 -28.26 38.11
C GLU A 698 -35.55 -29.76 38.31
N CYS A 699 -34.85 -30.16 39.38
CA CYS A 699 -34.68 -31.57 39.68
C CYS A 699 -35.96 -32.19 40.23
N CYS A 700 -36.85 -31.36 40.78
CA CYS A 700 -38.15 -31.69 41.38
C CYS A 700 -37.95 -32.53 42.64
N PRO A 701 -38.94 -32.57 43.55
CA PRO A 701 -38.77 -33.35 44.79
C PRO A 701 -38.49 -34.83 44.56
N LEU A 702 -39.03 -35.42 43.50
CA LEU A 702 -38.78 -36.82 43.21
C LEU A 702 -37.31 -37.02 42.86
N TRP A 703 -36.68 -38.00 43.52
CA TRP A 703 -35.25 -38.26 43.31
C TRP A 703 -35.03 -39.02 42.01
N MET A 704 -33.86 -38.78 41.41
CA MET A 704 -33.45 -39.52 40.22
C MET A 704 -31.94 -39.68 40.25
N SER A 705 -31.48 -40.83 39.74
CA SER A 705 -30.06 -41.07 39.54
C SER A 705 -29.61 -40.71 38.13
N ILE A 706 -30.55 -40.36 37.24
CA ILE A 706 -30.20 -40.05 35.86
C ILE A 706 -29.31 -38.81 35.78
N LYS A 707 -29.63 -37.80 36.59
CA LYS A 707 -28.87 -36.55 36.54
C LYS A 707 -27.40 -36.79 36.90
N GLN A 708 -27.14 -37.61 37.91
CA GLN A 708 -25.77 -37.93 38.26
C GLN A 708 -25.05 -38.62 37.11
N GLY A 709 -25.73 -39.54 36.43
CA GLY A 709 -25.12 -40.24 35.31
C GLY A 709 -24.78 -39.31 34.16
N VAL A 710 -25.71 -38.41 33.82
CA VAL A 710 -25.45 -37.49 32.71
C VAL A 710 -24.33 -36.53 33.07
N LYS A 711 -24.33 -36.02 34.31
CA LYS A 711 -23.25 -35.14 34.75
C LYS A 711 -21.91 -35.84 34.68
N LEU A 712 -21.85 -37.11 35.10
CA LEU A 712 -20.61 -37.84 35.05
C LEU A 712 -20.14 -38.12 33.62
N VAL A 713 -21.06 -38.51 32.73
CA VAL A 713 -20.63 -38.88 31.38
C VAL A 713 -20.22 -37.65 30.59
N VAL A 714 -20.86 -36.51 30.81
CA VAL A 714 -20.45 -35.30 30.11
C VAL A 714 -19.25 -34.71 30.84
N MET A 715 -18.05 -35.15 30.45
CA MET A 715 -16.80 -34.74 31.08
C MET A 715 -15.85 -34.26 29.99
N ASP A 716 -15.22 -33.12 30.23
CA ASP A 716 -14.60 -32.35 29.14
C ASP A 716 -13.49 -33.09 28.40
N PRO A 717 -12.42 -33.56 29.05
CA PRO A 717 -11.27 -34.06 28.27
C PRO A 717 -11.49 -35.38 27.55
N PHE A 718 -12.68 -35.97 27.59
CA PHE A 718 -12.93 -37.20 26.85
C PHE A 718 -13.99 -37.06 25.79
N THR A 719 -15.18 -36.56 26.15
CA THR A 719 -16.26 -36.47 25.15
C THR A 719 -16.05 -35.29 24.20
N ASP A 720 -15.53 -34.16 24.71
CA ASP A 720 -15.50 -32.94 23.90
C ASP A 720 -14.68 -33.14 22.64
N LEU A 721 -13.48 -33.71 22.78
CA LEU A 721 -12.66 -33.99 21.60
C LEU A 721 -13.41 -34.84 20.60
N THR A 722 -14.17 -35.83 21.08
CA THR A 722 -14.96 -36.65 20.19
C THR A 722 -15.89 -35.78 19.34
N ILE A 723 -16.59 -34.85 19.98
CA ILE A 723 -17.51 -33.97 19.25
C ILE A 723 -16.74 -33.19 18.19
N THR A 724 -15.51 -32.76 18.52
CA THR A 724 -14.70 -32.04 17.55
C THR A 724 -14.55 -32.82 16.26
N MET A 725 -14.32 -34.13 16.37
CA MET A 725 -14.21 -34.96 15.16
C MET A 725 -15.46 -34.83 14.31
N CYS A 726 -16.63 -34.93 14.94
CA CYS A 726 -17.89 -34.89 14.22
C CYS A 726 -18.12 -33.54 13.55
N ILE A 727 -17.35 -32.52 13.89
CA ILE A 727 -17.46 -31.26 13.18
C ILE A 727 -16.56 -31.24 11.93
N VAL A 728 -15.38 -31.85 12.01
CA VAL A 728 -14.44 -31.76 10.89
C VAL A 728 -14.97 -32.55 9.69
N LEU A 729 -15.38 -33.79 9.92
CA LEU A 729 -15.83 -34.64 8.81
C LEU A 729 -16.99 -34.00 8.07
N ASN A 730 -17.93 -33.40 8.80
CA ASN A 730 -19.04 -32.72 8.17
C ASN A 730 -18.55 -31.67 7.17
N THR A 731 -17.52 -30.90 7.55
CA THR A 731 -16.98 -29.91 6.63
C THR A 731 -16.50 -30.56 5.35
N LEU A 732 -15.87 -31.74 5.46
CA LEU A 732 -15.46 -32.46 4.26
C LEU A 732 -16.66 -33.03 3.53
N PHE A 733 -17.70 -33.45 4.25
CA PHE A 733 -18.84 -34.09 3.61
C PHE A 733 -19.56 -33.12 2.67
N MET A 734 -19.72 -31.86 3.09
CA MET A 734 -20.30 -30.87 2.20
C MET A 734 -19.36 -30.52 1.06
N ALA A 735 -18.06 -30.74 1.24
CA ALA A 735 -17.09 -30.44 0.19
C ALA A 735 -17.23 -31.33 -1.03
N LEU A 736 -17.95 -32.43 -0.93
CA LEU A 736 -18.11 -33.37 -2.04
C LEU A 736 -19.26 -32.96 -2.95
N GLU A 737 -19.23 -31.71 -3.42
CA GLU A 737 -20.26 -31.19 -4.30
C GLU A 737 -19.61 -30.74 -5.61
N HIS A 738 -20.10 -31.27 -6.72
CA HIS A 738 -19.55 -30.94 -8.03
C HIS A 738 -20.59 -31.29 -9.10
N TYR A 739 -20.15 -31.28 -10.35
CA TYR A 739 -21.00 -31.53 -11.51
C TYR A 739 -21.05 -33.02 -11.83
N ASN A 740 -22.14 -33.42 -12.49
CA ASN A 740 -22.30 -34.75 -13.08
C ASN A 740 -22.17 -35.86 -12.04
N MET A 741 -23.15 -35.90 -11.13
CA MET A 741 -23.27 -36.98 -10.17
C MET A 741 -24.47 -37.87 -10.50
N THR A 742 -24.47 -39.05 -9.92
CA THR A 742 -25.60 -39.98 -9.94
C THR A 742 -26.27 -40.00 -8.57
N SER A 743 -27.43 -40.65 -8.51
CA SER A 743 -28.28 -40.56 -7.32
C SER A 743 -27.58 -41.01 -6.05
N GLU A 744 -26.55 -41.86 -6.19
CA GLU A 744 -25.85 -42.38 -5.02
C GLU A 744 -25.25 -41.24 -4.20
N PHE A 745 -24.67 -40.24 -4.86
CA PHE A 745 -24.04 -39.15 -4.13
C PHE A 745 -25.06 -38.35 -3.32
N GLU A 746 -26.23 -38.05 -3.91
CA GLU A 746 -27.26 -37.37 -3.14
C GLU A 746 -27.72 -38.21 -1.97
N GLU A 747 -27.87 -39.52 -2.17
CA GLU A 747 -28.27 -40.39 -1.06
C GLU A 747 -27.26 -40.32 0.08
N MET A 748 -25.96 -40.44 -0.24
CA MET A 748 -24.94 -40.38 0.80
C MET A 748 -24.93 -39.04 1.50
N LEU A 749 -25.07 -37.95 0.73
CA LEU A 749 -25.08 -36.62 1.34
C LEU A 749 -26.24 -36.47 2.31
N GLN A 750 -27.43 -36.92 1.92
CA GLN A 750 -28.59 -36.81 2.80
C GLN A 750 -28.38 -37.64 4.07
N VAL A 751 -27.88 -38.86 3.93
CA VAL A 751 -27.70 -39.73 5.09
C VAL A 751 -26.69 -39.11 6.06
N GLY A 752 -25.56 -38.62 5.53
CA GLY A 752 -24.57 -38.00 6.38
C GLY A 752 -25.10 -36.77 7.09
N ASN A 753 -25.83 -35.93 6.36
CA ASN A 753 -26.40 -34.74 6.98
C ASN A 753 -27.36 -35.10 8.10
N LEU A 754 -28.21 -36.09 7.87
CA LEU A 754 -29.17 -36.48 8.91
C LEU A 754 -28.45 -37.02 10.14
N VAL A 755 -27.40 -37.83 9.93
CA VAL A 755 -26.67 -38.39 11.07
C VAL A 755 -26.02 -37.28 11.89
N PHE A 756 -25.39 -36.32 11.21
CA PHE A 756 -24.70 -35.26 11.95
C PHE A 756 -25.68 -34.36 12.68
N THR A 757 -26.81 -34.03 12.05
CA THR A 757 -27.82 -33.22 12.74
C THR A 757 -28.38 -33.96 13.95
N GLY A 758 -28.62 -35.27 13.82
CA GLY A 758 -29.09 -36.04 14.95
C GLY A 758 -28.10 -36.03 16.10
N ILE A 759 -26.81 -36.19 15.81
CA ILE A 759 -25.81 -36.20 16.88
C ILE A 759 -25.75 -34.83 17.55
N PHE A 760 -25.92 -33.76 16.77
CA PHE A 760 -25.90 -32.43 17.37
C PHE A 760 -27.10 -32.20 18.29
N THR A 761 -28.29 -32.61 17.86
CA THR A 761 -29.47 -32.43 18.70
C THR A 761 -29.38 -33.30 19.96
N ALA A 762 -28.77 -34.49 19.84
CA ALA A 762 -28.55 -35.32 21.02
C ALA A 762 -27.60 -34.65 22.00
N GLU A 763 -26.52 -34.05 21.49
CA GLU A 763 -25.60 -33.33 22.36
C GLU A 763 -26.30 -32.22 23.10
N MET A 764 -27.12 -31.43 22.39
CA MET A 764 -27.84 -30.34 23.04
C MET A 764 -28.77 -30.85 24.12
N THR A 765 -29.59 -31.86 23.79
CA THR A 765 -30.57 -32.36 24.75
C THR A 765 -29.90 -32.91 25.99
N PHE A 766 -28.80 -33.64 25.82
CA PHE A 766 -28.11 -34.18 26.97
C PHE A 766 -27.41 -33.09 27.79
N LYS A 767 -26.80 -32.09 27.14
CA LYS A 767 -26.08 -31.07 27.88
C LYS A 767 -27.02 -30.22 28.73
N ILE A 768 -28.17 -29.84 28.17
CA ILE A 768 -29.09 -29.01 28.95
C ILE A 768 -29.62 -29.77 30.16
N ILE A 769 -29.87 -31.07 30.02
CA ILE A 769 -30.29 -31.84 31.17
C ILE A 769 -29.14 -31.97 32.16
N ALA A 770 -27.90 -32.05 31.67
CA ALA A 770 -26.75 -32.25 32.56
C ALA A 770 -26.49 -31.02 33.41
N LEU A 771 -26.52 -29.83 32.81
CA LEU A 771 -26.30 -28.59 33.53
C LEU A 771 -27.58 -27.76 33.52
N ASP A 772 -27.99 -27.29 34.69
CA ASP A 772 -29.33 -26.74 34.87
C ASP A 772 -29.56 -25.57 33.92
N PRO A 773 -30.80 -25.40 33.45
CA PRO A 773 -31.10 -24.31 32.50
C PRO A 773 -30.76 -22.93 33.04
N TYR A 774 -30.77 -22.74 34.37
CA TYR A 774 -30.43 -21.43 34.92
C TYR A 774 -29.00 -21.04 34.57
N TYR A 775 -28.07 -21.99 34.69
CA TYR A 775 -26.68 -21.73 34.37
C TYR A 775 -26.35 -21.93 32.90
N TYR A 776 -27.34 -22.30 32.07
CA TYR A 776 -27.05 -22.65 30.69
C TYR A 776 -26.50 -21.47 29.91
N PHE A 777 -27.07 -20.29 30.11
CA PHE A 777 -26.71 -19.09 29.34
C PHE A 777 -25.69 -18.30 30.13
N GLN A 778 -24.40 -18.63 29.94
CA GLN A 778 -23.31 -18.02 30.66
C GLN A 778 -22.43 -17.15 29.76
N GLN A 779 -21.89 -17.73 28.69
CA GLN A 779 -20.99 -16.99 27.79
C GLN A 779 -21.59 -16.71 26.43
N GLY A 780 -22.75 -17.28 26.11
CA GLY A 780 -23.41 -17.06 24.85
C GLY A 780 -23.13 -18.09 23.79
N TRP A 781 -22.10 -18.92 23.97
CA TRP A 781 -21.85 -19.98 23.00
C TRP A 781 -22.94 -21.04 23.05
N ASN A 782 -23.54 -21.25 24.23
CA ASN A 782 -24.73 -22.08 24.30
C ASN A 782 -25.88 -21.45 23.50
N ILE A 783 -25.99 -20.13 23.54
CA ILE A 783 -26.98 -19.45 22.71
C ILE A 783 -26.70 -19.70 21.24
N PHE A 784 -25.43 -19.62 20.84
CA PHE A 784 -25.06 -19.88 19.45
C PHE A 784 -25.43 -21.30 19.04
N ASP A 785 -25.15 -22.27 19.92
CA ASP A 785 -25.54 -23.64 19.63
C ASP A 785 -27.06 -23.77 19.50
N SER A 786 -27.80 -23.08 20.37
CA SER A 786 -29.25 -23.16 20.30
C SER A 786 -29.77 -22.63 18.97
N ILE A 787 -29.27 -21.46 18.55
CA ILE A 787 -29.81 -20.88 17.32
C ILE A 787 -29.39 -21.72 16.12
N ILE A 788 -28.15 -22.24 16.10
CA ILE A 788 -27.74 -23.03 14.96
C ILE A 788 -28.53 -24.33 14.88
N VAL A 789 -28.84 -24.93 16.04
CA VAL A 789 -29.61 -26.17 16.04
C VAL A 789 -31.03 -25.92 15.56
N ILE A 790 -31.67 -24.86 16.08
CA ILE A 790 -33.05 -24.61 15.68
C ILE A 790 -33.12 -24.23 14.21
N LEU A 791 -32.12 -23.47 13.72
CA LEU A 791 -32.10 -23.12 12.31
C LEU A 791 -31.91 -24.33 11.42
N SER A 792 -31.00 -25.24 11.82
CA SER A 792 -30.80 -26.46 11.05
C SER A 792 -32.07 -27.31 11.02
N LEU A 793 -32.74 -27.44 12.17
CA LEU A 793 -33.97 -28.23 12.21
C LEU A 793 -35.07 -27.62 11.36
N MET A 794 -35.23 -26.28 11.42
CA MET A 794 -36.29 -25.65 10.65
C MET A 794 -35.98 -25.65 9.16
N GLU A 795 -34.69 -25.67 8.80
CA GLU A 795 -34.35 -25.84 7.39
C GLU A 795 -34.59 -27.27 6.92
N LEU A 796 -34.32 -28.24 7.80
CA LEU A 796 -34.60 -29.63 7.48
C LEU A 796 -36.09 -29.87 7.30
N GLY A 797 -36.92 -29.17 8.08
CA GLY A 797 -38.36 -29.34 7.94
C GLY A 797 -38.87 -28.92 6.58
N LEU A 798 -38.33 -27.83 6.03
CA LEU A 798 -38.76 -27.33 4.73
C LEU A 798 -38.04 -28.04 3.59
N SER A 799 -38.36 -29.33 3.46
CA SER A 799 -37.80 -30.19 2.41
C SER A 799 -38.96 -30.93 1.75
N ARG A 800 -39.55 -30.31 0.73
CA ARG A 800 -40.65 -30.89 -0.02
C ARG A 800 -40.46 -30.55 -1.49
N MET A 801 -41.50 -30.75 -2.29
CA MET A 801 -41.41 -30.48 -3.72
C MET A 801 -41.09 -29.01 -3.99
N SER A 802 -41.76 -28.11 -3.28
CA SER A 802 -41.51 -26.69 -3.38
C SER A 802 -40.60 -26.25 -2.23
N ASN A 803 -40.42 -24.94 -2.08
CA ASN A 803 -39.62 -24.31 -1.03
C ASN A 803 -38.15 -24.64 -1.13
N LEU A 804 -37.69 -25.20 -2.24
CA LEU A 804 -36.28 -25.49 -2.42
C LEU A 804 -35.53 -24.20 -2.75
N SER A 805 -34.43 -23.97 -2.04
CA SER A 805 -33.66 -22.74 -2.14
C SER A 805 -32.20 -23.09 -1.88
N VAL A 806 -31.39 -22.10 -1.51
CA VAL A 806 -30.00 -22.37 -1.17
C VAL A 806 -29.98 -22.94 0.23
N LEU A 807 -30.15 -24.27 0.32
CA LEU A 807 -30.39 -24.95 1.58
C LEU A 807 -29.14 -25.03 2.46
N ARG A 808 -27.98 -24.63 1.95
CA ARG A 808 -26.85 -24.39 2.84
C ARG A 808 -27.23 -23.39 3.91
N SER A 809 -28.00 -22.35 3.54
CA SER A 809 -28.46 -21.32 4.47
C SER A 809 -27.32 -20.80 5.34
N PHE A 810 -27.26 -21.27 6.59
CA PHE A 810 -26.21 -20.87 7.51
C PHE A 810 -25.61 -22.06 8.23
N ARG A 811 -25.87 -23.29 7.78
CA ARG A 811 -25.29 -24.46 8.41
C ARG A 811 -23.79 -24.56 8.15
N LEU A 812 -23.24 -23.73 7.27
CA LEU A 812 -21.80 -23.59 7.17
C LEU A 812 -21.18 -22.90 8.37
N LEU A 813 -22.00 -22.33 9.26
CA LEU A 813 -21.47 -21.60 10.41
C LEU A 813 -20.76 -22.51 11.40
N ARG A 814 -21.08 -23.81 11.41
CA ARG A 814 -20.48 -24.71 12.39
C ARG A 814 -18.96 -24.75 12.29
N VAL A 815 -18.39 -24.35 11.15
CA VAL A 815 -16.95 -24.32 11.00
C VAL A 815 -16.30 -23.41 12.02
N PHE A 816 -17.00 -22.35 12.43
CA PHE A 816 -16.44 -21.43 13.42
C PHE A 816 -16.37 -22.05 14.81
N LYS A 817 -17.12 -23.12 15.07
CA LYS A 817 -17.16 -23.71 16.40
C LYS A 817 -15.80 -24.21 16.87
N LEU A 818 -14.79 -24.21 16.01
CA LEU A 818 -13.44 -24.58 16.42
C LEU A 818 -12.75 -23.49 17.22
N ALA A 819 -13.43 -22.35 17.44
CA ALA A 819 -12.81 -21.24 18.15
C ALA A 819 -12.24 -21.64 19.51
N LYS A 820 -12.90 -22.58 20.20
CA LYS A 820 -12.38 -23.06 21.48
C LYS A 820 -11.01 -23.70 21.31
N SER A 821 -10.87 -24.59 20.33
CA SER A 821 -9.65 -25.37 20.19
C SER A 821 -8.56 -24.60 19.45
N TRP A 822 -8.89 -23.52 18.76
CA TRP A 822 -7.91 -22.80 17.96
C TRP A 822 -7.64 -21.43 18.58
N PRO A 823 -6.45 -21.18 19.10
CA PRO A 823 -6.15 -19.86 19.68
C PRO A 823 -5.79 -18.80 18.66
N THR A 824 -5.77 -19.13 17.38
CA THR A 824 -5.44 -18.16 16.33
C THR A 824 -6.67 -17.49 15.75
N LEU A 825 -7.76 -18.23 15.53
CA LEU A 825 -8.99 -17.63 15.01
C LEU A 825 -9.59 -16.64 15.98
N ASN A 826 -9.20 -16.69 17.26
CA ASN A 826 -9.66 -15.71 18.23
C ASN A 826 -9.23 -14.30 17.82
N THR A 827 -8.04 -14.17 17.24
CA THR A 827 -7.60 -12.85 16.79
C THR A 827 -8.48 -12.32 15.68
N LEU A 828 -8.87 -13.18 14.74
CA LEU A 828 -9.76 -12.76 13.67
C LEU A 828 -11.12 -12.37 14.23
N ILE A 829 -11.62 -13.14 15.20
CA ILE A 829 -12.90 -12.81 15.82
C ILE A 829 -12.81 -11.46 16.53
N LYS A 830 -11.70 -11.21 17.24
CA LYS A 830 -11.52 -9.94 17.91
C LYS A 830 -11.46 -8.78 16.93
N ILE A 831 -10.77 -8.96 15.80
CA ILE A 831 -10.71 -7.90 14.80
C ILE A 831 -12.10 -7.60 14.25
N ILE A 832 -12.85 -8.65 13.89
CA ILE A 832 -14.19 -8.46 13.35
C ILE A 832 -15.07 -7.75 14.38
N GLY A 833 -14.96 -8.14 15.65
CA GLY A 833 -15.74 -7.47 16.69
C GLY A 833 -15.35 -6.02 16.86
N ASN A 834 -14.06 -5.73 16.86
CA ASN A 834 -13.60 -4.34 16.97
C ASN A 834 -14.03 -3.51 15.78
N SER A 835 -14.33 -4.14 14.64
CA SER A 835 -14.85 -3.40 13.50
C SER A 835 -16.20 -2.75 13.77
N VAL A 836 -16.92 -3.18 14.80
CA VAL A 836 -18.23 -2.63 15.13
C VAL A 836 -18.26 -2.29 16.61
N GLY A 837 -18.68 -1.07 16.93
CA GLY A 837 -18.82 -0.65 18.32
C GLY A 837 -17.63 0.09 18.88
N ALA A 838 -16.53 -0.63 19.13
CA ALA A 838 -15.34 0.02 19.68
C ALA A 838 -14.79 1.06 18.71
N LEU A 839 -14.78 0.73 17.42
CA LEU A 839 -14.39 1.65 16.35
C LEU A 839 -15.50 1.76 15.33
N GLY A 840 -16.75 1.81 15.79
CA GLY A 840 -17.90 1.79 14.92
C GLY A 840 -18.30 3.10 14.29
N ASN A 841 -17.56 4.18 14.54
CA ASN A 841 -17.90 5.47 13.97
C ASN A 841 -17.19 5.74 12.65
N LEU A 842 -15.97 5.24 12.47
CA LEU A 842 -15.28 5.42 11.21
C LEU A 842 -16.01 4.71 10.07
N THR A 843 -16.59 3.54 10.35
CA THR A 843 -17.38 2.86 9.34
C THR A 843 -18.58 3.71 8.93
N LEU A 844 -19.24 4.34 9.90
CA LEU A 844 -20.36 5.21 9.58
C LEU A 844 -19.92 6.39 8.73
N VAL A 845 -18.77 6.99 9.07
CA VAL A 845 -18.28 8.13 8.31
C VAL A 845 -17.97 7.71 6.87
N LEU A 846 -17.32 6.56 6.70
CA LEU A 846 -16.99 6.09 5.36
C LEU A 846 -18.25 5.79 4.55
N ALA A 847 -19.25 5.18 5.19
CA ALA A 847 -20.51 4.91 4.50
C ALA A 847 -21.19 6.20 4.07
N ILE A 848 -21.17 7.22 4.93
CA ILE A 848 -21.78 8.50 4.59
C ILE A 848 -21.05 9.13 3.40
N ILE A 849 -19.71 9.07 3.41
CA ILE A 849 -18.93 9.64 2.32
C ILE A 849 -19.27 8.95 1.00
N VAL A 850 -19.33 7.60 1.03
CA VAL A 850 -19.64 6.87 -0.19
C VAL A 850 -21.04 7.23 -0.69
N PHE A 851 -22.00 7.31 0.24
CA PHE A 851 -23.37 7.64 -0.15
C PHE A 851 -23.44 9.00 -0.82
N ILE A 852 -22.84 10.02 -0.21
CA ILE A 852 -22.96 11.37 -0.76
C ILE A 852 -22.24 11.47 -2.09
N PHE A 853 -21.07 10.81 -2.23
CA PHE A 853 -20.36 10.84 -3.51
C PHE A 853 -21.18 10.17 -4.61
N ALA A 854 -21.79 9.02 -4.30
CA ALA A 854 -22.61 8.35 -5.31
C ALA A 854 -23.78 9.22 -5.73
N VAL A 855 -24.47 9.84 -4.77
CA VAL A 855 -25.64 10.65 -5.10
C VAL A 855 -25.24 11.85 -5.95
N VAL A 856 -24.16 12.54 -5.58
CA VAL A 856 -23.78 13.72 -6.35
C VAL A 856 -23.33 13.33 -7.76
N GLY A 857 -22.61 12.21 -7.89
CA GLY A 857 -22.19 11.77 -9.21
C GLY A 857 -23.38 11.43 -10.09
N MET A 858 -24.35 10.70 -9.55
CA MET A 858 -25.53 10.37 -10.34
C MET A 858 -26.28 11.63 -10.74
N GLN A 859 -26.46 12.56 -9.80
CA GLN A 859 -27.20 13.79 -10.12
C GLN A 859 -26.50 14.58 -11.20
N LEU A 860 -25.17 14.62 -11.18
CA LEU A 860 -24.45 15.42 -12.17
C LEU A 860 -24.45 14.77 -13.54
N PHE A 861 -24.23 13.45 -13.61
CA PHE A 861 -24.00 12.78 -14.88
C PHE A 861 -25.15 11.87 -15.32
N GLY A 862 -26.35 12.06 -14.80
CA GLY A 862 -27.46 11.24 -15.24
C GLY A 862 -27.78 11.28 -16.71
N LYS A 863 -28.31 12.40 -17.20
CA LYS A 863 -28.83 12.47 -18.56
C LYS A 863 -27.73 12.81 -19.56
N ASN A 864 -26.72 11.94 -19.61
CA ASN A 864 -25.68 12.04 -20.61
C ASN A 864 -25.26 10.68 -21.16
N TYR A 865 -25.97 9.61 -20.81
CA TYR A 865 -25.63 8.27 -21.25
C TYR A 865 -26.65 7.68 -22.21
N SER A 866 -27.68 8.44 -22.58
CA SER A 866 -28.74 7.90 -23.42
C SER A 866 -28.34 7.75 -24.88
N GLU A 867 -27.26 8.42 -25.31
CA GLU A 867 -26.83 8.37 -26.69
C GLU A 867 -25.76 7.31 -26.95
N LEU A 868 -25.35 6.56 -25.93
CA LEU A 868 -24.27 5.60 -26.07
C LEU A 868 -24.73 4.22 -26.49
N ARG A 869 -26.03 4.01 -26.75
CA ARG A 869 -26.50 2.70 -27.17
C ARG A 869 -26.53 2.61 -28.69
N ASP A 870 -27.38 3.42 -29.34
CA ASP A 870 -27.44 3.61 -30.79
C ASP A 870 -27.30 2.33 -31.60
N SER A 871 -27.73 1.19 -31.06
CA SER A 871 -27.52 -0.09 -31.72
C SER A 871 -28.23 -1.23 -31.00
N ASP A 872 -28.55 -2.29 -31.74
CA ASP A 872 -29.08 -3.54 -31.20
C ASP A 872 -30.42 -3.37 -30.48
N SER A 873 -31.05 -2.21 -30.62
CA SER A 873 -32.37 -1.95 -30.08
C SER A 873 -32.43 -2.25 -28.58
N GLY A 874 -31.63 -1.53 -27.81
CA GLY A 874 -31.67 -1.65 -26.36
C GLY A 874 -30.43 -2.27 -25.76
N LEU A 875 -29.26 -1.99 -26.33
CA LEU A 875 -28.00 -2.46 -25.78
C LEU A 875 -27.36 -1.32 -24.99
N LEU A 876 -27.54 -1.34 -23.69
CA LEU A 876 -26.98 -0.31 -22.81
C LEU A 876 -25.60 -0.74 -22.33
N PRO A 877 -24.57 0.09 -22.48
CA PRO A 877 -23.24 -0.31 -22.02
C PRO A 877 -23.19 -0.48 -20.51
N ARG A 878 -22.32 -1.37 -20.06
CA ARG A 878 -22.15 -1.60 -18.64
C ARG A 878 -21.38 -0.45 -18.00
N TRP A 879 -21.48 -0.36 -16.68
CA TRP A 879 -20.83 0.69 -15.89
C TRP A 879 -21.29 2.08 -16.33
N HIS A 880 -22.58 2.34 -16.15
CA HIS A 880 -23.14 3.66 -16.40
C HIS A 880 -23.58 4.28 -15.08
N MET A 881 -24.22 5.44 -15.16
CA MET A 881 -24.65 6.19 -13.98
C MET A 881 -26.08 6.67 -14.11
N MET A 882 -26.96 5.79 -14.60
CA MET A 882 -28.38 6.13 -14.74
C MET A 882 -29.21 5.70 -13.54
N ASP A 883 -28.60 5.13 -12.52
CA ASP A 883 -29.34 4.58 -11.38
C ASP A 883 -28.42 4.57 -10.17
N PHE A 884 -29.04 4.44 -8.99
CA PHE A 884 -28.28 4.47 -7.74
C PHE A 884 -27.33 3.28 -7.62
N PHE A 885 -27.80 2.09 -8.00
CA PHE A 885 -26.99 0.89 -7.85
C PHE A 885 -25.72 0.97 -8.70
N HIS A 886 -25.85 1.41 -9.95
CA HIS A 886 -24.69 1.50 -10.82
C HIS A 886 -23.71 2.57 -10.34
N ALA A 887 -24.23 3.67 -9.81
CA ALA A 887 -23.35 4.69 -9.24
C ALA A 887 -22.58 4.14 -8.04
N PHE A 888 -23.25 3.39 -7.18
CA PHE A 888 -22.55 2.77 -6.05
C PHE A 888 -21.50 1.79 -6.53
N LEU A 889 -21.80 1.02 -7.57
CA LEU A 889 -20.83 0.07 -8.11
C LEU A 889 -19.60 0.80 -8.65
N ILE A 890 -19.81 1.91 -9.36
CA ILE A 890 -18.67 2.67 -9.89
C ILE A 890 -17.85 3.25 -8.75
N ILE A 891 -18.51 3.73 -7.70
CA ILE A 891 -17.78 4.26 -6.55
C ILE A 891 -16.95 3.18 -5.89
N PHE A 892 -17.52 1.99 -5.72
CA PHE A 892 -16.76 0.89 -5.13
C PHE A 892 -15.57 0.52 -6.02
N ARG A 893 -15.78 0.48 -7.33
CA ARG A 893 -14.69 0.13 -8.24
C ARG A 893 -13.56 1.15 -8.19
N ILE A 894 -13.90 2.44 -8.18
CA ILE A 894 -12.83 3.44 -8.11
C ILE A 894 -12.15 3.42 -6.74
N LEU A 895 -12.87 3.02 -5.70
CA LEU A 895 -12.23 2.83 -4.40
C LEU A 895 -11.27 1.64 -4.44
N CYS A 896 -11.61 0.61 -5.22
CA CYS A 896 -10.75 -0.55 -5.31
C CYS A 896 -9.42 -0.24 -5.97
N GLY A 897 -9.40 0.69 -6.93
CA GLY A 897 -8.17 1.04 -7.61
C GLY A 897 -8.23 0.93 -9.12
N GLU A 898 -9.42 1.05 -9.70
CA GLU A 898 -9.60 1.02 -11.15
C GLU A 898 -10.50 2.18 -11.53
N TRP A 899 -9.93 3.21 -12.16
CA TRP A 899 -10.65 4.44 -12.46
C TRP A 899 -10.47 4.96 -13.88
N ILE A 900 -9.41 4.57 -14.59
CA ILE A 900 -9.12 5.18 -15.89
C ILE A 900 -10.17 4.78 -16.92
N GLU A 901 -10.64 3.53 -16.87
CA GLU A 901 -11.58 3.06 -17.88
C GLU A 901 -12.88 3.86 -17.85
N THR A 902 -13.40 4.14 -16.66
CA THR A 902 -14.62 4.92 -16.54
C THR A 902 -14.38 6.39 -16.89
N MET A 903 -13.20 6.91 -16.58
CA MET A 903 -12.87 8.27 -16.97
C MET A 903 -12.88 8.40 -18.50
N TRP A 904 -12.34 7.40 -19.19
CA TRP A 904 -12.38 7.40 -20.65
C TRP A 904 -13.81 7.38 -21.16
N ASP A 905 -14.68 6.60 -20.51
CA ASP A 905 -16.09 6.59 -20.90
C ASP A 905 -16.72 7.96 -20.72
N CYS A 906 -16.37 8.67 -19.65
CA CYS A 906 -16.71 10.08 -19.55
C CYS A 906 -15.80 10.88 -20.47
N MET A 907 -15.84 12.21 -20.34
CA MET A 907 -14.96 13.11 -21.08
C MET A 907 -15.19 13.02 -22.59
N GLU A 908 -16.18 12.24 -23.01
CA GLU A 908 -16.67 12.31 -24.38
C GLU A 908 -18.19 12.44 -24.44
N VAL A 909 -18.87 12.46 -23.31
CA VAL A 909 -20.31 12.67 -23.28
C VAL A 909 -20.72 13.80 -22.36
N SER A 910 -19.91 14.18 -21.37
CA SER A 910 -20.33 15.14 -20.36
C SER A 910 -19.31 16.24 -20.08
N GLY A 911 -18.23 16.32 -20.85
CA GLY A 911 -17.25 17.36 -20.62
C GLY A 911 -15.96 16.84 -20.03
N GLN A 912 -14.89 17.62 -20.16
CA GLN A 912 -13.56 17.17 -19.76
C GLN A 912 -13.08 17.78 -18.46
N SER A 913 -13.58 18.96 -18.08
CA SER A 913 -13.07 19.67 -16.91
C SER A 913 -13.84 19.35 -15.63
N LEU A 914 -14.77 18.40 -15.66
CA LEU A 914 -15.55 18.04 -14.49
C LEU A 914 -15.25 16.63 -13.97
N CYS A 915 -15.22 15.65 -14.87
CA CYS A 915 -14.91 14.29 -14.44
C CYS A 915 -13.53 14.20 -13.82
N LEU A 916 -12.55 14.91 -14.38
CA LEU A 916 -11.21 14.88 -13.81
C LEU A 916 -11.23 15.31 -12.34
N LEU A 917 -11.83 16.47 -12.07
CA LEU A 917 -11.86 17.00 -10.70
C LEU A 917 -12.61 16.08 -9.77
N VAL A 918 -13.80 15.62 -10.19
CA VAL A 918 -14.63 14.80 -9.31
C VAL A 918 -13.92 13.50 -8.98
N PHE A 919 -13.36 12.84 -9.99
CA PHE A 919 -12.72 11.55 -9.77
C PHE A 919 -11.47 11.70 -8.91
N LEU A 920 -10.67 12.74 -9.15
CA LEU A 920 -9.49 12.93 -8.31
C LEU A 920 -9.86 13.17 -6.86
N LEU A 921 -10.88 14.01 -6.62
CA LEU A 921 -11.31 14.29 -5.27
C LEU A 921 -11.79 13.03 -4.56
N VAL A 922 -12.67 12.26 -5.21
CA VAL A 922 -13.22 11.08 -4.55
C VAL A 922 -12.11 10.06 -4.30
N MET A 923 -11.18 9.90 -5.24
CA MET A 923 -10.09 8.96 -5.04
C MET A 923 -9.26 9.33 -3.82
N VAL A 924 -8.87 10.60 -3.72
CA VAL A 924 -8.02 11.02 -2.60
C VAL A 924 -8.75 10.81 -1.28
N ILE A 925 -10.00 11.27 -1.20
CA ILE A 925 -10.72 11.20 0.07
C ILE A 925 -10.93 9.75 0.49
N GLY A 926 -11.38 8.91 -0.44
CA GLY A 926 -11.64 7.52 -0.11
C GLY A 926 -10.38 6.79 0.32
N ASN A 927 -9.27 6.99 -0.41
CA ASN A 927 -8.03 6.34 -0.02
C ASN A 927 -7.58 6.76 1.37
N LEU A 928 -7.67 8.06 1.67
CA LEU A 928 -7.26 8.53 3.00
C LEU A 928 -8.10 7.88 4.08
N VAL A 929 -9.43 7.87 3.90
CA VAL A 929 -10.31 7.34 4.95
C VAL A 929 -10.05 5.85 5.15
N VAL A 930 -9.95 5.09 4.06
CA VAL A 930 -9.73 3.65 4.16
C VAL A 930 -8.39 3.37 4.84
N LEU A 931 -7.35 4.11 4.48
CA LEU A 931 -6.04 3.89 5.08
C LEU A 931 -6.05 4.17 6.57
N ASN A 932 -6.71 5.27 6.99
CA ASN A 932 -6.78 5.57 8.41
C ASN A 932 -7.55 4.50 9.17
N LEU A 933 -8.65 4.00 8.59
CA LEU A 933 -9.40 2.94 9.23
C LEU A 933 -8.53 1.69 9.39
N PHE A 934 -7.77 1.34 8.35
CA PHE A 934 -6.89 0.18 8.41
C PHE A 934 -5.88 0.33 9.54
N LEU A 935 -5.22 1.49 9.62
CA LEU A 935 -4.22 1.70 10.65
C LEU A 935 -4.83 1.62 12.05
N ALA A 936 -6.01 2.23 12.23
CA ALA A 936 -6.66 2.20 13.53
C ALA A 936 -7.00 0.78 13.94
N LEU A 937 -7.53 -0.01 12.99
CA LEU A 937 -7.86 -1.40 13.31
C LEU A 937 -6.63 -2.21 13.65
N LEU A 938 -5.53 -2.00 12.92
CA LEU A 938 -4.31 -2.73 13.23
C LEU A 938 -3.78 -2.39 14.61
N LEU A 939 -3.79 -1.10 14.96
CA LEU A 939 -3.31 -0.70 16.29
C LEU A 939 -4.21 -1.26 17.39
N SER A 940 -5.52 -1.27 17.17
CA SER A 940 -6.44 -1.84 18.16
C SER A 940 -6.22 -3.34 18.31
N SER A 941 -5.98 -4.06 17.21
CA SER A 941 -5.70 -5.48 17.28
C SER A 941 -4.40 -5.74 18.01
N PHE A 942 -3.42 -4.85 17.85
CA PHE A 942 -2.18 -4.96 18.63
C PHE A 942 -2.47 -4.82 20.12
N SER A 943 -3.35 -3.90 20.49
CA SER A 943 -3.70 -3.66 21.88
C SER A 943 -4.28 -4.90 22.54
N LYS A 1162 46.95 -29.32 14.90
CA LYS A 1162 45.50 -29.17 14.87
C LYS A 1162 44.85 -30.22 13.99
N ASP A 1163 44.59 -31.39 14.57
CA ASP A 1163 44.01 -32.49 13.81
C ASP A 1163 42.52 -32.23 13.59
N PRO A 1164 42.04 -32.30 12.35
CA PRO A 1164 40.60 -32.14 12.10
C PRO A 1164 39.80 -33.32 12.65
N GLU A 1165 38.51 -33.07 12.87
CA GLU A 1165 37.63 -34.13 13.35
C GLU A 1165 37.64 -35.30 12.39
N ASP A 1166 37.78 -36.51 12.93
CA ASP A 1166 38.12 -37.65 12.08
C ASP A 1166 36.91 -38.19 11.34
N CYS A 1167 35.95 -38.77 12.06
CA CYS A 1167 34.74 -39.26 11.42
C CYS A 1167 33.47 -38.66 12.00
N PHE A 1168 33.24 -38.80 13.30
CA PHE A 1168 31.99 -38.42 13.95
C PHE A 1168 32.17 -38.52 15.45
N THR A 1169 31.08 -38.32 16.20
CA THR A 1169 31.11 -38.36 17.65
C THR A 1169 31.23 -39.80 18.14
N GLU A 1170 31.15 -39.97 19.46
CA GLU A 1170 31.27 -41.28 20.09
C GLU A 1170 29.91 -41.99 20.06
N GLY A 1171 29.57 -42.47 18.87
CA GLY A 1171 28.32 -43.20 18.67
C GLY A 1171 28.53 -44.70 18.60
N CYS A 1172 28.56 -45.23 17.39
CA CYS A 1172 28.80 -46.66 17.15
C CYS A 1172 30.27 -47.03 17.23
N VAL A 1173 31.11 -46.18 17.82
CA VAL A 1173 32.54 -46.46 17.93
C VAL A 1173 32.81 -47.66 18.83
N ARG A 1174 31.84 -48.06 19.66
CA ARG A 1174 32.01 -49.23 20.51
C ARG A 1174 32.12 -50.51 19.71
N ARG A 1175 31.63 -50.53 18.47
CA ARG A 1175 31.77 -51.69 17.60
C ARG A 1175 33.03 -51.65 16.76
N CYS A 1176 33.59 -50.46 16.50
CA CYS A 1176 34.82 -50.32 15.72
C CYS A 1176 35.59 -49.11 16.22
N PRO A 1177 36.38 -49.30 17.28
CA PRO A 1177 37.34 -48.25 17.69
C PRO A 1177 38.61 -48.31 16.85
N CYS A 1178 38.41 -48.29 15.53
CA CYS A 1178 39.47 -48.57 14.56
C CYS A 1178 40.16 -47.31 14.06
N CYS A 1179 39.83 -46.15 14.61
CA CYS A 1179 40.44 -44.89 14.22
C CYS A 1179 41.69 -44.57 15.03
N ALA A 1180 41.62 -44.68 16.35
CA ALA A 1180 42.76 -44.42 17.22
C ALA A 1180 43.69 -45.63 17.18
N VAL A 1181 44.60 -45.63 16.20
CA VAL A 1181 45.52 -46.74 16.01
C VAL A 1181 46.95 -46.21 16.08
N ASP A 1182 47.92 -47.10 15.87
CA ASP A 1182 49.33 -46.73 15.92
C ASP A 1182 49.62 -45.66 14.87
N THR A 1183 50.03 -44.48 15.32
CA THR A 1183 50.32 -43.35 14.44
C THR A 1183 51.81 -43.19 14.17
N THR A 1184 52.63 -44.16 14.58
CA THR A 1184 54.07 -44.07 14.35
C THR A 1184 54.50 -44.67 13.01
N GLN A 1185 53.71 -45.58 12.47
CA GLN A 1185 54.05 -46.22 11.21
C GLN A 1185 53.38 -45.53 10.03
N ALA A 1186 53.67 -46.01 8.82
CA ALA A 1186 53.10 -45.42 7.62
C ALA A 1186 51.57 -45.46 7.58
N PRO A 1187 50.88 -46.57 7.91
CA PRO A 1187 49.42 -46.55 7.85
C PRO A 1187 48.77 -45.51 8.74
N GLY A 1188 49.42 -45.10 9.83
CA GLY A 1188 48.86 -44.08 10.69
C GLY A 1188 49.22 -42.68 10.27
N LYS A 1189 50.45 -42.50 9.79
CA LYS A 1189 50.91 -41.17 9.38
C LYS A 1189 50.32 -40.74 8.04
N VAL A 1190 50.01 -41.70 7.16
CA VAL A 1190 49.53 -41.36 5.83
C VAL A 1190 48.19 -40.63 5.91
N TRP A 1191 47.27 -41.14 6.73
CA TRP A 1191 45.95 -40.50 6.84
C TRP A 1191 46.05 -39.11 7.43
N TRP A 1192 46.88 -38.93 8.46
CA TRP A 1192 47.06 -37.60 9.04
C TRP A 1192 47.65 -36.63 8.03
N ARG A 1193 48.68 -37.06 7.31
CA ARG A 1193 49.28 -36.19 6.30
C ARG A 1193 48.27 -35.83 5.23
N LEU A 1194 47.48 -36.80 4.77
CA LEU A 1194 46.49 -36.54 3.73
C LEU A 1194 45.42 -35.59 4.21
N ARG A 1195 44.95 -35.76 5.46
CA ARG A 1195 43.90 -34.87 5.95
C ARG A 1195 44.43 -33.47 6.19
N LYS A 1196 45.67 -33.34 6.65
CA LYS A 1196 46.30 -32.02 6.73
C LYS A 1196 46.42 -31.38 5.35
N THR A 1197 46.78 -32.18 4.35
CA THR A 1197 46.87 -31.68 2.99
C THR A 1197 45.52 -31.19 2.48
N CYS A 1198 44.46 -31.96 2.73
CA CYS A 1198 43.14 -31.55 2.29
C CYS A 1198 42.68 -30.29 3.01
N TYR A 1199 42.95 -30.20 4.32
CA TYR A 1199 42.60 -29.01 5.07
C TYR A 1199 43.32 -27.79 4.52
N HIS A 1200 44.60 -27.93 4.18
CA HIS A 1200 45.34 -26.82 3.59
C HIS A 1200 44.79 -26.47 2.22
N ILE A 1201 44.38 -27.48 1.44
CA ILE A 1201 43.90 -27.24 0.09
C ILE A 1201 42.60 -26.46 0.10
N VAL A 1202 41.65 -26.85 0.95
CA VAL A 1202 40.35 -26.20 0.96
C VAL A 1202 40.40 -24.76 1.47
N GLU A 1203 41.42 -24.41 2.25
CA GLU A 1203 41.46 -23.08 2.86
C GLU A 1203 41.87 -21.97 1.91
N HIS A 1204 42.52 -22.29 0.78
CA HIS A 1204 43.00 -21.26 -0.13
C HIS A 1204 41.85 -20.48 -0.76
N SER A 1205 42.09 -19.20 -1.01
CA SER A 1205 41.10 -18.35 -1.66
C SER A 1205 41.02 -18.60 -3.16
N TRP A 1206 42.13 -19.02 -3.78
CA TRP A 1206 42.13 -19.29 -5.21
C TRP A 1206 41.14 -20.41 -5.55
N PHE A 1207 41.07 -21.43 -4.69
CA PHE A 1207 40.09 -22.50 -4.89
C PHE A 1207 38.68 -21.96 -4.86
N GLU A 1208 38.37 -21.08 -3.90
CA GLU A 1208 37.03 -20.51 -3.81
C GLU A 1208 36.70 -19.68 -5.05
N THR A 1209 37.66 -18.88 -5.53
CA THR A 1209 37.42 -18.09 -6.72
C THR A 1209 37.19 -18.97 -7.94
N PHE A 1210 37.97 -20.05 -8.07
CA PHE A 1210 37.78 -20.98 -9.17
C PHE A 1210 36.40 -21.61 -9.14
N ILE A 1211 35.95 -22.02 -7.95
CA ILE A 1211 34.64 -22.63 -7.83
C ILE A 1211 33.54 -21.63 -8.17
N ILE A 1212 33.69 -20.38 -7.72
CA ILE A 1212 32.69 -19.37 -8.01
C ILE A 1212 32.62 -19.09 -9.51
N PHE A 1213 33.77 -19.02 -10.17
CA PHE A 1213 33.76 -18.82 -11.62
C PHE A 1213 33.10 -19.98 -12.33
N MET A 1214 33.37 -21.21 -11.89
CA MET A 1214 32.73 -22.37 -12.49
C MET A 1214 31.22 -22.33 -12.31
N ILE A 1215 30.76 -21.95 -11.12
CA ILE A 1215 29.32 -21.84 -10.87
C ILE A 1215 28.69 -20.79 -11.78
N LEU A 1216 29.35 -19.63 -11.91
CA LEU A 1216 28.80 -18.56 -12.73
C LEU A 1216 28.71 -19.00 -14.19
N LEU A 1217 29.75 -19.66 -14.70
CA LEU A 1217 29.72 -20.12 -16.08
C LEU A 1217 28.65 -21.19 -16.30
N SER A 1218 28.53 -22.11 -15.34
CA SER A 1218 27.52 -23.16 -15.46
C SER A 1218 26.11 -22.56 -15.47
N SER A 1219 25.87 -21.57 -14.62
CA SER A 1219 24.57 -20.91 -14.61
C SER A 1219 24.32 -20.17 -15.92
N GLY A 1220 25.34 -19.48 -16.45
CA GLY A 1220 25.15 -18.68 -17.64
C GLY A 1220 25.04 -19.48 -18.92
N ALA A 1221 25.55 -20.71 -18.93
CA ALA A 1221 25.58 -21.50 -20.17
C ALA A 1221 24.21 -22.01 -20.59
N LEU A 1222 23.17 -21.84 -19.79
CA LEU A 1222 21.85 -22.37 -20.11
C LEU A 1222 20.98 -21.39 -20.89
N ALA A 1223 21.49 -20.21 -21.25
CA ALA A 1223 20.68 -19.23 -21.96
C ALA A 1223 20.62 -19.48 -23.46
N PHE A 1224 21.41 -20.40 -23.99
CA PHE A 1224 21.45 -20.68 -25.42
C PHE A 1224 20.62 -21.89 -25.80
N GLU A 1225 19.54 -22.17 -25.06
CA GLU A 1225 18.69 -23.33 -25.30
C GLU A 1225 17.34 -22.95 -25.91
N ASP A 1226 17.30 -21.92 -26.75
CA ASP A 1226 16.06 -21.47 -27.36
C ASP A 1226 15.74 -22.36 -28.57
N ILE A 1227 14.76 -21.93 -29.39
CA ILE A 1227 14.32 -22.75 -30.50
C ILE A 1227 15.27 -22.71 -31.69
N TYR A 1228 16.24 -21.80 -31.69
CA TYR A 1228 17.20 -21.71 -32.78
C TYR A 1228 18.43 -22.60 -32.56
N LEU A 1229 18.42 -23.41 -31.52
CA LEU A 1229 19.55 -24.29 -31.25
C LEU A 1229 19.72 -25.34 -32.33
N GLU A 1230 18.62 -25.83 -32.91
CA GLU A 1230 18.73 -26.85 -33.94
C GLU A 1230 19.48 -26.34 -35.16
N GLU A 1231 19.20 -25.11 -35.58
CA GLU A 1231 19.85 -24.55 -36.77
C GLU A 1231 21.36 -24.43 -36.57
N ARG A 1232 21.79 -23.97 -35.40
CA ARG A 1232 23.20 -23.77 -35.12
C ARG A 1232 23.85 -25.13 -34.89
N LYS A 1233 24.56 -25.62 -35.90
CA LYS A 1233 25.15 -26.96 -35.82
C LYS A 1233 26.40 -27.00 -34.96
N THR A 1234 27.12 -25.89 -34.83
CA THR A 1234 28.43 -25.87 -34.19
C THR A 1234 28.38 -25.38 -32.75
N ILE A 1235 27.22 -25.43 -32.10
CA ILE A 1235 27.10 -24.97 -30.72
C ILE A 1235 26.66 -26.13 -29.83
N LYS A 1236 25.96 -27.10 -30.42
CA LYS A 1236 25.48 -28.24 -29.64
C LYS A 1236 26.64 -29.05 -29.07
N VAL A 1237 27.67 -29.28 -29.87
CA VAL A 1237 28.82 -30.07 -29.41
C VAL A 1237 29.52 -29.36 -28.26
N LEU A 1238 29.74 -28.05 -28.40
CA LEU A 1238 30.37 -27.29 -27.34
C LEU A 1238 29.53 -27.32 -26.07
N LEU A 1239 28.21 -27.17 -26.21
CA LEU A 1239 27.33 -27.18 -25.05
C LEU A 1239 27.39 -28.52 -24.33
N GLU A 1240 27.39 -29.63 -25.08
CA GLU A 1240 27.41 -30.92 -24.42
C GLU A 1240 28.77 -31.24 -23.80
N TYR A 1241 29.85 -30.77 -24.41
CA TYR A 1241 31.15 -30.88 -23.76
C TYR A 1241 31.17 -30.14 -22.43
N ALA A 1242 30.64 -28.92 -22.42
CA ALA A 1242 30.56 -28.17 -21.17
C ALA A 1242 29.70 -28.87 -20.14
N ASP A 1243 28.59 -29.46 -20.61
CA ASP A 1243 27.72 -30.22 -19.71
C ASP A 1243 28.47 -31.35 -19.04
N LYS A 1244 29.29 -32.08 -19.79
CA LYS A 1244 30.08 -33.16 -19.19
C LYS A 1244 31.10 -32.62 -18.18
N MET A 1245 31.83 -31.57 -18.59
CA MET A 1245 32.92 -31.08 -17.74
C MET A 1245 32.41 -30.51 -16.42
N PHE A 1246 31.24 -29.88 -16.43
CA PHE A 1246 30.72 -29.30 -15.19
C PHE A 1246 30.47 -30.38 -14.15
N THR A 1247 29.81 -31.48 -14.55
CA THR A 1247 29.57 -32.56 -13.61
C THR A 1247 30.86 -33.23 -13.17
N TYR A 1248 31.82 -33.38 -14.09
CA TYR A 1248 33.12 -33.92 -13.72
C TYR A 1248 33.75 -33.11 -12.58
N VAL A 1249 33.83 -31.80 -12.76
CA VAL A 1249 34.51 -30.96 -11.77
C VAL A 1249 33.73 -30.93 -10.47
N PHE A 1250 32.39 -30.93 -10.54
CA PHE A 1250 31.61 -30.86 -9.31
C PHE A 1250 31.73 -32.15 -8.49
N VAL A 1251 31.72 -33.30 -9.16
CA VAL A 1251 31.88 -34.56 -8.43
C VAL A 1251 33.26 -34.63 -7.80
N LEU A 1252 34.30 -34.21 -8.52
CA LEU A 1252 35.64 -34.24 -7.94
C LEU A 1252 35.73 -33.32 -6.72
N GLU A 1253 35.16 -32.12 -6.81
CA GLU A 1253 35.19 -31.21 -5.67
C GLU A 1253 34.43 -31.78 -4.48
N MET A 1254 33.26 -32.38 -4.72
CA MET A 1254 32.49 -32.95 -3.64
C MET A 1254 33.27 -34.07 -2.94
N LEU A 1255 33.91 -34.94 -3.72
CA LEU A 1255 34.69 -36.02 -3.10
C LEU A 1255 35.87 -35.47 -2.30
N LEU A 1256 36.52 -34.41 -2.82
CA LEU A 1256 37.63 -33.83 -2.09
C LEU A 1256 37.18 -33.26 -0.76
N LYS A 1257 36.05 -32.54 -0.75
CA LYS A 1257 35.52 -32.03 0.51
C LYS A 1257 35.08 -33.17 1.42
N TRP A 1258 34.56 -34.25 0.83
CA TRP A 1258 34.09 -35.40 1.60
C TRP A 1258 35.22 -36.08 2.35
N VAL A 1259 36.40 -36.16 1.72
CA VAL A 1259 37.58 -36.71 2.41
C VAL A 1259 38.29 -35.67 3.26
N ALA A 1260 38.01 -34.38 3.08
CA ALA A 1260 38.71 -33.36 3.85
C ALA A 1260 38.20 -33.29 5.28
N TYR A 1261 36.93 -32.92 5.47
CA TYR A 1261 36.36 -32.70 6.80
C TYR A 1261 36.00 -34.00 7.50
N GLY A 1262 35.23 -34.86 6.85
CA GLY A 1262 34.72 -36.07 7.46
C GLY A 1262 33.23 -36.25 7.18
N PHE A 1263 32.56 -36.92 8.10
CA PHE A 1263 31.12 -37.14 8.00
C PHE A 1263 30.33 -36.06 8.73
N LYS A 1264 30.99 -35.03 9.27
CA LYS A 1264 30.28 -33.94 9.92
C LYS A 1264 29.39 -33.19 8.94
N LYS A 1265 29.95 -32.80 7.80
CA LYS A 1265 29.21 -32.03 6.81
C LYS A 1265 28.52 -32.96 5.83
N TYR A 1266 27.61 -32.38 5.03
CA TYR A 1266 26.68 -33.07 4.15
C TYR A 1266 25.60 -33.77 4.96
N PHE A 1267 25.77 -33.78 6.28
CA PHE A 1267 24.81 -34.45 7.16
C PHE A 1267 24.48 -33.66 8.42
N THR A 1268 25.33 -32.72 8.86
CA THR A 1268 25.01 -31.82 9.96
C THR A 1268 24.95 -30.35 9.56
N ASN A 1269 25.59 -29.97 8.47
CA ASN A 1269 25.50 -28.61 7.96
C ASN A 1269 24.35 -28.51 6.98
N ALA A 1270 23.57 -27.43 7.08
CA ALA A 1270 22.35 -27.31 6.29
C ALA A 1270 22.66 -27.07 4.81
N TRP A 1271 23.70 -26.28 4.52
CA TRP A 1271 23.93 -25.86 3.14
C TRP A 1271 24.38 -27.01 2.26
N CYS A 1272 25.11 -27.98 2.82
CA CYS A 1272 25.72 -29.02 1.99
C CYS A 1272 24.70 -30.02 1.42
N TRP A 1273 23.53 -30.15 2.05
CA TRP A 1273 22.53 -31.09 1.55
C TRP A 1273 22.01 -30.69 0.18
N LEU A 1274 21.87 -29.39 -0.07
CA LEU A 1274 21.41 -28.92 -1.37
C LEU A 1274 22.39 -29.30 -2.46
N ASP A 1275 23.69 -29.09 -2.20
CA ASP A 1275 24.71 -29.49 -3.16
C ASP A 1275 24.70 -30.99 -3.37
N PHE A 1276 24.52 -31.76 -2.29
CA PHE A 1276 24.46 -33.21 -2.44
C PHE A 1276 23.31 -33.64 -3.34
N LEU A 1277 22.13 -33.04 -3.14
CA LEU A 1277 20.97 -33.42 -3.95
C LEU A 1277 21.18 -33.05 -5.40
N ILE A 1278 21.70 -31.87 -5.67
CA ILE A 1278 21.93 -31.46 -7.06
C ILE A 1278 22.94 -32.38 -7.74
N VAL A 1279 24.02 -32.72 -7.02
CA VAL A 1279 25.03 -33.60 -7.59
C VAL A 1279 24.45 -34.99 -7.85
N ASP A 1280 23.57 -35.46 -6.96
CA ASP A 1280 22.94 -36.75 -7.17
C ASP A 1280 22.07 -36.74 -8.42
N VAL A 1281 21.32 -35.66 -8.63
CA VAL A 1281 20.49 -35.55 -9.83
C VAL A 1281 21.36 -35.57 -11.08
N SER A 1282 22.44 -34.81 -11.07
CA SER A 1282 23.33 -34.81 -12.22
C SER A 1282 23.98 -36.17 -12.43
N LEU A 1283 24.28 -36.89 -11.35
CA LEU A 1283 24.88 -38.21 -11.46
C LEU A 1283 23.93 -39.21 -12.10
N VAL A 1284 22.67 -39.21 -11.67
CA VAL A 1284 21.72 -40.14 -12.29
C VAL A 1284 21.48 -39.76 -13.74
N SER A 1285 21.47 -38.46 -14.05
CA SER A 1285 21.34 -38.05 -15.45
C SER A 1285 22.51 -38.57 -16.28
N LEU A 1286 23.73 -38.45 -15.75
CA LEU A 1286 24.89 -38.89 -16.53
C LEU A 1286 24.93 -40.41 -16.66
N VAL A 1287 24.49 -41.14 -15.64
CA VAL A 1287 24.50 -42.60 -15.75
C VAL A 1287 23.43 -43.05 -16.74
N ALA A 1288 22.33 -42.30 -16.84
CA ALA A 1288 21.34 -42.60 -17.87
C ALA A 1288 21.90 -42.30 -19.26
N ASN A 1289 22.60 -41.18 -19.41
CA ASN A 1289 23.12 -40.79 -20.73
C ASN A 1289 24.21 -41.73 -21.19
N THR A 1290 25.19 -42.01 -20.33
CA THR A 1290 26.33 -42.84 -20.71
C THR A 1290 25.91 -44.26 -21.05
N LEU A 1291 24.99 -44.83 -20.27
CA LEU A 1291 24.53 -46.19 -20.52
C LEU A 1291 23.74 -46.32 -21.81
N GLY A 1292 23.34 -45.21 -22.43
CA GLY A 1292 22.67 -45.25 -23.70
C GLY A 1292 21.18 -45.54 -23.65
N PHE A 1293 20.59 -45.61 -22.46
CA PHE A 1293 19.17 -45.91 -22.30
C PHE A 1293 18.35 -44.65 -22.02
N ALA A 1294 18.71 -43.53 -22.64
CA ALA A 1294 18.07 -42.24 -22.39
C ALA A 1294 16.77 -42.07 -23.15
N GLU A 1295 16.35 -43.06 -23.93
CA GLU A 1295 15.10 -42.99 -24.67
C GLU A 1295 13.98 -43.77 -23.96
N MET A 1296 14.14 -44.01 -22.66
CA MET A 1296 13.13 -44.76 -21.91
C MET A 1296 11.83 -43.99 -21.79
N GLY A 1297 11.90 -42.66 -21.69
CA GLY A 1297 10.72 -41.88 -21.44
C GLY A 1297 10.90 -40.93 -20.27
N PRO A 1298 10.20 -41.21 -19.16
CA PRO A 1298 10.24 -40.33 -17.99
C PRO A 1298 11.62 -39.94 -17.52
N ILE A 1299 12.66 -40.65 -17.99
CA ILE A 1299 14.02 -40.21 -17.74
C ILE A 1299 14.25 -38.83 -18.32
N LYS A 1300 13.61 -38.52 -19.46
CA LYS A 1300 13.73 -37.20 -20.07
C LYS A 1300 13.21 -36.10 -19.16
N SER A 1301 12.37 -36.43 -18.18
CA SER A 1301 11.86 -35.40 -17.26
C SER A 1301 12.99 -34.78 -16.44
N LEU A 1302 13.95 -35.62 -15.99
CA LEU A 1302 15.06 -35.10 -15.22
C LEU A 1302 15.93 -34.14 -16.01
N ARG A 1303 15.87 -34.21 -17.35
CA ARG A 1303 16.67 -33.30 -18.16
C ARG A 1303 16.23 -31.85 -17.97
N THR A 1304 14.93 -31.61 -17.88
CA THR A 1304 14.44 -30.25 -17.69
C THR A 1304 14.66 -29.74 -16.27
N LEU A 1305 15.06 -30.61 -15.34
CA LEU A 1305 15.28 -30.23 -13.96
C LEU A 1305 16.65 -29.62 -13.73
N ARG A 1306 17.42 -29.39 -14.79
CA ARG A 1306 18.71 -28.73 -14.66
C ARG A 1306 18.57 -27.24 -14.30
N ALA A 1307 17.36 -26.70 -14.35
CA ALA A 1307 17.15 -25.28 -14.07
C ALA A 1307 17.44 -24.91 -12.62
N LEU A 1308 17.59 -25.89 -11.74
CA LEU A 1308 17.97 -25.62 -10.36
C LEU A 1308 19.48 -25.45 -10.18
N ARG A 1309 20.25 -25.61 -11.25
CA ARG A 1309 21.70 -25.45 -11.14
C ARG A 1309 22.13 -24.08 -10.63
N PRO A 1310 21.52 -22.95 -11.05
CA PRO A 1310 21.97 -21.65 -10.51
C PRO A 1310 21.77 -21.50 -9.01
N LEU A 1311 21.07 -22.41 -8.34
CA LEU A 1311 20.81 -22.27 -6.91
C LEU A 1311 22.05 -22.50 -6.06
N ARG A 1312 23.15 -22.97 -6.63
CA ARG A 1312 24.37 -23.19 -5.86
C ARG A 1312 24.99 -21.90 -5.35
N ALA A 1313 24.55 -20.75 -5.87
CA ALA A 1313 25.15 -19.46 -5.50
C ALA A 1313 24.43 -18.79 -4.33
N LEU A 1314 23.67 -19.54 -3.54
CA LEU A 1314 22.95 -18.99 -2.40
C LEU A 1314 23.76 -18.99 -1.12
N SER A 1315 25.02 -19.42 -1.16
CA SER A 1315 25.84 -19.50 0.04
C SER A 1315 27.26 -18.97 -0.14
N ARG A 1316 27.67 -18.61 -1.36
CA ARG A 1316 29.05 -18.18 -1.56
C ARG A 1316 29.23 -16.71 -1.18
N PHE A 1317 28.51 -15.81 -1.85
CA PHE A 1317 28.51 -14.41 -1.43
C PHE A 1317 27.84 -14.29 -0.06
N GLU A 1318 28.32 -13.36 0.75
CA GLU A 1318 27.67 -13.13 2.03
C GLU A 1318 26.23 -12.72 1.77
N GLY A 1319 26.05 -11.52 1.20
CA GLY A 1319 24.89 -11.21 0.38
C GLY A 1319 23.55 -11.75 0.84
N MET A 1320 23.03 -12.69 0.06
CA MET A 1320 21.70 -13.24 0.27
C MET A 1320 21.60 -14.13 1.51
N ARG A 1321 22.71 -14.46 2.16
CA ARG A 1321 22.64 -15.35 3.31
C ARG A 1321 21.81 -14.76 4.44
N VAL A 1322 22.02 -13.48 4.74
CA VAL A 1322 21.30 -12.85 5.84
C VAL A 1322 19.81 -12.77 5.53
N VAL A 1323 19.45 -12.40 4.30
CA VAL A 1323 18.05 -12.25 3.97
C VAL A 1323 17.35 -13.60 3.93
N VAL A 1324 18.04 -14.63 3.44
CA VAL A 1324 17.41 -15.96 3.44
C VAL A 1324 17.29 -16.49 4.86
N ASN A 1325 18.24 -16.16 5.74
CA ASN A 1325 18.12 -16.54 7.14
C ASN A 1325 16.91 -15.87 7.78
N ALA A 1326 16.75 -14.57 7.55
CA ALA A 1326 15.61 -13.85 8.11
C ALA A 1326 14.29 -14.40 7.57
N LEU A 1327 14.26 -14.73 6.28
CA LEU A 1327 13.05 -15.30 5.70
C LEU A 1327 12.72 -16.67 6.28
N VAL A 1328 13.74 -17.51 6.47
CA VAL A 1328 13.50 -18.85 6.98
C VAL A 1328 13.20 -18.85 8.48
N GLY A 1329 13.51 -17.76 9.18
CA GLY A 1329 13.20 -17.70 10.59
C GLY A 1329 11.78 -17.25 10.90
N ALA A 1330 10.89 -17.28 9.90
CA ALA A 1330 9.54 -16.78 10.09
C ALA A 1330 8.46 -17.68 9.49
N ILE A 1331 8.78 -18.92 9.15
CA ILE A 1331 7.84 -19.84 8.50
C ILE A 1331 6.63 -20.17 9.40
N PRO A 1332 6.81 -20.51 10.69
CA PRO A 1332 5.64 -20.97 11.47
C PRO A 1332 4.50 -19.96 11.54
N SER A 1333 4.82 -18.67 11.65
CA SER A 1333 3.76 -17.65 11.66
C SER A 1333 3.02 -17.64 10.33
N ILE A 1334 3.76 -17.77 9.22
CA ILE A 1334 3.14 -17.80 7.90
C ILE A 1334 2.19 -18.98 7.81
N MET A 1335 2.61 -20.16 8.30
CA MET A 1335 1.72 -21.32 8.25
C MET A 1335 0.48 -21.12 9.11
N ASN A 1336 0.65 -20.53 10.30
CA ASN A 1336 -0.49 -20.29 11.18
C ASN A 1336 -1.50 -19.38 10.52
N VAL A 1337 -1.04 -18.32 9.84
CA VAL A 1337 -1.98 -17.44 9.14
C VAL A 1337 -2.58 -18.17 7.94
N LEU A 1338 -1.79 -18.97 7.24
CA LEU A 1338 -2.27 -19.62 6.02
C LEU A 1338 -3.40 -20.59 6.31
N LEU A 1339 -3.34 -21.30 7.44
CA LEU A 1339 -4.40 -22.25 7.75
C LEU A 1339 -5.76 -21.56 7.84
N VAL A 1340 -5.85 -20.50 8.63
CA VAL A 1340 -7.11 -19.79 8.77
C VAL A 1340 -7.52 -19.15 7.44
N CYS A 1341 -6.54 -18.70 6.65
CA CYS A 1341 -6.88 -18.16 5.33
C CYS A 1341 -7.55 -19.21 4.46
N LEU A 1342 -7.01 -20.43 4.44
CA LEU A 1342 -7.60 -21.48 3.63
C LEU A 1342 -8.99 -21.85 4.13
N ILE A 1343 -9.21 -21.87 5.44
CA ILE A 1343 -10.54 -22.18 5.94
C ILE A 1343 -11.54 -21.11 5.54
N PHE A 1344 -11.17 -19.83 5.74
CA PHE A 1344 -12.05 -18.72 5.44
C PHE A 1344 -12.30 -18.57 3.95
N TRP A 1345 -11.43 -19.13 3.10
CA TRP A 1345 -11.75 -19.17 1.68
C TRP A 1345 -12.51 -20.42 1.29
N LEU A 1346 -12.34 -21.52 2.02
CA LEU A 1346 -13.08 -22.74 1.71
C LEU A 1346 -14.57 -22.55 1.93
N ILE A 1347 -14.95 -21.81 2.98
CA ILE A 1347 -16.38 -21.58 3.20
C ILE A 1347 -17.00 -20.86 2.00
N PHE A 1348 -16.34 -19.81 1.53
CA PHE A 1348 -16.85 -19.08 0.37
C PHE A 1348 -16.80 -19.93 -0.89
N SER A 1349 -15.80 -20.79 -1.02
CA SER A 1349 -15.73 -21.68 -2.17
C SER A 1349 -16.92 -22.63 -2.21
N ILE A 1350 -17.30 -23.17 -1.06
CA ILE A 1350 -18.47 -24.04 -1.02
C ILE A 1350 -19.73 -23.26 -1.39
N MET A 1351 -19.87 -22.05 -0.84
CA MET A 1351 -21.04 -21.24 -1.17
C MET A 1351 -21.12 -20.96 -2.67
N GLY A 1352 -20.00 -20.56 -3.27
CA GLY A 1352 -19.99 -20.29 -4.69
C GLY A 1352 -20.22 -21.52 -5.54
N VAL A 1353 -19.68 -22.67 -5.10
CA VAL A 1353 -19.89 -23.91 -5.84
C VAL A 1353 -21.37 -24.26 -5.87
N ASN A 1354 -22.07 -24.08 -4.75
CA ASN A 1354 -23.51 -24.30 -4.76
C ASN A 1354 -24.19 -23.30 -5.70
N LEU A 1355 -23.87 -22.02 -5.55
CA LEU A 1355 -24.67 -21.00 -6.20
C LEU A 1355 -24.43 -20.92 -7.71
N PHE A 1356 -23.27 -21.33 -8.21
CA PHE A 1356 -22.92 -21.17 -9.62
C PHE A 1356 -22.51 -22.48 -10.28
N ALA A 1357 -23.25 -23.55 -10.05
CA ALA A 1357 -22.88 -24.86 -10.58
C ALA A 1357 -23.50 -25.08 -11.96
N GLY A 1358 -22.66 -25.17 -12.98
CA GLY A 1358 -23.13 -25.49 -14.32
C GLY A 1358 -24.06 -24.47 -14.93
N LYS A 1359 -23.74 -23.19 -14.76
CA LYS A 1359 -24.54 -22.10 -15.33
C LYS A 1359 -23.73 -21.24 -16.28
N PHE A 1360 -22.65 -21.81 -16.84
CA PHE A 1360 -21.74 -21.03 -17.67
C PHE A 1360 -21.67 -21.48 -19.12
N GLY A 1361 -22.25 -22.62 -19.48
CA GLY A 1361 -22.12 -23.12 -20.83
C GLY A 1361 -22.94 -22.35 -21.83
N ARG A 1362 -22.41 -22.24 -23.05
CA ARG A 1362 -23.13 -21.62 -24.16
C ARG A 1362 -22.56 -22.17 -25.45
N CYS A 1363 -23.38 -22.17 -26.50
CA CYS A 1363 -22.94 -22.63 -27.80
C CYS A 1363 -22.92 -21.47 -28.79
N ILE A 1364 -21.86 -21.43 -29.59
CA ILE A 1364 -21.53 -20.27 -30.42
C ILE A 1364 -21.26 -20.72 -31.85
N ASN A 1365 -21.35 -19.75 -32.76
CA ASN A 1365 -21.03 -19.95 -34.16
C ASN A 1365 -19.54 -19.68 -34.38
N GLN A 1366 -18.85 -20.64 -35.01
CA GLN A 1366 -17.40 -20.55 -35.14
C GLN A 1366 -16.98 -19.38 -36.02
N THR A 1367 -17.67 -19.18 -37.14
CA THR A 1367 -17.26 -18.16 -38.10
C THR A 1367 -17.32 -16.76 -37.48
N GLU A 1368 -18.39 -16.46 -36.75
CA GLU A 1368 -18.55 -15.12 -36.20
C GLU A 1368 -17.58 -14.84 -35.06
N GLY A 1369 -17.04 -15.86 -34.42
CA GLY A 1369 -16.08 -15.66 -33.35
C GLY A 1369 -16.41 -16.41 -32.08
N ASP A 1370 -16.48 -15.69 -30.96
CA ASP A 1370 -16.74 -16.28 -29.65
C ASP A 1370 -17.79 -15.47 -28.91
N LEU A 1371 -18.91 -15.20 -29.58
CA LEU A 1371 -20.00 -14.45 -28.99
C LEU A 1371 -21.24 -15.32 -28.88
N PRO A 1372 -21.89 -15.38 -27.72
CA PRO A 1372 -23.16 -16.11 -27.62
C PRO A 1372 -24.20 -15.46 -28.52
N LEU A 1373 -25.09 -16.29 -29.06
CA LEU A 1373 -26.02 -15.82 -30.09
C LEU A 1373 -27.22 -15.10 -29.48
N ASN A 1374 -28.06 -15.84 -28.77
CA ASN A 1374 -29.32 -15.31 -28.25
C ASN A 1374 -30.10 -16.38 -27.49
N TYR A 1375 -31.25 -16.01 -26.94
CA TYR A 1375 -32.14 -16.97 -26.33
C TYR A 1375 -33.38 -17.25 -27.18
N THR A 1376 -33.60 -16.50 -28.25
CA THR A 1376 -34.83 -16.64 -29.04
C THR A 1376 -34.81 -17.89 -29.90
N ILE A 1377 -33.66 -18.21 -30.49
CA ILE A 1377 -33.55 -19.37 -31.37
C ILE A 1377 -33.08 -20.58 -30.57
N VAL A 1378 -31.92 -20.46 -29.94
CA VAL A 1378 -31.31 -21.54 -29.17
C VAL A 1378 -31.47 -21.22 -27.69
N ASN A 1379 -31.95 -22.21 -26.92
CA ASN A 1379 -32.22 -22.00 -25.51
C ASN A 1379 -31.37 -22.88 -24.61
N ASN A 1380 -31.35 -24.19 -24.85
CA ASN A 1380 -30.50 -25.09 -24.06
C ASN A 1380 -29.49 -25.79 -24.96
N LYS A 1381 -28.75 -26.74 -24.41
CA LYS A 1381 -27.81 -27.57 -25.16
C LYS A 1381 -28.50 -28.49 -26.15
N SER A 1382 -29.66 -29.06 -25.79
CA SER A 1382 -30.32 -29.99 -26.69
C SER A 1382 -30.77 -29.31 -27.98
N GLN A 1383 -31.31 -28.10 -27.87
CA GLN A 1383 -31.82 -27.41 -29.04
C GLN A 1383 -30.69 -27.12 -30.04
N CYS A 1384 -29.56 -26.63 -29.56
CA CYS A 1384 -28.48 -26.24 -30.48
C CYS A 1384 -27.54 -27.40 -30.74
N GLU A 1385 -27.77 -28.55 -30.10
CA GLU A 1385 -27.13 -29.77 -30.57
C GLU A 1385 -27.95 -30.42 -31.67
N SER A 1386 -29.28 -30.21 -31.64
CA SER A 1386 -30.12 -30.65 -32.75
C SER A 1386 -29.96 -29.73 -33.95
N LEU A 1387 -29.64 -28.46 -33.71
CA LEU A 1387 -29.38 -27.53 -34.80
C LEU A 1387 -27.98 -27.67 -35.38
N ASN A 1388 -27.12 -28.50 -34.80
CA ASN A 1388 -25.77 -28.72 -35.31
C ASN A 1388 -25.79 -29.60 -36.54
N LEU A 1389 -26.42 -29.12 -37.61
CA LEU A 1389 -26.61 -29.92 -38.82
C LEU A 1389 -25.44 -29.79 -39.79
N THR A 1390 -24.97 -28.58 -40.04
CA THR A 1390 -23.89 -28.34 -40.99
C THR A 1390 -22.51 -28.33 -40.35
N GLY A 1391 -22.43 -28.35 -39.02
CA GLY A 1391 -21.14 -28.38 -38.35
C GLY A 1391 -20.52 -27.02 -38.10
N GLU A 1392 -21.30 -26.08 -37.57
CA GLU A 1392 -20.78 -24.74 -37.28
C GLU A 1392 -21.23 -24.20 -35.93
N LEU A 1393 -21.85 -25.02 -35.09
CA LEU A 1393 -22.24 -24.65 -33.74
C LEU A 1393 -21.42 -25.47 -32.76
N TYR A 1394 -20.72 -24.79 -31.85
CA TYR A 1394 -19.86 -25.46 -30.88
C TYR A 1394 -20.26 -25.05 -29.47
N TRP A 1395 -20.50 -26.02 -28.60
CA TRP A 1395 -20.76 -25.76 -27.20
C TRP A 1395 -19.45 -25.60 -26.45
N THR A 1396 -19.38 -24.59 -25.57
CA THR A 1396 -18.16 -24.25 -24.87
C THR A 1396 -18.52 -23.67 -23.52
N LYS A 1397 -17.55 -23.71 -22.62
CA LYS A 1397 -17.67 -23.15 -21.28
C LYS A 1397 -16.45 -22.31 -20.96
N VAL A 1398 -16.61 -21.40 -20.00
CA VAL A 1398 -15.56 -20.45 -19.65
C VAL A 1398 -14.36 -21.21 -19.09
N LYS A 1399 -13.17 -20.62 -19.30
CA LYS A 1399 -11.94 -21.25 -18.82
C LYS A 1399 -11.92 -21.37 -17.31
N VAL A 1400 -12.33 -20.32 -16.61
CA VAL A 1400 -12.37 -20.30 -15.14
C VAL A 1400 -13.83 -20.32 -14.72
N ASN A 1401 -14.20 -21.31 -13.92
CA ASN A 1401 -15.59 -21.52 -13.56
C ASN A 1401 -15.66 -21.96 -12.10
N PHE A 1402 -16.83 -22.43 -11.69
CA PHE A 1402 -17.12 -22.83 -10.31
C PHE A 1402 -17.68 -24.25 -10.28
N ASP A 1403 -17.13 -25.14 -11.11
CA ASP A 1403 -17.67 -26.48 -11.22
C ASP A 1403 -17.27 -27.40 -10.06
N ASN A 1404 -16.25 -27.04 -9.29
CA ASN A 1404 -15.86 -27.82 -8.13
C ASN A 1404 -15.05 -26.91 -7.20
N VAL A 1405 -14.54 -27.49 -6.12
CA VAL A 1405 -13.89 -26.69 -5.08
C VAL A 1405 -12.57 -26.11 -5.59
N GLY A 1406 -11.80 -26.88 -6.37
CA GLY A 1406 -10.52 -26.38 -6.86
C GLY A 1406 -10.68 -25.21 -7.82
N ALA A 1407 -11.61 -25.32 -8.76
CA ALA A 1407 -11.89 -24.19 -9.64
C ALA A 1407 -12.38 -22.99 -8.84
N GLY A 1408 -13.13 -23.25 -7.77
CA GLY A 1408 -13.54 -22.15 -6.91
C GLY A 1408 -12.37 -21.46 -6.25
N TYR A 1409 -11.39 -22.24 -5.79
CA TYR A 1409 -10.18 -21.66 -5.22
C TYR A 1409 -9.46 -20.79 -6.24
N LEU A 1410 -9.35 -21.30 -7.48
CA LEU A 1410 -8.70 -20.53 -8.53
C LEU A 1410 -9.43 -19.21 -8.81
N ALA A 1411 -10.76 -19.29 -8.90
CA ALA A 1411 -11.54 -18.08 -9.18
C ALA A 1411 -11.43 -17.07 -8.04
N LEU A 1412 -11.46 -17.55 -6.79
CA LEU A 1412 -11.33 -16.64 -5.66
C LEU A 1412 -9.95 -15.97 -5.64
N LEU A 1413 -8.90 -16.74 -5.94
CA LEU A 1413 -7.58 -16.13 -6.03
C LEU A 1413 -7.54 -15.07 -7.12
N GLN A 1414 -8.18 -15.34 -8.26
CA GLN A 1414 -8.21 -14.35 -9.33
C GLN A 1414 -8.97 -13.10 -8.91
N VAL A 1415 -10.08 -13.26 -8.19
CA VAL A 1415 -10.89 -12.11 -7.82
C VAL A 1415 -10.20 -11.25 -6.77
N ALA A 1416 -9.61 -11.89 -5.76
CA ALA A 1416 -9.02 -11.15 -4.65
C ALA A 1416 -7.82 -10.31 -5.05
N THR A 1417 -7.22 -10.56 -6.21
CA THR A 1417 -6.10 -9.78 -6.70
C THR A 1417 -6.51 -8.73 -7.72
N PHE A 1418 -7.81 -8.62 -8.02
CA PHE A 1418 -8.36 -7.62 -8.94
C PHE A 1418 -7.80 -7.75 -10.35
N LYS A 1419 -7.46 -8.97 -10.76
CA LYS A 1419 -6.95 -9.25 -12.10
C LYS A 1419 -7.85 -10.28 -12.75
N GLY A 1420 -8.59 -9.86 -13.78
CA GLY A 1420 -9.44 -10.77 -14.51
C GLY A 1420 -10.80 -11.03 -13.89
N TRP A 1421 -11.19 -10.26 -12.87
CA TRP A 1421 -12.49 -10.46 -12.25
C TRP A 1421 -13.65 -10.05 -13.15
N MET A 1422 -13.38 -9.25 -14.19
CA MET A 1422 -14.46 -8.74 -15.02
C MET A 1422 -15.21 -9.86 -15.73
N ASP A 1423 -14.48 -10.82 -16.29
CA ASP A 1423 -15.12 -11.91 -17.01
C ASP A 1423 -15.96 -12.78 -16.06
N ILE A 1424 -15.44 -13.04 -14.85
CA ILE A 1424 -16.18 -13.84 -13.89
C ILE A 1424 -17.47 -13.13 -13.49
N MET A 1425 -17.39 -11.82 -13.21
CA MET A 1425 -18.59 -11.07 -12.86
C MET A 1425 -19.59 -11.08 -14.02
N TYR A 1426 -19.11 -10.89 -15.24
CA TYR A 1426 -20.01 -10.85 -16.40
C TYR A 1426 -20.71 -12.19 -16.58
N ALA A 1427 -19.99 -13.29 -16.41
CA ALA A 1427 -20.61 -14.60 -16.51
C ALA A 1427 -21.60 -14.83 -15.37
N ALA A 1428 -21.30 -14.33 -14.17
CA ALA A 1428 -22.18 -14.54 -13.03
C ALA A 1428 -23.50 -13.79 -13.20
N VAL A 1429 -23.43 -12.52 -13.59
CA VAL A 1429 -24.65 -11.73 -13.76
C VAL A 1429 -25.49 -12.28 -14.91
N ASP A 1430 -24.85 -12.72 -15.97
CA ASP A 1430 -25.49 -13.24 -17.17
C ASP A 1430 -26.19 -14.58 -16.95
N SER A 1431 -26.21 -15.08 -15.72
CA SER A 1431 -26.61 -16.45 -15.47
C SER A 1431 -28.10 -16.66 -15.73
N ARG A 1432 -28.47 -17.93 -15.84
CA ARG A 1432 -29.86 -18.35 -16.04
C ARG A 1432 -30.02 -19.70 -15.37
N GLY A 1433 -31.06 -20.43 -15.76
CA GLY A 1433 -31.32 -21.75 -15.20
C GLY A 1433 -30.24 -22.77 -15.47
N TYR A 1434 -30.51 -24.02 -15.12
CA TYR A 1434 -29.53 -25.10 -15.21
C TYR A 1434 -29.18 -25.35 -16.67
N GLU A 1435 -27.90 -25.22 -17.01
CA GLU A 1435 -27.35 -25.43 -18.36
C GLU A 1435 -28.20 -24.76 -19.45
N GLU A 1436 -28.54 -23.50 -19.18
CA GLU A 1436 -29.35 -22.70 -20.09
C GLU A 1436 -28.51 -21.59 -20.70
N GLN A 1437 -28.91 -21.14 -21.89
CA GLN A 1437 -28.19 -20.10 -22.61
C GLN A 1437 -28.34 -18.76 -21.90
N PRO A 1438 -27.27 -17.97 -21.79
CA PRO A 1438 -27.34 -16.73 -21.01
C PRO A 1438 -28.30 -15.71 -21.59
N GLN A 1439 -28.84 -14.90 -20.67
CA GLN A 1439 -29.72 -13.78 -20.99
C GLN A 1439 -29.10 -12.50 -20.45
N TRP A 1440 -29.00 -11.49 -21.31
CA TRP A 1440 -28.26 -10.27 -20.98
C TRP A 1440 -28.86 -9.60 -19.76
N GLU A 1441 -28.10 -9.62 -18.65
CA GLU A 1441 -28.45 -8.95 -17.40
C GLU A 1441 -29.76 -9.49 -16.82
N TYR A 1442 -29.80 -10.81 -16.62
CA TYR A 1442 -31.01 -11.44 -16.10
C TYR A 1442 -31.02 -11.49 -14.58
N ASN A 1443 -29.85 -11.72 -13.97
CA ASN A 1443 -29.72 -11.82 -12.52
C ASN A 1443 -28.79 -10.70 -12.07
N LEU A 1444 -29.39 -9.54 -11.82
CA LEU A 1444 -28.60 -8.33 -11.59
C LEU A 1444 -27.96 -8.29 -10.21
N TYR A 1445 -28.64 -8.82 -9.20
CA TYR A 1445 -28.28 -8.56 -7.81
C TYR A 1445 -27.26 -9.56 -7.25
N MET A 1446 -26.44 -10.15 -8.11
CA MET A 1446 -25.39 -11.06 -7.65
C MET A 1446 -24.05 -10.37 -7.43
N TYR A 1447 -23.98 -9.05 -7.63
CA TYR A 1447 -22.78 -8.32 -7.27
C TYR A 1447 -22.57 -8.27 -5.76
N ILE A 1448 -23.63 -8.50 -4.98
CA ILE A 1448 -23.53 -8.41 -3.53
C ILE A 1448 -22.56 -9.43 -2.98
N TYR A 1449 -22.58 -10.64 -3.55
CA TYR A 1449 -21.68 -11.69 -3.08
C TYR A 1449 -20.22 -11.29 -3.27
N PHE A 1450 -19.88 -10.77 -4.44
CA PHE A 1450 -18.51 -10.34 -4.69
C PHE A 1450 -18.13 -9.15 -3.81
N VAL A 1451 -19.06 -8.22 -3.60
CA VAL A 1451 -18.77 -7.07 -2.75
C VAL A 1451 -18.47 -7.53 -1.33
N ILE A 1452 -19.28 -8.46 -0.81
CA ILE A 1452 -19.06 -8.98 0.54
C ILE A 1452 -17.71 -9.70 0.62
N PHE A 1453 -17.38 -10.48 -0.41
CA PHE A 1453 -16.09 -11.17 -0.42
C PHE A 1453 -14.94 -10.17 -0.39
N ILE A 1454 -15.02 -9.12 -1.20
CA ILE A 1454 -13.93 -8.14 -1.24
C ILE A 1454 -13.82 -7.43 0.11
N ILE A 1455 -14.96 -7.14 0.74
CA ILE A 1455 -14.92 -6.47 2.05
C ILE A 1455 -14.27 -7.37 3.09
N PHE A 1456 -14.62 -8.66 3.11
CA PHE A 1456 -14.22 -9.53 4.21
C PHE A 1456 -12.87 -10.20 3.97
N GLY A 1457 -12.75 -10.97 2.90
CA GLY A 1457 -11.57 -11.80 2.70
C GLY A 1457 -10.33 -11.09 2.22
N SER A 1458 -10.44 -9.87 1.72
CA SER A 1458 -9.30 -9.14 1.21
C SER A 1458 -8.86 -8.00 2.12
N PHE A 1459 -9.51 -7.80 3.26
CA PHE A 1459 -9.18 -6.70 4.17
C PHE A 1459 -8.70 -7.20 5.52
N PHE A 1460 -9.51 -8.00 6.22
CA PHE A 1460 -9.14 -8.42 7.56
C PHE A 1460 -8.03 -9.45 7.54
N THR A 1461 -8.02 -10.34 6.55
CA THR A 1461 -6.93 -11.29 6.41
C THR A 1461 -5.62 -10.56 6.17
N LEU A 1462 -5.64 -9.52 5.34
CA LEU A 1462 -4.45 -8.71 5.12
C LEU A 1462 -4.00 -8.02 6.40
N ASN A 1463 -4.95 -7.49 7.18
CA ASN A 1463 -4.60 -6.88 8.45
C ASN A 1463 -3.92 -7.88 9.37
N LEU A 1464 -4.48 -9.08 9.48
CA LEU A 1464 -3.92 -10.10 10.35
C LEU A 1464 -2.52 -10.49 9.90
N PHE A 1465 -2.34 -10.67 8.58
CA PHE A 1465 -1.03 -11.07 8.07
C PHE A 1465 0.02 -9.99 8.37
N ILE A 1466 -0.32 -8.73 8.14
CA ILE A 1466 0.63 -7.65 8.37
C ILE A 1466 0.98 -7.56 9.85
N GLY A 1467 -0.02 -7.67 10.72
CA GLY A 1467 0.24 -7.64 12.15
C GLY A 1467 1.16 -8.77 12.60
N VAL A 1468 0.90 -9.98 12.10
CA VAL A 1468 1.72 -11.13 12.48
C VAL A 1468 3.16 -10.93 12.03
N ILE A 1469 3.34 -10.48 10.79
CA ILE A 1469 4.69 -10.28 10.26
C ILE A 1469 5.43 -9.21 11.06
N ILE A 1470 4.73 -8.10 11.38
CA ILE A 1470 5.36 -7.04 12.14
C ILE A 1470 5.77 -7.53 13.53
N ASP A 1471 4.88 -8.27 14.19
CA ASP A 1471 5.20 -8.78 15.52
C ASP A 1471 6.42 -9.70 15.47
N ASN A 1472 6.45 -10.62 14.51
CA ASN A 1472 7.56 -11.56 14.42
C ASN A 1472 8.87 -10.82 14.11
N PHE A 1473 8.85 -9.87 13.19
CA PHE A 1473 10.06 -9.14 12.83
C PHE A 1473 10.57 -8.32 14.01
N ASN A 1474 9.68 -7.66 14.74
CA ASN A 1474 10.12 -6.88 15.89
C ASN A 1474 10.66 -7.77 17.00
N GLN A 1475 10.05 -8.95 17.20
CA GLN A 1475 10.58 -9.88 18.17
C GLN A 1475 11.97 -10.35 17.79
N GLN A 1476 12.18 -10.62 16.50
CA GLN A 1476 13.52 -11.00 16.03
C GLN A 1476 14.51 -9.87 16.22
N LYS A 1477 14.09 -8.63 15.98
CA LYS A 1477 14.95 -7.48 16.19
C LYS A 1477 15.36 -7.37 17.65
N LYS A 1478 14.42 -7.57 18.57
CA LYS A 1478 14.73 -7.51 19.99
C LYS A 1478 15.61 -8.68 20.42
N LYS A 1479 15.45 -9.84 19.77
CA LYS A 1479 16.23 -11.02 20.15
C LYS A 1479 17.72 -10.81 19.89
N LEU A 1480 18.07 -10.33 18.69
CA LEU A 1480 19.47 -10.18 18.34
C LEU A 1480 20.14 -9.08 19.14
N GLY A 1481 19.41 -8.02 19.47
CA GLY A 1481 19.97 -6.92 20.21
C GLY A 1481 19.71 -5.58 19.57
N GLY A 1482 20.67 -4.66 19.66
CA GLY A 1482 20.52 -3.35 19.07
C GLY A 1482 21.08 -3.24 17.67
N GLN A 1483 21.04 -4.34 16.93
CA GLN A 1483 21.57 -4.40 15.57
C GLN A 1483 20.49 -4.87 14.62
N ASP A 1484 20.52 -4.34 13.40
CA ASP A 1484 19.51 -4.68 12.40
C ASP A 1484 19.77 -6.07 11.83
N ILE A 1485 18.84 -6.53 11.01
CA ILE A 1485 18.86 -7.89 10.46
C ILE A 1485 19.43 -7.90 9.05
N PHE A 1486 18.88 -7.08 8.15
CA PHE A 1486 19.23 -7.14 6.74
C PHE A 1486 20.50 -6.37 6.44
N MET A 1487 21.57 -6.63 7.19
CA MET A 1487 22.83 -5.91 7.00
C MET A 1487 23.96 -6.75 7.57
N THR A 1488 25.13 -6.66 6.95
CA THR A 1488 26.31 -7.42 7.34
C THR A 1488 27.34 -6.51 8.00
N GLU A 1489 28.53 -7.06 8.24
CA GLU A 1489 29.55 -6.33 8.99
C GLU A 1489 30.06 -5.12 8.23
N GLU A 1490 30.44 -5.30 6.96
CA GLU A 1490 30.95 -4.18 6.17
C GLU A 1490 29.90 -3.09 6.03
N GLN A 1491 28.67 -3.48 5.73
CA GLN A 1491 27.60 -2.51 5.65
C GLN A 1491 27.30 -1.89 7.00
N LYS A 1492 27.51 -2.63 8.09
CA LYS A 1492 27.39 -2.04 9.42
C LYS A 1492 28.40 -0.91 9.61
N LYS A 1493 29.65 -1.17 9.22
CA LYS A 1493 30.68 -0.15 9.34
C LYS A 1493 30.35 1.07 8.49
N TYR A 1494 29.93 0.85 7.24
CA TYR A 1494 29.59 1.97 6.38
C TYR A 1494 28.42 2.77 6.94
N TYR A 1495 27.39 2.07 7.41
CA TYR A 1495 26.20 2.70 7.96
C TYR A 1495 26.57 3.58 9.15
N ASN A 1496 27.34 3.03 10.09
CA ASN A 1496 27.71 3.81 11.27
C ASN A 1496 28.62 4.98 10.91
N ALA A 1497 29.59 4.76 10.01
CA ALA A 1497 30.53 5.81 9.68
C ALA A 1497 29.86 6.98 8.95
N MET A 1498 28.96 6.68 8.02
CA MET A 1498 28.29 7.75 7.30
C MET A 1498 27.08 8.30 8.03
N LYS A 1499 26.63 7.64 9.10
CA LYS A 1499 25.57 8.22 9.92
C LYS A 1499 26.03 9.48 10.63
N LYS A 1500 27.33 9.62 10.89
CA LYS A 1500 27.83 10.77 11.64
C LYS A 1500 27.50 12.08 10.94
N LEU A 1501 27.02 13.04 11.72
CA LEU A 1501 26.59 14.33 11.19
C LEU A 1501 27.12 15.46 12.06
N GLY A 1502 27.15 16.65 11.47
CA GLY A 1502 27.66 17.82 12.15
C GLY A 1502 29.04 18.23 11.66
N SER A 1503 29.08 19.22 10.78
CA SER A 1503 30.34 19.71 10.23
C SER A 1503 30.10 21.15 9.77
N LYS A 1504 30.56 22.12 10.58
CA LYS A 1504 30.33 23.53 10.31
C LYS A 1504 31.68 24.23 10.23
N LYS A 1505 31.87 25.02 9.17
CA LYS A 1505 33.12 25.74 8.96
C LYS A 1505 32.87 26.97 8.09
N PRO A 1506 32.30 28.03 8.68
CA PRO A 1506 32.07 29.28 7.93
C PRO A 1506 33.25 30.25 8.02
N GLN A 1507 34.41 29.83 7.52
CA GLN A 1507 35.57 30.68 7.54
C GLN A 1507 35.46 31.78 6.46
N LYS A 1508 36.39 32.73 6.53
CA LYS A 1508 36.44 33.86 5.60
C LYS A 1508 37.86 33.92 5.06
N PRO A 1509 38.21 33.02 4.11
CA PRO A 1509 39.53 33.05 3.47
C PRO A 1509 39.56 33.93 2.22
N ILE A 1510 39.04 35.15 2.35
CA ILE A 1510 38.85 36.06 1.22
C ILE A 1510 39.92 37.13 1.29
N PRO A 1511 40.80 37.22 0.29
CA PRO A 1511 41.83 38.26 0.29
C PRO A 1511 41.26 39.61 -0.06
N ARG A 1512 42.06 40.65 0.17
CA ARG A 1512 41.68 42.03 -0.08
C ARG A 1512 42.79 42.74 -0.86
N PRO A 1513 42.94 42.43 -2.15
CA PRO A 1513 43.88 43.22 -2.98
C PRO A 1513 43.50 44.69 -3.04
N LEU A 1514 42.19 45.00 -3.05
CA LEU A 1514 41.72 46.38 -2.96
C LEU A 1514 40.28 46.32 -2.45
N ASN A 1515 40.05 46.87 -1.25
CA ASN A 1515 38.74 46.79 -0.63
C ASN A 1515 37.66 47.50 -1.42
N LYS A 1516 38.03 48.39 -2.33
CA LYS A 1516 37.02 49.10 -3.12
C LYS A 1516 36.33 48.16 -4.10
N TYR A 1517 37.10 47.59 -5.04
CA TYR A 1517 36.49 46.92 -6.18
C TYR A 1517 35.68 45.69 -5.76
N GLN A 1518 36.27 44.81 -4.94
CA GLN A 1518 35.53 43.65 -4.48
C GLN A 1518 34.55 43.97 -3.36
N GLY A 1519 34.74 45.09 -2.67
CA GLY A 1519 33.89 45.46 -1.55
C GLY A 1519 32.51 45.93 -1.97
N PHE A 1520 32.35 46.36 -3.21
CA PHE A 1520 31.04 46.78 -3.70
C PHE A 1520 30.27 45.64 -4.34
N ILE A 1521 30.87 44.45 -4.45
CA ILE A 1521 30.19 43.29 -4.99
C ILE A 1521 29.98 42.20 -3.94
N PHE A 1522 30.95 41.99 -3.04
CA PHE A 1522 30.81 40.93 -2.05
C PHE A 1522 29.67 41.18 -1.09
N ASP A 1523 29.31 42.44 -0.86
CA ASP A 1523 28.13 42.73 -0.05
C ASP A 1523 26.87 42.17 -0.71
N ILE A 1524 26.73 42.38 -2.02
CA ILE A 1524 25.60 41.81 -2.75
C ILE A 1524 25.67 40.29 -2.76
N VAL A 1525 26.90 39.75 -2.82
CA VAL A 1525 27.05 38.30 -2.83
C VAL A 1525 26.51 37.68 -1.53
N THR A 1526 26.73 38.34 -0.39
CA THR A 1526 26.30 37.78 0.88
C THR A 1526 24.80 37.90 1.10
N LYS A 1527 24.16 38.94 0.57
CA LYS A 1527 22.74 39.14 0.81
C LYS A 1527 21.91 38.08 0.11
N GLN A 1528 20.65 37.96 0.53
CA GLN A 1528 19.72 37.01 -0.06
C GLN A 1528 19.29 37.41 -1.45
N ALA A 1529 19.63 38.62 -1.91
CA ALA A 1529 19.23 39.05 -3.25
C ALA A 1529 19.85 38.16 -4.32
N PHE A 1530 21.11 37.77 -4.12
CA PHE A 1530 21.78 36.90 -5.08
C PHE A 1530 21.03 35.58 -5.23
N ASP A 1531 20.72 34.93 -4.10
CA ASP A 1531 20.06 33.64 -4.18
C ASP A 1531 18.62 33.77 -4.68
N VAL A 1532 17.95 34.87 -4.34
CA VAL A 1532 16.59 35.09 -4.83
C VAL A 1532 16.60 35.22 -6.34
N THR A 1533 17.52 36.02 -6.89
CA THR A 1533 17.67 36.10 -8.33
C THR A 1533 18.04 34.76 -8.93
N ILE A 1534 18.80 33.95 -8.20
CA ILE A 1534 19.20 32.64 -8.70
C ILE A 1534 17.98 31.74 -8.88
N MET A 1535 17.14 31.68 -7.84
CA MET A 1535 15.92 30.87 -7.94
C MET A 1535 14.97 31.43 -9.00
N PHE A 1536 14.92 32.75 -9.17
CA PHE A 1536 14.10 33.31 -10.24
C PHE A 1536 14.60 32.87 -11.61
N LEU A 1537 15.93 32.85 -11.79
CA LEU A 1537 16.48 32.38 -13.05
C LEU A 1537 16.17 30.90 -13.29
N ILE A 1538 16.28 30.08 -12.24
CA ILE A 1538 15.95 28.67 -12.37
C ILE A 1538 14.49 28.49 -12.77
N CYS A 1539 13.59 29.24 -12.12
CA CYS A 1539 12.17 29.12 -12.44
C CYS A 1539 11.89 29.58 -13.87
N LEU A 1540 12.55 30.65 -14.32
CA LEU A 1540 12.38 31.09 -15.69
C LEU A 1540 12.84 30.03 -16.67
N ASN A 1541 13.96 29.36 -16.38
CA ASN A 1541 14.41 28.26 -17.23
C ASN A 1541 13.40 27.12 -17.24
N MET A 1542 12.81 26.83 -16.08
CA MET A 1542 11.80 25.78 -16.00
C MET A 1542 10.59 26.11 -16.87
N VAL A 1543 10.11 27.35 -16.80
CA VAL A 1543 8.99 27.75 -17.65
C VAL A 1543 9.39 27.84 -19.12
N THR A 1544 10.68 28.03 -19.41
CA THR A 1544 11.13 27.99 -20.79
C THR A 1544 11.06 26.56 -21.35
N MET A 1545 11.53 25.59 -20.58
CA MET A 1545 11.41 24.20 -20.99
C MET A 1545 9.98 23.68 -20.87
N MET A 1546 9.10 24.43 -20.22
CA MET A 1546 7.68 24.08 -20.15
C MET A 1546 7.09 23.81 -21.53
N VAL A 1547 7.32 24.72 -22.47
CA VAL A 1547 6.60 24.77 -23.73
C VAL A 1547 7.36 23.95 -24.78
N GLU A 1548 6.82 22.79 -25.11
CA GLU A 1548 7.31 21.95 -26.20
C GLU A 1548 6.15 21.09 -26.68
N THR A 1549 6.08 20.88 -28.00
CA THR A 1549 4.99 20.12 -28.60
C THR A 1549 5.56 19.43 -29.83
N ASP A 1550 4.68 18.96 -30.71
CA ASP A 1550 5.09 18.33 -31.96
C ASP A 1550 5.56 19.40 -32.93
N ASP A 1551 5.68 19.04 -34.21
CA ASP A 1551 6.20 19.96 -35.21
C ASP A 1551 5.42 21.28 -35.23
N GLN A 1552 6.14 22.39 -35.21
CA GLN A 1552 5.55 23.72 -35.30
C GLN A 1552 6.24 24.55 -36.37
N SER A 1553 5.92 25.83 -36.44
CA SER A 1553 6.59 26.74 -37.34
C SER A 1553 7.96 27.15 -36.78
N PRO A 1554 8.91 27.50 -37.64
CA PRO A 1554 10.28 27.79 -37.16
C PRO A 1554 10.36 28.98 -36.21
N GLU A 1555 9.36 29.87 -36.22
CA GLU A 1555 9.37 31.01 -35.32
C GLU A 1555 9.37 30.60 -33.85
N LYS A 1556 8.82 29.43 -33.53
CA LYS A 1556 8.92 28.92 -32.17
C LYS A 1556 10.33 28.41 -31.87
N ILE A 1557 10.91 27.67 -32.82
CA ILE A 1557 12.22 27.06 -32.60
C ILE A 1557 13.29 28.13 -32.41
N ASN A 1558 13.26 29.18 -33.23
CA ASN A 1558 14.27 30.22 -33.13
C ASN A 1558 14.21 30.92 -31.78
N ILE A 1559 13.00 31.26 -31.32
CA ILE A 1559 12.85 31.94 -30.05
C ILE A 1559 13.30 31.04 -28.90
N LEU A 1560 12.93 29.76 -28.95
CA LEU A 1560 13.35 28.85 -27.88
C LEU A 1560 14.86 28.72 -27.84
N ALA A 1561 15.50 28.61 -29.01
CA ALA A 1561 16.96 28.51 -29.03
C ALA A 1561 17.61 29.78 -28.49
N LYS A 1562 17.07 30.94 -28.85
CA LYS A 1562 17.63 32.20 -28.35
C LYS A 1562 17.53 32.30 -26.83
N ILE A 1563 16.37 31.93 -26.28
CA ILE A 1563 16.20 31.97 -24.83
C ILE A 1563 17.16 31.01 -24.14
N ASN A 1564 17.28 29.80 -24.69
CA ASN A 1564 18.19 28.82 -24.11
C ASN A 1564 19.63 29.33 -24.13
N LEU A 1565 20.05 29.94 -25.24
CA LEU A 1565 21.41 30.46 -25.31
C LEU A 1565 21.63 31.57 -24.30
N LEU A 1566 20.63 32.45 -24.12
CA LEU A 1566 20.78 33.52 -23.13
C LEU A 1566 20.94 32.95 -21.73
N PHE A 1567 20.14 31.94 -21.38
CA PHE A 1567 20.23 31.39 -20.03
C PHE A 1567 21.56 30.66 -19.82
N VAL A 1568 22.05 29.94 -20.84
CA VAL A 1568 23.37 29.32 -20.74
C VAL A 1568 24.43 30.39 -20.54
N ALA A 1569 24.33 31.51 -21.26
CA ALA A 1569 25.32 32.58 -21.11
C ALA A 1569 25.32 33.14 -19.70
N ILE A 1570 24.14 33.41 -19.15
CA ILE A 1570 24.09 34.01 -17.82
C ILE A 1570 24.60 33.02 -16.77
N PHE A 1571 24.31 31.73 -16.95
CA PHE A 1571 24.83 30.75 -16.00
C PHE A 1571 26.34 30.64 -16.07
N THR A 1572 26.92 30.68 -17.28
CA THR A 1572 28.37 30.65 -17.40
C THR A 1572 29.00 31.87 -16.75
N GLY A 1573 28.42 33.06 -16.99
CA GLY A 1573 28.91 34.24 -16.31
C GLY A 1573 28.83 34.11 -14.79
N GLU A 1574 27.72 33.56 -14.30
CA GLU A 1574 27.54 33.37 -12.86
C GLU A 1574 28.64 32.47 -12.30
N CYS A 1575 28.90 31.35 -12.96
CA CYS A 1575 29.93 30.44 -12.46
C CYS A 1575 31.31 31.06 -12.56
N ILE A 1576 31.51 31.99 -13.49
CA ILE A 1576 32.79 32.69 -13.57
C ILE A 1576 32.94 33.77 -12.51
N VAL A 1577 31.85 34.35 -12.00
CA VAL A 1577 31.96 35.34 -10.91
C VAL A 1577 32.78 34.81 -9.73
N LYS A 1578 32.92 33.48 -9.60
CA LYS A 1578 33.70 32.91 -8.50
C LYS A 1578 35.11 33.49 -8.47
N LEU A 1579 35.75 33.57 -9.65
CA LEU A 1579 37.00 34.30 -9.86
C LEU A 1579 37.96 34.20 -8.69
N ALA A 1580 38.34 35.34 -8.13
CA ALA A 1580 39.16 35.39 -6.94
C ALA A 1580 38.34 35.59 -5.67
N ALA A 1581 37.04 35.37 -5.73
CA ALA A 1581 36.19 35.58 -4.56
C ALA A 1581 36.57 34.65 -3.42
N LEU A 1582 36.77 33.37 -3.72
CA LEU A 1582 37.12 32.38 -2.72
C LEU A 1582 38.47 31.73 -2.98
N ARG A 1583 39.20 32.21 -3.98
CA ARG A 1583 40.52 31.69 -4.36
C ARG A 1583 40.38 30.18 -4.62
N HIS A 1584 41.29 29.34 -4.11
CA HIS A 1584 41.15 27.90 -4.21
C HIS A 1584 40.61 27.30 -2.92
N TYR A 1585 40.14 28.14 -2.01
CA TYR A 1585 39.64 27.69 -0.71
C TYR A 1585 38.19 27.24 -0.75
N TYR A 1586 37.54 27.32 -1.92
CA TYR A 1586 36.13 26.95 -2.03
C TYR A 1586 35.90 25.47 -2.24
N PHE A 1587 36.96 24.69 -2.53
CA PHE A 1587 36.81 23.26 -2.78
C PHE A 1587 36.52 22.56 -1.45
N THR A 1588 35.30 22.71 -0.98
CA THR A 1588 34.84 22.14 0.26
C THR A 1588 33.69 21.17 0.00
N ASN A 1589 33.13 20.63 1.08
CA ASN A 1589 31.99 19.72 0.96
C ASN A 1589 30.73 20.41 0.48
N SER A 1590 30.71 21.74 0.44
CA SER A 1590 29.53 22.46 0.00
C SER A 1590 29.25 22.16 -1.47
N TRP A 1591 28.02 22.49 -1.89
CA TRP A 1591 27.57 22.17 -3.24
C TRP A 1591 28.21 23.11 -4.25
N ASN A 1592 29.52 22.98 -4.46
CA ASN A 1592 30.23 23.83 -5.41
C ASN A 1592 30.85 23.07 -6.57
N ILE A 1593 31.00 21.76 -6.47
CA ILE A 1593 31.51 20.96 -7.57
C ILE A 1593 30.31 20.42 -8.34
N PHE A 1594 29.24 20.13 -7.60
CA PHE A 1594 27.99 19.64 -8.18
C PHE A 1594 27.54 20.56 -9.32
N ASP A 1595 27.31 21.83 -8.99
CA ASP A 1595 26.79 22.76 -9.99
C ASP A 1595 27.76 22.91 -11.14
N PHE A 1596 29.05 23.03 -10.85
CA PHE A 1596 30.03 23.20 -11.92
C PHE A 1596 29.97 22.07 -12.93
N VAL A 1597 30.24 20.85 -12.47
CA VAL A 1597 30.36 19.71 -13.38
C VAL A 1597 29.02 19.38 -14.01
N VAL A 1598 27.91 19.63 -13.32
CA VAL A 1598 26.62 19.26 -13.88
C VAL A 1598 26.14 20.30 -14.89
N VAL A 1599 26.42 21.58 -14.66
CA VAL A 1599 25.85 22.63 -15.49
C VAL A 1599 26.78 22.97 -16.64
N ILE A 1600 27.96 23.52 -16.33
CA ILE A 1600 28.70 24.16 -17.41
C ILE A 1600 29.27 23.14 -18.39
N LEU A 1601 29.86 22.06 -17.90
CA LEU A 1601 30.43 21.06 -18.81
C LEU A 1601 29.35 20.46 -19.71
N SER A 1602 28.21 20.10 -19.13
CA SER A 1602 27.14 19.52 -19.91
C SER A 1602 26.57 20.50 -20.94
N ILE A 1603 26.37 21.76 -20.55
CA ILE A 1603 25.75 22.70 -21.48
C ILE A 1603 26.71 23.04 -22.61
N VAL A 1604 28.01 23.20 -22.31
CA VAL A 1604 28.95 23.47 -23.38
C VAL A 1604 29.09 22.26 -24.30
N GLY A 1605 29.05 21.05 -23.74
CA GLY A 1605 29.07 19.87 -24.58
C GLY A 1605 27.87 19.82 -25.52
N THR A 1606 26.68 20.08 -24.99
CA THR A 1606 25.47 20.06 -25.81
C THR A 1606 25.51 21.16 -26.88
N VAL A 1607 25.96 22.37 -26.52
CA VAL A 1607 25.96 23.45 -27.47
C VAL A 1607 27.00 23.20 -28.57
N LEU A 1608 28.16 22.63 -28.21
CA LEU A 1608 29.13 22.27 -29.24
C LEU A 1608 28.60 21.16 -30.13
N SER A 1609 27.84 20.22 -29.56
CA SER A 1609 27.18 19.21 -30.37
C SER A 1609 26.13 19.80 -31.30
N ASP A 1610 25.52 20.93 -30.93
CA ASP A 1610 24.50 21.57 -31.75
C ASP A 1610 25.06 22.52 -32.81
N ILE A 1611 26.22 23.13 -32.56
CA ILE A 1611 26.79 24.08 -33.52
C ILE A 1611 27.58 23.39 -34.62
N ILE A 1612 27.48 22.06 -34.75
CA ILE A 1612 28.17 21.36 -35.84
C ILE A 1612 27.76 21.95 -37.19
N GLN A 1613 26.47 22.14 -37.39
CA GLN A 1613 25.89 22.86 -38.53
C GLN A 1613 26.21 22.22 -39.88
N LYS A 1614 26.77 21.01 -39.88
CA LYS A 1614 27.10 20.31 -41.12
C LYS A 1614 26.03 19.27 -41.48
N TYR A 1615 25.75 18.36 -40.57
CA TYR A 1615 24.72 17.34 -40.79
C TYR A 1615 24.19 16.88 -39.44
N PHE A 1616 23.01 16.27 -39.47
CA PHE A 1616 22.34 15.78 -38.27
C PHE A 1616 21.85 14.35 -38.56
N PHE A 1617 22.67 13.37 -38.22
CA PHE A 1617 22.31 11.96 -38.35
C PHE A 1617 22.02 11.37 -36.99
N SER A 1618 21.27 10.26 -36.99
CA SER A 1618 20.90 9.53 -35.79
C SER A 1618 20.25 10.45 -34.76
N PRO A 1619 19.01 10.90 -34.98
CA PRO A 1619 18.34 11.73 -33.97
C PRO A 1619 18.15 11.01 -32.64
N THR A 1620 18.09 9.68 -32.65
CA THR A 1620 18.08 8.94 -31.39
C THR A 1620 19.37 9.16 -30.62
N LEU A 1621 20.48 9.32 -31.33
CA LEU A 1621 21.75 9.70 -30.72
C LEU A 1621 21.92 11.21 -30.63
N PHE A 1622 20.84 11.97 -30.79
CA PHE A 1622 20.83 13.41 -30.67
C PHE A 1622 19.98 13.90 -29.51
N ARG A 1623 18.85 13.24 -29.25
CA ARG A 1623 18.01 13.63 -28.12
C ARG A 1623 18.73 13.42 -26.79
N VAL A 1624 19.46 12.31 -26.64
CA VAL A 1624 20.13 12.03 -25.38
C VAL A 1624 21.18 13.08 -25.07
N ILE A 1625 21.75 13.71 -26.11
CA ILE A 1625 22.78 14.72 -25.89
C ILE A 1625 22.21 15.92 -25.16
N ARG A 1626 21.04 16.39 -25.58
CA ARG A 1626 20.38 17.52 -24.92
C ARG A 1626 19.54 17.09 -23.73
N LEU A 1627 19.39 15.79 -23.50
CA LEU A 1627 18.73 15.32 -22.29
C LEU A 1627 19.44 15.76 -21.02
N ALA A 1628 20.73 16.08 -21.10
CA ALA A 1628 21.50 16.47 -19.93
C ALA A 1628 21.16 17.87 -19.44
N ARG A 1629 20.38 18.64 -20.19
CA ARG A 1629 19.98 19.97 -19.74
C ARG A 1629 19.10 19.92 -18.50
N ILE A 1630 18.51 18.76 -18.20
CA ILE A 1630 17.63 18.64 -17.05
C ILE A 1630 18.40 18.67 -15.75
N GLY A 1631 19.73 18.51 -15.80
CA GLY A 1631 20.52 18.58 -14.59
C GLY A 1631 20.57 19.95 -13.95
N ARG A 1632 20.18 20.98 -14.68
CA ARG A 1632 20.13 22.33 -14.14
C ARG A 1632 18.93 22.56 -13.23
N ILE A 1633 17.90 21.71 -13.33
CA ILE A 1633 16.71 21.88 -12.50
C ILE A 1633 16.86 21.25 -11.13
N LEU A 1634 17.92 20.49 -10.89
CA LEU A 1634 18.11 19.78 -9.64
C LEU A 1634 18.90 20.60 -8.61
N ARG A 1635 19.25 21.84 -8.92
CA ARG A 1635 20.04 22.64 -8.01
C ARG A 1635 19.21 23.28 -6.89
N LEU A 1636 17.88 23.32 -7.02
CA LEU A 1636 17.06 23.97 -6.01
C LEU A 1636 16.95 23.14 -4.74
N ILE A 1637 17.38 21.88 -4.76
CA ILE A 1637 17.30 21.03 -3.58
C ILE A 1637 18.23 21.55 -2.48
N ARG A 1638 19.36 22.17 -2.87
CA ARG A 1638 20.31 22.67 -1.89
C ARG A 1638 19.67 23.67 -0.93
N GLY A 1639 18.66 24.40 -1.39
CA GLY A 1639 17.96 25.36 -0.57
C GLY A 1639 16.60 24.91 -0.04
N ALA A 1640 16.28 23.63 -0.17
CA ALA A 1640 14.99 23.13 0.29
C ALA A 1640 15.01 22.97 1.81
N LYS A 1641 13.96 22.36 2.36
CA LYS A 1641 13.83 22.22 3.81
C LYS A 1641 13.83 20.77 4.24
N GLY A 1642 12.95 19.94 3.68
CA GLY A 1642 12.86 18.55 4.08
C GLY A 1642 13.27 17.58 3.01
N ILE A 1643 13.31 18.05 1.76
CA ILE A 1643 13.72 17.20 0.65
C ILE A 1643 15.12 16.64 0.91
N ARG A 1644 15.98 17.43 1.53
CA ARG A 1644 17.30 16.96 1.90
C ARG A 1644 17.22 15.79 2.86
N THR A 1645 16.34 15.88 3.87
CA THR A 1645 16.19 14.79 4.83
C THR A 1645 15.64 13.53 4.16
N LEU A 1646 14.70 13.69 3.23
CA LEU A 1646 14.13 12.52 2.58
C LEU A 1646 15.15 11.85 1.66
N LEU A 1647 15.96 12.65 0.97
CA LEU A 1647 17.05 12.07 0.18
C LEU A 1647 18.08 11.40 1.07
N PHE A 1648 18.30 11.96 2.27
CA PHE A 1648 19.14 11.30 3.26
C PHE A 1648 18.57 9.94 3.64
N ALA A 1649 17.25 9.85 3.75
CA ALA A 1649 16.63 8.56 4.02
C ALA A 1649 16.86 7.59 2.86
N LEU A 1650 16.76 8.07 1.63
CA LEU A 1650 17.12 7.26 0.47
C LEU A 1650 18.53 6.68 0.62
N MET A 1651 19.49 7.55 0.91
CA MET A 1651 20.87 7.10 1.03
C MET A 1651 21.02 6.13 2.19
N MET A 1652 20.27 6.33 3.25
CA MET A 1652 20.30 5.42 4.40
C MET A 1652 19.82 4.03 4.00
N SER A 1653 18.77 3.97 3.18
CA SER A 1653 18.05 2.74 2.95
C SER A 1653 18.64 1.88 1.84
N LEU A 1654 19.35 2.48 0.88
CA LEU A 1654 19.80 1.72 -0.30
C LEU A 1654 20.48 0.37 0.01
N PRO A 1655 21.44 0.27 0.94
CA PRO A 1655 22.09 -1.02 1.16
C PRO A 1655 21.13 -2.13 1.57
N ALA A 1656 20.08 -1.80 2.31
CA ALA A 1656 19.10 -2.82 2.68
C ALA A 1656 18.29 -3.32 1.49
N LEU A 1657 18.19 -2.50 0.43
CA LEU A 1657 17.47 -2.91 -0.76
C LEU A 1657 18.35 -3.61 -1.78
N PHE A 1658 19.67 -3.43 -1.71
CA PHE A 1658 20.56 -4.10 -2.64
C PHE A 1658 20.43 -5.62 -2.56
N ASN A 1659 20.45 -6.17 -1.35
CA ASN A 1659 20.38 -7.63 -1.20
C ASN A 1659 19.04 -8.18 -1.67
N ILE A 1660 17.96 -7.47 -1.36
CA ILE A 1660 16.63 -7.89 -1.81
C ILE A 1660 16.58 -7.90 -3.33
N GLY A 1661 17.15 -6.88 -3.97
CA GLY A 1661 17.20 -6.87 -5.42
C GLY A 1661 17.97 -8.04 -5.98
N LEU A 1662 19.10 -8.37 -5.36
CA LEU A 1662 19.90 -9.51 -5.84
C LEU A 1662 19.10 -10.81 -5.77
N LEU A 1663 18.45 -11.04 -4.63
CA LEU A 1663 17.67 -12.28 -4.48
C LEU A 1663 16.50 -12.32 -5.48
N LEU A 1664 15.83 -11.18 -5.68
CA LEU A 1664 14.73 -11.14 -6.62
C LEU A 1664 15.20 -11.44 -8.04
N PHE A 1665 16.35 -10.89 -8.43
CA PHE A 1665 16.89 -11.16 -9.76
C PHE A 1665 17.21 -12.63 -9.93
N LEU A 1666 17.80 -13.25 -8.90
CA LEU A 1666 18.11 -14.67 -9.00
C LEU A 1666 16.84 -15.51 -9.16
N VAL A 1667 15.81 -15.19 -8.39
CA VAL A 1667 14.54 -15.94 -8.51
C VAL A 1667 13.94 -15.76 -9.89
N MET A 1668 13.97 -14.53 -10.41
CA MET A 1668 13.45 -14.28 -11.75
C MET A 1668 14.21 -15.10 -12.79
N PHE A 1669 15.55 -15.15 -12.66
CA PHE A 1669 16.36 -15.91 -13.62
C PHE A 1669 15.98 -17.38 -13.61
N ILE A 1670 15.92 -17.98 -12.42
CA ILE A 1670 15.66 -19.42 -12.35
C ILE A 1670 14.27 -19.72 -12.87
N TYR A 1671 13.27 -18.90 -12.52
CA TYR A 1671 11.93 -19.15 -13.01
C TYR A 1671 11.86 -19.00 -14.53
N SER A 1672 12.56 -18.02 -15.09
CA SER A 1672 12.53 -17.82 -16.54
C SER A 1672 13.15 -18.99 -17.28
N ILE A 1673 14.30 -19.47 -16.81
CA ILE A 1673 14.95 -20.58 -17.51
C ILE A 1673 14.11 -21.84 -17.36
N PHE A 1674 13.45 -22.01 -16.20
CA PHE A 1674 12.54 -23.13 -16.05
C PHE A 1674 11.39 -23.05 -17.04
N GLY A 1675 10.80 -21.85 -17.20
CA GLY A 1675 9.63 -21.71 -18.06
C GLY A 1675 9.94 -21.72 -19.54
N MET A 1676 11.18 -21.44 -19.93
CA MET A 1676 11.54 -21.42 -21.35
C MET A 1676 11.30 -22.76 -22.04
N ALA A 1677 11.31 -23.87 -21.29
CA ALA A 1677 11.31 -25.19 -21.89
C ALA A 1677 9.94 -25.87 -21.90
N ASN A 1678 8.87 -25.15 -21.59
CA ASN A 1678 7.54 -25.74 -21.58
C ASN A 1678 6.52 -25.01 -22.43
N PHE A 1679 6.63 -23.70 -22.61
CA PHE A 1679 5.66 -22.91 -23.36
C PHE A 1679 6.30 -22.31 -24.61
N ALA A 1680 7.13 -23.09 -25.30
CA ALA A 1680 7.81 -22.58 -26.48
C ALA A 1680 6.89 -22.56 -27.70
N TYR A 1681 5.99 -23.51 -27.83
CA TYR A 1681 5.16 -23.63 -29.03
C TYR A 1681 3.68 -23.51 -28.71
N VAL A 1682 3.31 -22.54 -27.89
CA VAL A 1682 1.92 -22.31 -27.53
C VAL A 1682 1.30 -21.37 -28.55
N LYS A 1683 0.00 -21.51 -28.75
CA LYS A 1683 -0.71 -20.70 -29.75
C LYS A 1683 -0.73 -19.23 -29.33
N TRP A 1684 -0.58 -18.35 -30.31
CA TRP A 1684 -0.58 -16.91 -30.07
C TRP A 1684 -2.02 -16.42 -29.97
N GLU A 1685 -2.43 -16.01 -28.78
CA GLU A 1685 -3.80 -15.57 -28.56
C GLU A 1685 -3.86 -14.78 -27.26
N ALA A 1686 -4.68 -13.74 -27.25
CA ALA A 1686 -4.94 -12.91 -26.06
C ALA A 1686 -3.64 -12.26 -25.63
N GLY A 1687 -3.09 -12.57 -24.46
CA GLY A 1687 -1.96 -11.85 -23.92
C GLY A 1687 -0.60 -12.19 -24.46
N ILE A 1688 -0.51 -13.14 -25.39
CA ILE A 1688 0.77 -13.54 -25.98
C ILE A 1688 0.79 -13.07 -27.43
N ASP A 1689 1.80 -12.27 -27.77
CA ASP A 1689 1.99 -11.75 -29.11
C ASP A 1689 3.38 -12.14 -29.60
N ASP A 1690 3.74 -11.67 -30.79
CA ASP A 1690 5.05 -12.02 -31.35
C ASP A 1690 6.19 -11.35 -30.59
N MET A 1691 5.92 -10.25 -29.91
CA MET A 1691 6.95 -9.53 -29.17
C MET A 1691 6.95 -9.84 -27.68
N PHE A 1692 6.01 -10.66 -27.20
CA PHE A 1692 5.95 -11.02 -25.78
C PHE A 1692 5.59 -12.49 -25.69
N ASN A 1693 6.60 -13.34 -25.55
CA ASN A 1693 6.41 -14.78 -25.53
C ASN A 1693 7.57 -15.41 -24.76
N PHE A 1694 7.67 -16.73 -24.85
CA PHE A 1694 8.71 -17.49 -24.16
C PHE A 1694 9.70 -18.12 -25.15
N GLN A 1695 9.73 -17.64 -26.40
CA GLN A 1695 10.53 -18.26 -27.42
C GLN A 1695 12.02 -17.96 -27.28
N THR A 1696 12.40 -16.94 -26.50
CA THR A 1696 13.80 -16.62 -26.30
C THR A 1696 13.96 -15.98 -24.93
N PHE A 1697 15.21 -15.63 -24.61
CA PHE A 1697 15.54 -15.20 -23.25
C PHE A 1697 14.98 -13.80 -22.95
N ALA A 1698 15.19 -12.85 -23.86
CA ALA A 1698 14.81 -11.47 -23.60
C ALA A 1698 13.29 -11.33 -23.45
N ASN A 1699 12.53 -12.01 -24.32
CA ASN A 1699 11.08 -11.92 -24.24
C ASN A 1699 10.56 -12.54 -22.94
N SER A 1700 11.14 -13.66 -22.53
CA SER A 1700 10.75 -14.28 -21.27
C SER A 1700 11.04 -13.36 -20.09
N MET A 1701 12.20 -12.70 -20.11
CA MET A 1701 12.51 -11.76 -19.04
C MET A 1701 11.54 -10.59 -19.02
N LEU A 1702 11.15 -10.11 -20.20
CA LEU A 1702 10.18 -9.01 -20.24
C LEU A 1702 8.84 -9.43 -19.67
N CYS A 1703 8.37 -10.64 -20.01
CA CYS A 1703 7.12 -11.13 -19.45
C CYS A 1703 7.22 -11.27 -17.93
N LEU A 1704 8.36 -11.79 -17.44
CA LEU A 1704 8.53 -11.95 -16.00
C LEU A 1704 8.54 -10.62 -15.29
N PHE A 1705 9.18 -9.60 -15.88
CA PHE A 1705 9.13 -8.26 -15.30
C PHE A 1705 7.71 -7.73 -15.29
N GLN A 1706 6.94 -8.00 -16.33
CA GLN A 1706 5.55 -7.53 -16.35
C GLN A 1706 4.74 -8.17 -15.23
N ILE A 1707 4.94 -9.46 -14.99
CA ILE A 1707 4.11 -10.17 -14.01
C ILE A 1707 4.60 -9.98 -12.57
N THR A 1708 5.85 -9.59 -12.36
CA THR A 1708 6.40 -9.54 -11.01
C THR A 1708 5.63 -8.61 -10.08
N THR A 1709 4.87 -7.65 -10.62
CA THR A 1709 4.02 -6.79 -9.81
C THR A 1709 2.55 -7.17 -9.90
N SER A 1710 2.27 -8.41 -10.32
CA SER A 1710 0.91 -8.90 -10.50
C SER A 1710 0.11 -7.98 -11.45
N ALA A 1711 0.79 -7.47 -12.46
CA ALA A 1711 0.19 -6.55 -13.42
C ALA A 1711 -0.38 -7.27 -14.63
N GLY A 1712 -1.25 -8.24 -14.38
CA GLY A 1712 -1.91 -8.94 -15.46
C GLY A 1712 -1.30 -10.27 -15.80
N TRP A 1713 -1.89 -11.35 -15.29
CA TRP A 1713 -1.44 -12.70 -15.62
C TRP A 1713 -2.54 -13.60 -16.17
N ASP A 1714 -3.80 -13.14 -16.16
CA ASP A 1714 -4.86 -13.93 -16.78
C ASP A 1714 -4.64 -14.04 -18.29
N GLY A 1715 -4.21 -12.96 -18.93
CA GLY A 1715 -3.94 -12.99 -20.35
C GLY A 1715 -2.80 -13.90 -20.74
N LEU A 1716 -1.91 -14.22 -19.79
CA LEU A 1716 -0.86 -15.19 -20.03
C LEU A 1716 -1.28 -16.60 -19.66
N LEU A 1717 -2.14 -16.76 -18.66
CA LEU A 1717 -2.58 -18.10 -18.26
C LEU A 1717 -3.60 -18.66 -19.23
N SER A 1718 -4.45 -17.82 -19.83
CA SER A 1718 -5.51 -18.32 -20.70
C SER A 1718 -5.00 -19.12 -21.90
N PRO A 1719 -4.02 -18.66 -22.68
CA PRO A 1719 -3.61 -19.46 -23.86
C PRO A 1719 -3.05 -20.83 -23.52
N ILE A 1720 -2.37 -20.98 -22.38
CA ILE A 1720 -1.68 -22.22 -22.07
C ILE A 1720 -2.62 -23.16 -21.32
N LEU A 1721 -3.90 -22.84 -21.31
CA LEU A 1721 -4.89 -23.64 -20.61
C LEU A 1721 -5.76 -24.48 -21.53
N ASN A 1722 -6.09 -23.99 -22.73
CA ASN A 1722 -7.01 -24.70 -23.60
C ASN A 1722 -6.38 -25.98 -24.14
N THR A 1723 -7.23 -26.99 -24.36
CA THR A 1723 -6.76 -28.29 -24.83
C THR A 1723 -7.68 -28.93 -25.86
N GLY A 1724 -8.57 -28.17 -26.50
CA GLY A 1724 -9.52 -28.74 -27.41
C GLY A 1724 -9.09 -28.74 -28.86
N PRO A 1725 -9.57 -29.72 -29.62
CA PRO A 1725 -9.33 -29.75 -31.07
C PRO A 1725 -9.85 -28.49 -31.75
N PRO A 1726 -10.98 -27.90 -31.31
CA PRO A 1726 -11.36 -26.61 -31.90
C PRO A 1726 -10.32 -25.52 -31.73
N TYR A 1727 -9.47 -25.59 -30.71
CA TYR A 1727 -8.48 -24.54 -30.44
C TYR A 1727 -7.05 -25.06 -30.42
N CYS A 1728 -6.81 -26.30 -30.82
CA CYS A 1728 -5.47 -26.86 -30.86
C CYS A 1728 -5.40 -27.93 -31.93
N ASP A 1729 -4.22 -28.08 -32.53
CA ASP A 1729 -3.99 -29.15 -33.49
C ASP A 1729 -2.94 -30.11 -32.91
N PRO A 1730 -3.34 -31.29 -32.45
CA PRO A 1730 -2.34 -32.24 -31.91
C PRO A 1730 -1.28 -32.63 -32.93
N THR A 1731 -1.61 -32.67 -34.22
CA THR A 1731 -0.66 -33.00 -35.26
C THR A 1731 -0.18 -31.71 -35.93
N LEU A 1732 1.04 -31.29 -35.59
CA LEU A 1732 1.64 -30.08 -36.14
C LEU A 1732 3.08 -30.36 -36.53
N PRO A 1733 3.55 -29.80 -37.65
CA PRO A 1733 4.95 -30.03 -38.06
C PRO A 1733 5.91 -29.14 -37.28
N ASN A 1734 6.07 -29.45 -35.99
CA ASN A 1734 6.97 -28.69 -35.15
C ASN A 1734 8.42 -28.90 -35.58
N SER A 1735 9.21 -27.84 -35.48
CA SER A 1735 10.62 -27.91 -35.85
C SER A 1735 11.42 -28.83 -34.95
N ASN A 1736 10.95 -29.10 -33.74
CA ASN A 1736 11.61 -29.99 -32.81
C ASN A 1736 10.75 -31.24 -32.67
N GLY A 1737 11.33 -32.29 -32.09
CA GLY A 1737 10.63 -33.54 -31.95
C GLY A 1737 9.52 -33.49 -30.92
N SER A 1738 8.49 -32.70 -31.21
CA SER A 1738 7.36 -32.54 -30.31
C SER A 1738 6.08 -32.41 -31.12
N ARG A 1739 4.96 -32.78 -30.52
CA ARG A 1739 3.65 -32.74 -31.16
C ARG A 1739 2.71 -31.84 -30.37
N GLY A 1740 1.70 -31.35 -31.06
CA GLY A 1740 0.68 -30.51 -30.47
C GLY A 1740 0.98 -29.03 -30.62
N ASP A 1741 0.08 -28.21 -30.07
CA ASP A 1741 0.24 -26.76 -30.13
C ASP A 1741 -0.12 -26.07 -28.82
N CYS A 1742 -0.35 -26.82 -27.75
CA CYS A 1742 -0.69 -26.22 -26.47
C CYS A 1742 -0.19 -27.10 -25.33
N GLY A 1743 0.00 -26.49 -24.17
CA GLY A 1743 0.54 -27.17 -23.01
C GLY A 1743 -0.54 -27.70 -22.08
N SER A 1744 -0.12 -28.07 -20.87
CA SER A 1744 -0.99 -28.64 -19.88
C SER A 1744 -1.14 -27.68 -18.70
N PRO A 1745 -2.37 -27.34 -18.30
CA PRO A 1745 -2.54 -26.38 -17.20
C PRO A 1745 -2.04 -26.89 -15.85
N ALA A 1746 -1.89 -28.20 -15.68
CA ALA A 1746 -1.56 -28.75 -14.37
C ALA A 1746 -0.21 -28.25 -13.86
N VAL A 1747 0.67 -27.82 -14.75
CA VAL A 1747 1.96 -27.29 -14.35
C VAL A 1747 1.91 -25.76 -14.37
N GLY A 1748 1.12 -25.21 -15.29
CA GLY A 1748 1.04 -23.75 -15.40
C GLY A 1748 0.42 -23.09 -14.19
N ILE A 1749 -0.61 -23.72 -13.62
CA ILE A 1749 -1.27 -23.14 -12.45
C ILE A 1749 -0.28 -23.02 -11.30
N LEU A 1750 0.47 -24.09 -11.02
CA LEU A 1750 1.50 -24.05 -9.99
C LEU A 1750 2.57 -23.02 -10.32
N PHE A 1751 2.99 -22.98 -11.58
CA PHE A 1751 4.04 -22.07 -12.02
C PHE A 1751 3.68 -20.62 -11.72
N PHE A 1752 2.43 -20.23 -12.00
CA PHE A 1752 2.03 -18.85 -11.75
C PHE A 1752 1.76 -18.59 -10.27
N THR A 1753 1.11 -19.53 -9.57
CA THR A 1753 0.74 -19.30 -8.18
C THR A 1753 1.96 -19.15 -7.30
N THR A 1754 2.95 -20.04 -7.45
CA THR A 1754 4.13 -19.98 -6.61
C THR A 1754 4.90 -18.67 -6.83
N TYR A 1755 5.01 -18.24 -8.09
CA TYR A 1755 5.71 -17.00 -8.38
C TYR A 1755 5.01 -15.81 -7.76
N ILE A 1756 3.67 -15.76 -7.85
CA ILE A 1756 2.94 -14.66 -7.25
C ILE A 1756 3.17 -14.62 -5.74
N ILE A 1757 3.10 -15.77 -5.08
CA ILE A 1757 3.26 -15.83 -3.63
C ILE A 1757 4.66 -15.34 -3.24
N ILE A 1758 5.68 -15.82 -3.95
CA ILE A 1758 7.06 -15.44 -3.62
C ILE A 1758 7.26 -13.93 -3.80
N SER A 1759 6.75 -13.39 -4.91
CA SER A 1759 6.88 -11.96 -5.15
C SER A 1759 6.21 -11.14 -4.06
N PHE A 1760 5.02 -11.56 -3.63
CA PHE A 1760 4.35 -10.84 -2.55
C PHE A 1760 5.16 -10.87 -1.27
N LEU A 1761 5.71 -12.04 -0.92
CA LEU A 1761 6.48 -12.15 0.32
C LEU A 1761 7.72 -11.28 0.29
N ILE A 1762 8.41 -11.21 -0.85
CA ILE A 1762 9.62 -10.39 -0.92
C ILE A 1762 9.27 -8.89 -0.90
N VAL A 1763 8.20 -8.52 -1.60
CA VAL A 1763 7.80 -7.11 -1.64
C VAL A 1763 7.39 -6.63 -0.25
N VAL A 1764 6.76 -7.50 0.55
CA VAL A 1764 6.41 -7.12 1.92
C VAL A 1764 7.67 -6.81 2.72
N ASN A 1765 8.71 -7.63 2.56
CA ASN A 1765 9.97 -7.40 3.26
C ASN A 1765 10.58 -6.06 2.87
N MET A 1766 10.59 -5.75 1.57
CA MET A 1766 11.09 -4.46 1.12
C MET A 1766 10.29 -3.32 1.76
N TYR A 1767 8.96 -3.45 1.76
CA TYR A 1767 8.09 -2.45 2.36
C TYR A 1767 8.49 -2.20 3.80
N ILE A 1768 8.66 -3.27 4.57
CA ILE A 1768 8.91 -3.18 5.99
C ILE A 1768 10.25 -2.51 6.25
N ALA A 1769 11.28 -2.90 5.49
CA ALA A 1769 12.59 -2.28 5.67
C ALA A 1769 12.53 -0.78 5.39
N ILE A 1770 11.81 -0.39 4.33
CA ILE A 1770 11.74 1.02 3.97
C ILE A 1770 11.07 1.82 5.07
N ILE A 1771 9.92 1.33 5.58
CA ILE A 1771 9.21 2.12 6.58
C ILE A 1771 10.00 2.16 7.89
N LEU A 1772 10.64 1.04 8.25
CA LEU A 1772 11.46 1.02 9.46
C LEU A 1772 12.55 2.07 9.39
N GLU A 1773 13.28 2.12 8.27
CA GLU A 1773 14.32 3.12 8.12
C GLU A 1773 13.75 4.54 8.15
N ASN A 1774 12.61 4.75 7.46
CA ASN A 1774 12.06 6.09 7.34
C ASN A 1774 11.61 6.64 8.68
N PHE A 1775 10.99 5.82 9.51
CA PHE A 1775 10.57 6.32 10.81
C PHE A 1775 11.66 6.21 11.86
N SER A 1776 12.78 5.54 11.55
CA SER A 1776 13.91 5.55 12.46
C SER A 1776 14.79 6.79 12.25
N VAL A 1777 14.92 7.26 11.01
CA VAL A 1777 15.77 8.42 10.76
C VAL A 1777 15.16 9.73 11.25
N ALA A 1778 13.90 9.71 11.68
CA ALA A 1778 13.23 10.92 12.15
C ALA A 1778 13.64 11.21 13.60
N THR A 1779 14.90 11.62 13.75
CA THR A 1779 15.44 11.96 15.06
C THR A 1779 16.65 12.87 14.88
N GLU A 1780 16.85 13.75 15.85
CA GLU A 1780 17.96 14.70 15.83
C GLU A 1780 18.94 14.48 16.97
N GLU A 1781 18.45 14.46 18.20
CA GLU A 1781 19.26 14.28 19.41
C GLU A 1781 20.35 15.35 19.44
N SER A 1782 21.52 15.02 19.99
CA SER A 1782 22.64 15.94 20.06
C SER A 1782 23.93 15.18 19.79
N THR A 1783 24.80 15.79 18.98
CA THR A 1783 26.09 15.20 18.63
C THR A 1783 27.25 15.82 19.41
N GLU A 1784 26.96 16.63 20.43
CA GLU A 1784 27.95 17.32 21.23
C GLU A 1784 28.92 18.12 20.37
N PRO A 1785 28.45 19.17 19.68
CA PRO A 1785 29.34 19.95 18.82
C PRO A 1785 29.93 21.19 19.46
N LEU A 1786 29.53 21.53 20.68
CA LEU A 1786 29.96 22.77 21.33
C LEU A 1786 30.99 22.42 22.41
N SER A 1787 32.27 22.65 22.10
CA SER A 1787 33.33 22.45 23.07
C SER A 1787 34.39 23.56 23.05
N GLU A 1788 34.27 24.54 22.16
CA GLU A 1788 35.29 25.59 22.08
C GLU A 1788 35.22 26.53 23.27
N ASP A 1789 34.02 26.96 23.65
CA ASP A 1789 33.84 27.90 24.76
C ASP A 1789 33.81 27.13 26.08
N ASP A 1790 34.99 26.68 26.50
CA ASP A 1790 35.12 25.89 27.72
C ASP A 1790 36.21 26.43 28.63
N PHE A 1791 37.23 27.06 28.05
CA PHE A 1791 38.41 27.48 28.80
C PHE A 1791 38.34 28.92 29.27
N ASP A 1792 37.22 29.61 29.05
CA ASP A 1792 37.10 31.00 29.48
C ASP A 1792 37.20 31.11 31.00
N MET A 1793 36.50 30.24 31.73
CA MET A 1793 36.56 30.26 33.18
C MET A 1793 37.96 29.97 33.69
N PHE A 1794 38.63 28.98 33.08
CA PHE A 1794 39.98 28.64 33.51
C PHE A 1794 40.95 29.77 33.23
N TYR A 1795 40.82 30.42 32.07
CA TYR A 1795 41.67 31.58 31.76
C TYR A 1795 41.44 32.71 32.74
N GLU A 1796 40.18 32.98 33.09
CA GLU A 1796 39.89 34.02 34.08
C GLU A 1796 40.50 33.67 35.43
N ILE A 1797 40.38 32.41 35.86
CA ILE A 1797 40.94 32.00 37.14
C ILE A 1797 42.45 32.14 37.14
N TRP A 1798 43.10 31.74 36.05
CA TRP A 1798 44.56 31.87 35.95
C TRP A 1798 44.99 33.32 35.98
N GLU A 1799 44.30 34.18 35.22
CA GLU A 1799 44.62 35.60 35.25
C GLU A 1799 44.39 36.20 36.62
N LYS A 1800 43.44 35.65 37.38
CA LYS A 1800 43.21 36.14 38.74
C LYS A 1800 44.34 35.72 39.68
N PHE A 1801 44.77 34.45 39.61
CA PHE A 1801 45.74 33.92 40.56
C PHE A 1801 47.13 33.75 39.95
N ASP A 1802 47.25 32.98 38.86
CA ASP A 1802 48.56 32.68 38.30
C ASP A 1802 48.45 32.30 36.83
N PRO A 1803 48.75 33.21 35.90
CA PRO A 1803 48.60 32.88 34.48
C PRO A 1803 49.65 31.90 33.97
N GLU A 1804 49.59 30.66 34.45
CA GLU A 1804 50.52 29.62 34.03
C GLU A 1804 49.85 28.32 33.65
N ALA A 1805 48.57 28.11 33.98
CA ALA A 1805 47.82 26.89 33.68
C ALA A 1805 48.46 25.66 34.30
N THR A 1806 49.31 25.84 35.32
CA THR A 1806 49.96 24.73 36.01
C THR A 1806 49.88 24.89 37.52
N GLN A 1807 48.92 25.66 38.02
CA GLN A 1807 48.81 25.93 39.44
C GLN A 1807 48.16 24.74 40.16
N PHE A 1808 48.11 24.83 41.49
CA PHE A 1808 47.53 23.81 42.33
C PHE A 1808 46.55 24.45 43.30
N ILE A 1809 45.63 23.64 43.82
CA ILE A 1809 44.59 24.10 44.73
C ILE A 1809 44.55 23.17 45.94
N GLU A 1810 43.96 23.67 47.02
CA GLU A 1810 43.81 22.92 48.26
C GLU A 1810 42.36 23.00 48.72
N TYR A 1811 41.83 21.87 49.19
CA TYR A 1811 40.43 21.81 49.61
C TYR A 1811 40.15 22.72 50.78
N SER A 1812 41.11 22.85 51.70
CA SER A 1812 40.93 23.72 52.86
C SER A 1812 40.76 25.18 52.46
N VAL A 1813 41.27 25.58 51.30
CA VAL A 1813 41.11 26.93 50.80
C VAL A 1813 39.98 26.95 49.77
N LEU A 1814 39.79 25.82 49.08
CA LEU A 1814 38.73 25.73 48.09
C LEU A 1814 37.35 25.89 48.73
N SER A 1815 37.14 25.27 49.90
CA SER A 1815 35.84 25.30 50.54
C SER A 1815 35.40 26.72 50.87
N ASP A 1816 36.36 27.63 51.04
CA ASP A 1816 36.05 29.03 51.32
C ASP A 1816 36.19 29.94 50.10
N PHE A 1817 36.88 29.48 49.05
CA PHE A 1817 37.08 30.31 47.87
C PHE A 1817 36.01 30.08 46.81
N ALA A 1818 35.65 28.82 46.55
CA ALA A 1818 34.68 28.50 45.50
C ALA A 1818 33.26 28.65 46.03
N ASP A 1819 32.85 29.90 46.20
CA ASP A 1819 31.52 30.22 46.68
C ASP A 1819 30.68 30.95 45.65
N ALA A 1820 31.17 32.08 45.11
CA ALA A 1820 30.42 32.88 44.15
C ALA A 1820 31.06 32.71 42.78
N LEU A 1821 30.40 31.94 41.91
CA LEU A 1821 30.86 31.69 40.56
C LEU A 1821 29.70 31.84 39.59
N SER A 1822 29.90 32.64 38.55
CA SER A 1822 28.92 32.76 37.47
C SER A 1822 29.08 31.61 36.49
N GLU A 1823 28.24 31.58 35.46
CA GLU A 1823 28.25 30.52 34.44
C GLU A 1823 28.16 29.17 35.13
N PRO A 1824 26.98 28.79 35.64
CA PRO A 1824 26.90 27.65 36.55
C PRO A 1824 27.22 26.31 35.90
N LEU A 1825 28.50 26.08 35.63
CA LEU A 1825 29.01 24.78 35.21
C LEU A 1825 29.72 24.04 36.33
N ARG A 1826 29.70 24.58 37.54
CA ARG A 1826 30.38 24.00 38.69
C ARG A 1826 29.38 23.21 39.53
N ILE A 1827 29.83 22.76 40.70
CA ILE A 1827 29.01 21.99 41.63
C ILE A 1827 29.00 22.69 42.98
N ALA A 1828 28.18 22.17 43.89
CA ALA A 1828 28.04 22.75 45.20
C ALA A 1828 29.28 22.46 46.06
N LYS A 1829 29.38 23.17 47.17
CA LYS A 1829 30.52 22.99 48.08
C LYS A 1829 30.62 21.57 48.62
N PRO A 1830 29.56 20.93 49.11
CA PRO A 1830 29.71 19.54 49.56
C PRO A 1830 30.15 18.59 48.44
N ASN A 1831 29.73 18.84 47.21
CA ASN A 1831 30.14 17.98 46.10
C ASN A 1831 31.61 18.19 45.73
N GLN A 1832 32.13 19.40 45.95
CA GLN A 1832 33.53 19.66 45.64
C GLN A 1832 34.47 18.88 46.55
N ILE A 1833 34.06 18.63 47.80
CA ILE A 1833 34.88 17.86 48.72
C ILE A 1833 35.06 16.42 48.24
N SER A 1834 34.03 15.85 47.61
CA SER A 1834 34.10 14.48 47.14
C SER A 1834 35.09 14.30 45.99
N LEU A 1835 35.57 15.39 45.40
CA LEU A 1835 36.52 15.33 44.30
C LEU A 1835 37.96 15.14 44.76
N ILE A 1836 38.18 14.91 46.06
CA ILE A 1836 39.54 14.73 46.58
C ILE A 1836 40.16 13.48 46.00
N ASN A 1837 39.41 12.38 45.94
CA ASN A 1837 39.90 11.10 45.45
C ASN A 1837 39.12 10.66 44.21
N MET A 1838 38.86 11.60 43.30
CA MET A 1838 38.12 11.32 42.07
C MET A 1838 39.02 11.68 40.88
N ASP A 1839 39.77 10.70 40.39
CA ASP A 1839 40.68 10.86 39.25
C ASP A 1839 41.67 12.01 39.49
N LEU A 1840 42.47 11.85 40.54
CA LEU A 1840 43.43 12.88 40.91
C LEU A 1840 44.71 12.26 41.48
N PRO A 1841 45.85 12.47 40.85
CA PRO A 1841 47.11 11.99 41.43
C PRO A 1841 47.50 12.78 42.66
N MET A 1842 48.28 12.15 43.53
CA MET A 1842 48.74 12.75 44.77
C MET A 1842 50.23 13.05 44.63
N VAL A 1843 50.58 14.33 44.59
CA VAL A 1843 51.96 14.77 44.46
C VAL A 1843 52.24 15.85 45.49
N SER A 1844 53.52 16.03 45.80
CA SER A 1844 54.02 17.03 46.75
C SER A 1844 53.35 16.77 48.11
N GLY A 1845 52.97 17.80 48.84
CA GLY A 1845 52.31 17.63 50.13
C GLY A 1845 50.82 17.46 50.02
N ASP A 1846 50.38 16.36 49.39
CA ASP A 1846 48.96 16.07 49.19
C ASP A 1846 48.26 17.20 48.43
N ARG A 1847 48.96 17.78 47.45
CA ARG A 1847 48.40 18.85 46.65
C ARG A 1847 47.46 18.28 45.59
N ILE A 1848 46.61 19.16 45.06
CA ILE A 1848 45.59 18.79 44.08
C ILE A 1848 46.00 19.39 42.74
N HIS A 1849 46.17 18.52 41.74
CA HIS A 1849 46.56 18.97 40.41
C HIS A 1849 45.35 19.56 39.68
N CYS A 1850 45.54 20.76 39.12
CA CYS A 1850 44.45 21.42 38.41
C CYS A 1850 44.22 20.82 37.02
N MET A 1851 45.30 20.41 36.34
CA MET A 1851 45.17 19.89 34.99
C MET A 1851 44.32 18.62 34.95
N ASP A 1852 44.53 17.72 35.91
CA ASP A 1852 43.72 16.51 35.99
C ASP A 1852 42.26 16.85 36.27
N ILE A 1853 42.02 17.88 37.10
CA ILE A 1853 40.65 18.33 37.33
C ILE A 1853 40.04 18.86 36.04
N LEU A 1854 40.82 19.60 35.25
CA LEU A 1854 40.32 20.10 33.97
C LEU A 1854 39.97 18.95 33.03
N PHE A 1855 40.82 17.92 32.97
CA PHE A 1855 40.55 16.77 32.12
C PHE A 1855 39.31 16.02 32.58
N ALA A 1856 39.15 15.85 33.89
CA ALA A 1856 37.95 15.20 34.40
C ALA A 1856 36.70 16.00 34.10
N PHE A 1857 36.78 17.34 34.25
CA PHE A 1857 35.61 18.18 34.00
C PHE A 1857 35.22 18.14 32.53
N THR A 1858 36.20 18.21 31.62
CA THR A 1858 35.88 18.12 30.20
C THR A 1858 35.44 16.72 29.80
N LYS A 1859 35.87 15.70 30.55
CA LYS A 1859 35.44 14.33 30.29
C LYS A 1859 34.01 14.07 30.74
N ARG A 1860 33.46 14.96 31.58
CA ARG A 1860 32.11 14.76 32.11
C ARG A 1860 31.07 14.79 31.00
N VAL A 1861 31.30 15.58 29.96
CA VAL A 1861 30.31 15.74 28.89
C VAL A 1861 30.76 14.94 27.67
N LEU A 1862 31.93 15.28 27.11
CA LEU A 1862 32.40 14.60 25.91
C LEU A 1862 33.92 14.56 25.77
N GLY A 1863 34.66 14.65 26.88
CA GLY A 1863 36.11 14.69 26.80
C GLY A 1863 36.79 13.37 26.52
N GLU A 1864 36.45 12.74 25.39
CA GLU A 1864 37.08 11.49 24.99
C GLU A 1864 37.58 11.60 23.55
N SER A 1865 36.88 12.38 22.73
CA SER A 1865 37.28 12.61 21.35
C SER A 1865 36.59 13.88 20.86
N GLY A 1866 37.29 14.65 20.05
CA GLY A 1866 36.73 15.87 19.52
C GLY A 1866 37.80 16.70 18.84
N GLU A 1867 37.38 17.89 18.40
CA GLU A 1867 38.27 18.83 17.74
C GLU A 1867 38.45 20.14 18.47
N MET A 1868 37.54 20.52 19.36
CA MET A 1868 37.66 21.77 20.09
C MET A 1868 38.34 21.57 21.44
N ASP A 1869 37.85 20.63 22.25
CA ASP A 1869 38.52 20.31 23.52
C ASP A 1869 39.86 19.64 23.30
N ALA A 1870 40.11 19.11 22.09
CA ALA A 1870 41.42 18.53 21.79
C ALA A 1870 42.51 19.59 21.88
N LEU A 1871 42.22 20.81 21.42
CA LEU A 1871 43.20 21.89 21.54
C LEU A 1871 43.50 22.21 22.99
N LYS A 1872 42.48 22.23 23.84
CA LYS A 1872 42.68 22.48 25.27
C LYS A 1872 43.53 21.38 25.91
N ILE A 1873 43.23 20.12 25.59
CA ILE A 1873 43.99 19.00 26.14
C ILE A 1873 45.44 19.07 25.65
N GLN A 1874 45.65 19.40 24.38
CA GLN A 1874 47.00 19.52 23.84
C GLN A 1874 47.75 20.68 24.47
N MET A 1875 47.05 21.78 24.77
CA MET A 1875 47.70 22.90 25.46
C MET A 1875 48.16 22.49 26.84
N GLU A 1876 47.32 21.76 27.58
CA GLU A 1876 47.76 21.26 28.89
C GLU A 1876 48.91 20.28 28.76
N GLU A 1877 48.88 19.41 27.74
CA GLU A 1877 49.98 18.46 27.55
C GLU A 1877 51.28 19.18 27.24
N LYS A 1878 51.22 20.23 26.41
CA LYS A 1878 52.41 21.00 26.09
C LYS A 1878 52.93 21.75 27.31
N PHE A 1879 52.02 22.30 28.13
CA PHE A 1879 52.45 22.93 29.38
C PHE A 1879 53.09 21.92 30.31
N MET A 1880 52.65 20.66 30.26
CA MET A 1880 53.28 19.62 31.07
C MET A 1880 54.72 19.38 30.65
N ALA A 1881 55.04 19.57 29.37
CA ALA A 1881 56.38 19.25 28.86
C ALA A 1881 57.44 20.11 29.52
N ALA A 1882 57.18 21.40 29.68
CA ALA A 1882 58.15 22.31 30.29
C ALA A 1882 57.48 23.27 31.26
C1 NAG B . 10.62 5.11 -42.36
C2 NAG B . 9.81 6.39 -42.16
C3 NAG B . 9.20 6.81 -43.50
C4 NAG B . 10.28 6.92 -44.56
C5 NAG B . 11.11 5.62 -44.60
C6 NAG B . 12.27 5.66 -45.57
C7 NAG B . 8.86 6.62 -39.90
C8 NAG B . 7.64 6.30 -39.06
N2 NAG B . 8.77 6.19 -41.18
O3 NAG B . 8.52 8.01 -43.27
O4 NAG B . 9.64 7.12 -45.80
O5 NAG B . 11.62 5.34 -43.31
O6 NAG B . 11.81 6.07 -46.84
O7 NAG B . 9.82 7.20 -39.45
C1 NAG B . 9.63 8.52 -46.13
C2 NAG B . 9.64 8.69 -47.66
C3 NAG B . 8.41 9.47 -48.10
C4 NAG B . 8.29 10.78 -47.34
C5 NAG B . 8.41 10.52 -45.84
C6 NAG B . 7.29 11.09 -45.01
C7 NAG B . 11.31 9.31 -49.35
C8 NAG B . 12.60 10.07 -49.57
N2 NAG B . 10.85 9.34 -48.09
O3 NAG B . 7.29 8.66 -47.90
O4 NAG B . 9.31 11.65 -47.79
O5 NAG B . 8.46 9.13 -45.61
O6 NAG B . 6.54 10.04 -44.45
O7 NAG B . 10.76 8.73 -50.27
C1 NAG B . 8.78 12.63 -48.71
C2 NAG B . 7.67 13.42 -48.01
C3 NAG B . 8.15 14.85 -47.79
C4 NAG B . 8.38 15.48 -49.15
C5 NAG B . 9.34 14.59 -49.96
C6 NAG B . 10.55 15.32 -50.49
C7 NAG B . 5.19 13.31 -48.35
C8 NAG B . 5.04 13.23 -46.85
N2 NAG B . 6.46 13.39 -48.80
O3 NAG B . 9.30 14.80 -47.02
O4 NAG B . 7.13 15.58 -49.79
O5 NAG B . 9.78 13.52 -49.13
O6 NAG B . 11.72 14.83 -49.89
O7 NAG B . 4.22 13.30 -49.09
C1 NAG B . 6.58 16.90 -49.62
C2 NAG B . 5.49 17.11 -50.69
C3 NAG B . 4.75 18.42 -50.46
C4 NAG B . 4.26 18.52 -49.02
C5 NAG B . 5.46 18.34 -48.10
C6 NAG B . 5.16 18.47 -46.62
C7 NAG B . 5.49 16.48 -53.07
C8 NAG B . 6.27 16.57 -54.35
N2 NAG B . 6.07 17.07 -52.01
O3 NAG B . 3.70 18.48 -51.39
O4 NAG B . 3.65 19.78 -48.88
O5 NAG B . 6.01 17.05 -48.33
O6 NAG B . 6.03 17.64 -45.88
O7 NAG B . 4.40 15.92 -53.02
C1 NAG B . 2.29 19.63 -48.40
C2 NAG B . 1.32 19.81 -49.59
C3 NAG B . 0.50 18.55 -49.81
C4 NAG B . -0.22 18.13 -48.52
C5 NAG B . 0.76 18.20 -47.33
C6 NAG B . 0.71 17.00 -46.42
C7 NAG B . 0.83 22.22 -49.53
C8 NAG B . -0.25 23.24 -49.24
N2 NAG B . 0.47 20.94 -49.37
O3 NAG B . 1.35 17.53 -50.28
O4 NAG B . -1.31 19.01 -48.35
O5 NAG B . 2.07 18.35 -47.83
O6 NAG B . -0.44 16.25 -46.69
O7 NAG B . 1.95 22.57 -49.89
C1 NAG C . -31.06 -11.22 -29.98
C2 NAG C . -31.60 -9.92 -29.39
C3 NAG C . -33.11 -10.03 -29.27
C4 NAG C . -33.71 -10.31 -30.64
C5 NAG C . -33.00 -11.50 -31.30
C6 NAG C . -33.41 -11.74 -32.74
C7 NAG C . -30.34 -8.49 -27.83
C8 NAG C . -30.25 -7.50 -28.97
N2 NAG C . -30.99 -9.63 -28.11
O3 NAG C . -33.57 -8.84 -28.71
O4 NAG C . -35.08 -10.58 -30.46
O5 NAG C . -31.60 -11.35 -31.27
O6 NAG C . -32.84 -10.74 -33.55
O7 NAG C . -29.83 -8.26 -26.75
C1 NAG C . -35.87 -9.41 -30.76
C2 NAG C . -36.09 -9.35 -32.28
C3 NAG C . -37.58 -9.20 -32.59
C4 NAG C . -38.18 -8.06 -31.77
C5 NAG C . -37.89 -8.30 -30.28
C6 NAG C . -39.15 -8.42 -29.44
C7 NAG C . -34.84 -8.27 -34.12
C8 NAG C . -34.10 -7.02 -34.51
N2 NAG C . -35.34 -8.27 -32.86
O3 NAG C . -38.21 -10.42 -32.32
O4 NAG C . -37.57 -6.86 -32.22
O5 NAG C . -37.12 -9.46 -30.12
O6 NAG C . -40.17 -7.63 -29.99
O7 NAG C . -34.99 -9.20 -34.90
C1 NAG D . -35.61 -27.45 -24.34
C2 NAG D . -36.45 -28.31 -23.39
C3 NAG D . -37.94 -27.95 -23.34
C4 NAG D . -38.53 -27.29 -24.60
C5 NAG D . -37.44 -26.85 -25.58
C6 NAG D . -37.88 -25.75 -26.51
C7 NAG D . -35.28 -30.47 -23.22
C8 NAG D . -35.27 -31.91 -23.68
N2 NAG D . -36.28 -29.70 -23.70
O3 NAG D . -38.13 -27.13 -22.21
O4 NAG D . -39.43 -28.19 -25.19
O5 NAG D . -36.36 -26.38 -24.83
O6 NAG D . -37.26 -24.55 -26.11
O7 NAG D . -34.41 -30.04 -22.47
C1 NAG D . -40.70 -28.13 -24.50
C2 NAG D . -41.74 -27.44 -25.41
C3 NAG D . -43.12 -27.49 -24.78
C4 NAG D . -43.48 -28.91 -24.35
C5 NAG D . -42.37 -29.45 -23.45
C6 NAG D . -42.61 -30.85 -22.94
C7 NAG D . -41.59 -25.44 -26.84
C8 NAG D . -41.11 -24.01 -26.89
N2 NAG D . -41.37 -26.08 -25.67
O3 NAG D . -44.04 -26.98 -25.70
O4 NAG D . -44.72 -28.84 -23.68
O5 NAG D . -41.15 -29.43 -24.17
O6 NAG D . -42.52 -31.77 -24.01
O7 NAG D . -42.12 -25.96 -27.81
C1 NAG E . -23.12 -19.20 -38.61
C2 NAG E . -24.58 -18.91 -39.00
C3 NAG E . -24.78 -19.21 -40.47
C4 NAG E . -23.83 -18.37 -41.30
C5 NAG E . -22.39 -18.64 -40.83
C6 NAG E . -21.38 -17.77 -41.53
C7 NAG E . -25.75 -20.92 -38.11
C8 NAG E . -26.82 -21.33 -37.13
N2 NAG E . -25.52 -19.60 -38.16
O3 NAG E . -26.12 -18.95 -40.79
O4 NAG E . -23.99 -18.76 -42.65
O5 NAG E . -22.28 -18.42 -39.44
O6 NAG E . -21.67 -16.42 -41.26
O7 NAG E . -25.18 -21.76 -38.79
C1 NAG E . -24.48 -17.62 -43.42
C2 NAG E . -23.49 -17.39 -44.58
C3 NAG E . -24.02 -17.96 -45.90
C4 NAG E . -24.77 -19.26 -45.65
C5 NAG E . -26.00 -18.97 -44.78
C6 NAG E . -26.46 -20.14 -43.95
C7 NAG E . -24.00 -14.98 -45.02
C8 NAG E . -23.35 -13.62 -45.09
N2 NAG E . -23.16 -15.99 -44.71
O3 NAG E . -22.93 -18.14 -46.76
O4 NAG E . -25.13 -19.78 -46.91
O5 NAG E . -25.78 -17.84 -43.93
O6 NAG E . -27.32 -19.69 -42.93
O7 NAG E . -25.20 -15.11 -45.24
C10 6OU F . -10.48 -29.88 0.46
C11 6OU F . -10.40 -30.97 -0.61
C12 6OU F . -11.76 -31.37 -1.18
C13 6OU F . -11.63 -32.37 -2.32
C14 6OU F . -12.95 -32.65 -3.04
C15 6OU F . -12.73 -33.55 -4.24
C16 6OU F . -13.78 -33.44 -5.30
O17 6OU F . -14.87 -32.96 -5.15
O18 6OU F . -13.36 -33.95 -6.44
C19 6OU F . -12.21 -33.39 -7.04
C20 6OU F . -12.36 -33.44 -8.55
C21 6OU F . -13.60 -34.16 -9.04
O22 6OU F . -13.94 -33.81 -10.37
P23 6OU F . -15.11 -34.71 -11.09
O24 6OU F . -15.33 -34.22 -12.49
O25 6OU F . -16.29 -34.86 -10.17
O26 6OU F . -14.21 -36.07 -11.10
O30 6OU F . -11.16 -34.04 -9.06
C31 6OU F . -10.02 -33.35 -9.02
O32 6OU F . -9.97 -32.15 -8.97
C33 6OU F . -8.83 -34.27 -9.03
C34 6OU F . -7.72 -33.85 -8.07
C35 6OU F . -6.84 -32.73 -8.64
C36 6OU F . -6.45 -31.72 -7.57
C37 6OU F . -7.64 -30.95 -7.01
C38 6OU F . -7.32 -30.08 -5.80
C39 6OU F . -5.83 -30.05 -5.42
C40 6OU F . -5.62 -29.39 -4.10
C41 6OU F . -5.96 -28.15 -3.73
C42 6OU F . -5.75 -27.50 -2.40
C43 6OU F . -4.84 -26.28 -2.50
CAA Y01 G . -21.20 25.84 0.74
CBA Y01 G . -20.30 26.45 1.81
CAB Y01 G . -21.06 27.50 2.61
CAN Y01 G . -19.72 25.39 2.75
CAJ Y01 G . -18.77 25.93 3.81
CAO Y01 G . -18.36 24.84 4.80
CBB Y01 G . -17.29 25.27 5.83
CAC Y01 G . -17.40 26.76 6.14
CBE Y01 G . -17.38 24.39 7.09
CAP Y01 G . -17.88 22.95 6.76
CAQ Y01 G . -17.13 21.98 7.69
CBG Y01 G . -16.50 22.91 8.72
CBI Y01 G . -16.09 24.15 7.92
CAE Y01 G . -14.91 23.89 6.98
CAU Y01 G . -15.75 25.23 8.96
CAS Y01 G . -14.67 24.77 9.93
CBF Y01 G . -14.97 23.44 10.62
CBD Y01 G . -15.40 22.35 9.63
CAK Y01 G . -15.88 21.12 10.36
CAI Y01 G . -15.08 20.79 11.58
CAZ Y01 G . -14.18 21.60 12.14
CAV Y01 G . -13.33 21.12 13.29
CBH Y01 G . -13.84 22.96 11.56
CAD Y01 G . -12.49 22.85 10.81
CAT Y01 G . -13.69 23.97 12.73
CAR Y01 G . -12.76 23.50 13.83
CBC Y01 G . -13.23 22.16 14.39
OAW Y01 G . -12.28 21.77 15.39
CAY Y01 G . -12.24 22.41 16.55
OAG Y01 G . -13.19 22.97 17.04
CAM Y01 G . -10.86 22.33 17.17
CAL Y01 G . -10.17 23.68 17.27
CAX Y01 G . -9.62 24.21 15.94
OAH Y01 G . -9.19 25.39 15.96
OAF Y01 G . -9.65 23.46 14.94
CAA Y01 H . -22.18 19.81 -4.45
CBA Y01 H . -21.65 20.74 -5.53
CAB Y01 H . -21.09 22.02 -4.91
CAN Y01 H . -20.59 20.07 -6.41
CAJ Y01 H . -19.99 20.94 -7.50
CAO Y01 H . -21.03 21.36 -8.55
CBB Y01 H . -20.66 22.58 -9.41
CAC Y01 H . -19.19 22.96 -9.20
CBE Y01 H . -21.05 22.32 -10.87
CAP Y01 H . -22.49 21.73 -10.96
CAQ Y01 H . -23.12 22.28 -12.27
CBG Y01 H . -21.94 22.87 -13.01
CBI Y01 H . -21.07 23.49 -11.89
CAE Y01 H . -21.74 24.72 -11.27
CAU Y01 H . -19.74 23.85 -12.55
CAS Y01 H . -19.92 24.78 -13.75
CBF Y01 H . -20.85 24.21 -14.81
CBD Y01 H . -22.19 23.77 -14.21
CAK Y01 H . -23.04 23.05 -15.25
CAI Y01 H . -22.99 23.71 -16.59
CAZ Y01 H . -22.10 24.63 -16.96
CAV Y01 H . -22.18 25.26 -18.33
CBH Y01 H . -21.02 25.16 -16.03
CAD Y01 H . -21.40 26.58 -15.60
CAT Y01 H . -19.69 25.19 -16.81
CAR Y01 H . -19.77 25.89 -18.15
CBC Y01 H . -20.83 25.25 -19.02
OAW Y01 H . -20.85 25.97 -20.28
CAY Y01 H . -21.82 26.83 -20.59
OAG Y01 H . -22.84 26.51 -21.15
CAM Y01 H . -21.46 28.24 -20.17
CAL Y01 H . -22.53 29.26 -20.51
CAX Y01 H . -22.26 30.67 -19.93
OAH Y01 H . -23.15 31.51 -20.14
OAF Y01 H . -21.21 30.84 -19.29
CAA Y01 I . -27.47 -13.65 11.10
CBA Y01 I . -27.45 -14.82 12.08
CAB Y01 I . -28.03 -16.07 11.43
CAN Y01 I . -26.04 -15.11 12.61
CAJ Y01 I . -25.39 -13.97 13.39
CAO Y01 I . -26.25 -13.53 14.57
CBB Y01 I . -25.61 -12.49 15.50
CAC Y01 I . -26.17 -11.10 15.18
CBE Y01 I . -25.79 -12.88 16.97
CAP Y01 I . -26.38 -14.30 17.16
CAQ Y01 I . -25.89 -14.80 18.53
CBG Y01 I . -25.21 -13.58 19.13
CBI Y01 I . -24.56 -12.89 17.92
CAE Y01 I . -23.43 -13.72 17.31
CAU Y01 I . -24.06 -11.52 18.41
CAS Y01 I . -23.15 -11.64 19.63
CBF Y01 I . -23.78 -12.42 20.79
CBD Y01 I . -24.31 -13.78 20.33
CAK Y01 I . -25.11 -14.45 21.44
CAI Y01 I . -24.54 -14.23 22.80
CAZ Y01 I . -23.56 -13.39 23.09
CAV Y01 I . -22.99 -13.36 24.48
CBH Y01 I . -22.87 -12.53 22.05
CAD Y01 I . -21.52 -13.16 21.70
CAT Y01 I . -22.68 -11.12 22.64
CAR Y01 I . -22.06 -11.09 24.04
CBC Y01 I . -22.88 -11.93 24.99
OAW Y01 I . -22.22 -11.92 26.27
CAY Y01 I . -22.37 -10.86 27.08
OAG Y01 I . -23.27 -10.07 26.98
CAM Y01 I . -21.25 -10.82 28.08
CAL Y01 I . -19.88 -10.79 27.44
CAX Y01 I . -18.72 -11.16 28.39
OAH Y01 I . -18.72 -12.33 28.80
OAF Y01 I . -17.90 -10.26 28.67
CAA Y01 J . -23.49 -14.71 4.83
CBA Y01 J . -22.36 -15.37 4.04
CAB Y01 J . -22.05 -16.75 4.60
CAN Y01 J . -22.69 -15.47 2.55
CAJ Y01 J . -23.29 -14.20 1.95
CAO Y01 J . -23.85 -14.45 0.55
CBB Y01 J . -24.88 -13.43 0.06
CAC Y01 J . -24.16 -12.19 -0.47
CBE Y01 J . -25.82 -14.11 -0.95
CAP Y01 J . -26.36 -15.43 -0.37
CAQ Y01 J . -27.79 -15.62 -0.89
CBG Y01 J . -27.86 -14.60 -2.01
CBI Y01 J . -27.10 -13.39 -1.47
CAE Y01 J . -27.83 -12.71 -0.31
CAU Y01 J . -26.93 -12.43 -2.65
CAS Y01 J . -28.25 -12.09 -3.32
CBF Y01 J . -29.03 -13.32 -3.80
CBD Y01 J . -29.22 -14.31 -2.64
CAK Y01 J . -29.85 -15.61 -3.14
CAI Y01 J . -30.96 -15.36 -4.10
CAZ Y01 J . -31.23 -14.20 -4.66
CAV Y01 J . -32.44 -14.06 -5.56
CBH Y01 J . -30.35 -12.98 -4.53
CAD Y01 J . -31.13 -11.87 -3.79
CAT Y01 J . -30.02 -12.51 -5.96
CAR Y01 J . -31.24 -12.29 -6.85
CBC Y01 J . -32.06 -13.56 -6.94
OAW Y01 J . -33.25 -13.23 -7.70
CAY Y01 J . -33.32 -13.51 -9.00
OAG Y01 J . -32.56 -14.26 -9.56
CAM Y01 J . -34.45 -12.77 -9.65
CAL Y01 J . -34.56 -12.95 -11.15
CAX Y01 J . -35.87 -13.60 -11.63
OAH Y01 J . -36.15 -14.70 -11.12
OAF Y01 J . -36.55 -12.99 -12.48
CAA Y01 K . -23.94 -4.40 0.05
CBA Y01 K . -25.40 -4.14 0.41
CAB Y01 K . -26.11 -5.44 0.76
CAN Y01 K . -26.15 -3.42 -0.71
CAJ Y01 K . -25.59 -2.07 -1.13
CAO Y01 K . -26.62 -1.23 -1.87
CBB Y01 K . -27.98 -1.13 -1.16
CAC Y01 K . -27.96 0.00 -0.13
CBE Y01 K . -29.14 -0.99 -2.17
CAP Y01 K . -28.68 -0.57 -3.59
CAQ Y01 K . -29.82 -1.01 -4.55
CBG Y01 K . -30.85 -1.64 -3.64
CBI Y01 K . -30.05 -2.21 -2.46
CAE Y01 K . -29.21 -3.43 -2.88
CAU Y01 K . -31.06 -2.58 -1.38
CAS Y01 K . -32.10 -3.58 -1.91
CBF Y01 K . -32.83 -3.14 -3.18
CBD Y01 K . -31.87 -2.60 -4.25
CAK Y01 K . -32.68 -1.90 -5.34
CAI Y01 K . -33.90 -2.68 -5.71
CAZ Y01 K . -34.33 -3.77 -5.08
CAV Y01 K . -35.42 -4.61 -5.69
CBH Y01 K . -33.75 -4.23 -3.75
CAD Y01 K . -32.97 -5.54 -3.97
CAT Y01 K . -34.92 -4.47 -2.77
CAR Y01 K . -36.32 -4.37 -3.36
CBC Y01 K . -36.41 -5.13 -4.66
OAW Y01 K . -36.15 -6.51 -4.36
CAY Y01 K . -36.57 -7.46 -5.19
OAG Y01 K . -37.23 -7.24 -6.18
CAM Y01 K . -36.12 -8.83 -4.74
CAL Y01 K . -34.62 -9.02 -4.73
CAX Y01 K . -33.94 -8.73 -3.37
OAH Y01 K . -34.66 -8.14 -2.53
OAF Y01 K . -32.76 -9.07 -3.22
CAA Y01 L . -28.68 6.38 5.56
CBA Y01 L . -27.54 6.13 4.59
CAB Y01 L . -26.27 5.78 5.34
CAN Y01 L . -27.87 5.04 3.56
CAJ Y01 L . -29.04 5.36 2.63
CAO Y01 L . -29.27 4.25 1.61
CBB Y01 L . -30.63 3.53 1.68
CAC Y01 L . -31.37 3.88 2.96
CBE Y01 L . -31.45 3.79 0.40
CAP Y01 L . -30.55 3.92 -0.86
CAQ Y01 L . -31.37 3.46 -2.07
CBG Y01 L . -32.77 3.26 -1.49
CBI Y01 L . -32.52 2.77 -0.06
CAE Y01 L . -31.94 1.36 -0.03
CAU Y01 L . -33.88 2.82 0.65
CAS Y01 L . -34.95 2.02 -0.09
CBF Y01 L . -35.12 2.43 -1.55
CBD Y01 L . -33.78 2.46 -2.29
CAK Y01 L . -33.96 3.06 -3.68
CAI Y01 L . -35.15 2.50 -4.39
CAZ Y01 L . -36.10 1.77 -3.80
CAV Y01 L . -37.24 1.20 -4.61
CBH Y01 L . -36.20 1.58 -2.29
CAD Y01 L . -36.06 0.08 -1.97
CAT Y01 L . -37.59 2.07 -1.85
CAR Y01 L . -38.75 1.47 -2.64
CBC Y01 L . -38.58 1.73 -4.13
OAW Y01 L . -39.68 1.08 -4.79
CAY Y01 L . -39.58 0.73 -6.07
OAG Y01 L . -39.39 -0.42 -6.42
CAM Y01 L . -39.77 1.90 -7.00
CAL Y01 L . -39.66 1.53 -8.47
CAX Y01 L . -39.11 2.65 -9.37
OAH Y01 L . -37.92 2.96 -9.18
OAF Y01 L . -39.90 3.16 -10.21
CAA Y01 M . -3.18 -5.43 -2.70
CBA Y01 M . -3.58 -4.18 -1.91
CAB Y01 M . -4.23 -3.15 -2.83
CAN Y01 M . -2.40 -3.56 -1.16
CAJ Y01 M . -2.53 -3.57 0.36
CAO Y01 M . -1.26 -3.10 1.07
CBB Y01 M . -1.45 -2.63 2.52
CAC Y01 M . -2.69 -3.28 3.15
CBE Y01 M . -0.18 -2.86 3.35
CAP Y01 M . 1.11 -2.66 2.51
CAQ Y01 M . 2.12 -1.89 3.38
CBG Y01 M . 1.58 -2.08 4.77
CBI Y01 M . 0.05 -1.98 4.62
CAE Y01 M . -0.42 -0.55 4.33
CAU Y01 M . -0.52 -2.50 5.93
CAS Y01 M . -0.05 -1.65 7.12
CBF Y01 M . 1.49 -1.60 7.24
CBD Y01 M . 2.17 -1.25 5.91
CAK Y01 M . 3.67 -1.48 6.03
CAI Y01 M . 4.21 -1.17 7.39
CAZ Y01 M . 3.51 -0.82 8.47
CAV Y01 M . 4.08 -1.14 9.82
CBH Y01 M . 2.00 -0.67 8.37
CAD Y01 M . 1.66 0.80 8.10
CAT Y01 M . 1.38 -1.12 9.71
CAR Y01 M . 1.91 -0.38 10.93
CBC Y01 M . 3.44 -0.37 10.97
OAW Y01 M . 3.86 1.00 10.95
C1 NAG N . -3.21 -12.74 -37.41
C2 NAG N . -2.69 -13.59 -38.57
C3 NAG N . -1.37 -14.26 -38.17
C4 NAG N . -0.39 -13.22 -37.65
C5 NAG N . -1.06 -12.41 -36.54
C6 NAG N . -0.17 -11.36 -35.93
C7 NAG N . -3.84 -15.01 -40.22
C8 NAG N . -4.93 -16.04 -40.39
N2 NAG N . -3.66 -14.58 -38.96
O3 NAG N . -0.88 -14.94 -39.29
O4 NAG N . 0.75 -13.91 -37.18
O5 NAG N . -2.22 -11.79 -37.08
O6 NAG N . 1.17 -11.80 -35.97
O7 NAG N . -3.17 -14.63 -41.16
C1 NAG O . 5.30 -1.94 -50.73
C2 NAG O . 6.03 -2.81 -51.75
C3 NAG O . 7.34 -3.30 -51.13
C4 NAG O . 8.15 -2.13 -50.62
C5 NAG O . 7.29 -1.27 -49.68
C6 NAG O . 8.00 -0.03 -49.19
C7 NAG O . 4.42 -3.90 -53.24
C8 NAG O . 3.64 -5.18 -53.49
N2 NAG O . 5.21 -3.92 -52.16
O3 NAG O . 8.04 -4.03 -52.13
O4 NAG O . 9.28 -2.66 -49.95
O5 NAG O . 6.13 -0.87 -50.36
O6 NAG O . 9.30 -0.36 -48.76
O7 NAG O . 4.33 -2.95 -53.99
C1 NAG P . -4.02 21.47 -60.14
C2 NAG P . -3.66 22.89 -60.63
C3 NAG P . -4.87 23.82 -60.49
C4 NAG P . -6.09 23.22 -61.17
C5 NAG P . -6.30 21.80 -60.63
C6 NAG P . -7.50 21.09 -61.21
C7 NAG P . -1.29 23.56 -60.44
C8 NAG P . -1.15 23.22 -61.90
N2 NAG P . -2.51 23.38 -59.92
O3 NAG P . -4.52 25.06 -61.06
O4 NAG P . -7.18 24.06 -60.90
O5 NAG P . -5.14 21.03 -60.88
O6 NAG P . -7.30 20.80 -62.57
O7 NAG P . -0.34 23.99 -59.80
C06 6OU Q . -16.70 37.77 12.35
C07 6OU Q . -17.88 38.50 11.72
C08 6OU Q . -18.10 39.90 12.27
C09 6OU Q . -18.43 39.91 13.76
C10 6OU Q . -18.54 41.31 14.35
C11 6OU Q . -18.69 41.32 15.87
C12 6OU Q . -18.26 42.63 16.52
C13 6OU Q . -16.83 42.99 16.13
C14 6OU Q . -16.57 44.47 15.93
C15 6OU Q . -15.24 44.69 15.21
C16 6OU Q . -14.82 46.13 15.11
O17 6OU Q . -14.31 46.66 14.16
O18 6OU Q . -15.08 46.77 16.25
C19 6OU Q . -15.66 48.06 16.19
C20 6OU Q . -15.80 48.61 17.59
C21 6OU Q . -16.67 49.85 17.71
O22 6OU Q . -17.36 50.15 16.51
P23 6OU Q . -18.19 51.57 16.46
O24 6OU Q . -19.11 51.67 17.64
O25 6OU Q . -18.74 51.81 15.09
O26 6OU Q . -16.85 52.49 16.70
C27 6OU Q . -16.14 52.88 15.54
C28 6OU Q . -14.83 53.55 15.89
N29 6OU Q . -13.95 52.69 16.63
O30 6OU Q . -14.47 48.84 18.08
C31 6OU Q . -13.89 47.92 18.84
O32 6OU Q . -14.50 47.07 19.45
C33 6OU Q . -12.40 48.08 18.84
C34 6OU Q . -11.67 47.03 19.67
C35 6OU Q . -10.20 46.91 19.26
C36 6OU Q . -9.35 46.16 20.28
C37 6OU Q . -9.83 44.73 20.53
C38 6OU Q . -9.76 43.85 19.29
C39 6OU Q . -9.87 42.35 19.62
C40 6OU Q . -10.11 41.52 18.40
C41 6OU Q . -11.22 41.44 17.68
C42 6OU Q . -11.47 40.60 16.46
C43 6OU Q . -12.48 39.49 16.73
C44 6OU Q . -12.73 38.60 15.52
C45 6OU Q . -13.73 37.49 15.78
#